data_9FG7
#
_entry.id   9FG7
#
_cell.length_a   1.00
_cell.length_b   1.00
_cell.length_c   1.00
_cell.angle_alpha   90.00
_cell.angle_beta   90.00
_cell.angle_gamma   90.00
#
_symmetry.space_group_name_H-M   'P 1'
#
loop_
_entity.id
_entity.type
_entity.pdbx_description
1 polymer 'Gamma-aminobutyric acid receptor subunit alpha-1'
2 polymer 'Gamma-aminobutyric acid receptor subunit beta-3'
3 polymer 'Gamma-aminobutyric acid receptor subunit gamma-2'
4 branched alpha-D-mannopyranose-(1-2)-alpha-D-mannopyranose-(1-2)-alpha-D-mannopyranose-(1-3)-[alpha-D-mannopyranose-(1-2)-alpha-D-mannopyranose-(1-6)-[alpha-D-mannopyranose-(1-3)]alpha-D-mannopyranose-(1-6)]beta-D-mannopyranose-(1-4)-2-acetamido-2-deoxy-beta-D-glucopyranose-(1-4)-2-acetamido-2-deoxy-beta-D-glucopyranose
5 branched 2-acetamido-2-deoxy-beta-D-glucopyranose-(1-4)-2-acetamido-2-deoxy-beta-D-glucopyranose
6 branched alpha-D-mannopyranose-(1-3)-alpha-D-mannopyranose-(1-6)-[alpha-D-mannopyranose-(1-3)]beta-D-mannopyranose-(1-4)-2-acetamido-2-deoxy-beta-D-glucopyranose-(1-4)-2-acetamido-2-deoxy-beta-D-glucopyranose
7 branched alpha-D-mannopyranose-(1-3)-[alpha-D-mannopyranose-(1-6)]beta-D-mannopyranose-(1-4)-2-acetamido-2-deoxy-beta-D-glucopyranose-(1-4)-2-acetamido-2-deoxy-beta-D-glucopyranose
8 non-polymer '[(2R)-2-octanoyloxy-3-[oxidanyl-[(1R,2R,3S,4R,5R,6S)-2,3,6-tris(oxidanyl)-4,5-diphosphonooxy-cyclohexyl]oxy-phosphoryl]oxy-propyl] octanoate'
9 non-polymer 'GAMMA-AMINO-BUTANOIC ACID'
10 non-polymer DECANE
11 non-polymer 'CHLORIDE ION'
12 water water
#
loop_
_entity_poly.entity_id
_entity_poly.type
_entity_poly.pdbx_seq_one_letter_code
_entity_poly.pdbx_strand_id
1 'polypeptide(L)'
;MKKSPGLSDYLWAWTLFLSTLTGRSYGDYKDDDDKQPSLQDELKDNTTVFTRILDRLLDGYDNRLRPGLGERVTEVKTDI
FVTSFGPVSDHDMEYTIDVFFRQSWKDERLKFKGPMTVLRLNNLMASKIWTPDTFFHNGKKSVAHNMTMPNKLLRITEDG
TLLYTMRLTVRAECPMHLEDFPMDAHACPLKFGSYAYTRAEVVYEWTREPARSVVVAEDGSRLNQYDLLGQTVDSGIVQS
STGEYVVMTTHFHLKRKIGYFVIQTYLPCIMTVILSQVSFWLNRESVPARTVFGVTTVLTMTTLSISARNSLPKVAYATA
MDWFIAVCYAFVFSALIEFATVNYFTKRGYAWDGKSVVPEKPKKVKDPLIKKNNTYAPTATSYTPNLARGDPGLATIAKS
ATIEPKEVKPETKPPEPKKTFNSVSKIDRLSRIAFPLLFGIFNLVYWATYLNREPQLKAPTPHQ
;
A,D
2 'polypeptide(L)'
;MCSGLLELLLPIWLSWTLGTRGSEPRSVNDPGNMSFVKETVDKLLKGYDIRLRPDFGGPPVCVGMNIDIASIDMVSEVNM
DYTLTMYFQQYWRDKRLAYSGIPLNLTLDNRVADQLWVPDTYFLNDKKSFVHGVTVKNRMIRLHPDGTVLYGLRITTTAA
CMMDLRRYPLDEQNCTLEIESYGYTTDDIEFYWRGGDKAVTGVERIELPQFSIVEHRLVSRNVVFATGAYPRLSLSFRLK
RNIGYFILQTYMPSILITILSWVSFWINYDASAARVALGITTVLTMTTINTHLRETLPKIPYVKAIDMYLMGCFVFVFLA
LLEYAFVNYIFFGRGPQRQKKLAEKTAKAKNDRSKSESNRVDAHGNILLTSLEVHNEMNEVSGGIGDTRNSAISFDNSGI
QYRKQSMPREGHGRFLGDRSLPHKKTHLRRRSSQLKIKIPDLTDVNAIDRWSRIVFPFTFSLFNLVYWLYYVN
;
B,E
3 'polypeptide(L)'
;MSSPNIWSTGSSVYSTPVFSQKMTVWILLLLSLYPGFTSQKSDDDYEDYASNKTWVLTPKVPEGDVTVILNNLLEGYDNK
LRPDIGVKPTLIHTDMYVNSIGPVNAINMEYTIDIFFAQTWYDRRLKFNSTIKVLRLNSNMVGKIWIPDTFFRNSKKADA
HWITTPNRMLRIWNDGRVLYTLRLTIDAECQLQLHNFPMDEHSCPLEFSSYGYPREEIVYQWKRSSVEVGDTRSWRLYQF
SFVGLRNTTEVVKTTSGDYVVMSVYFDLSRRMGYFTIQTYIPCTLIVVLSWVSFWINKDAVPARTSLGITTVLTMTTLST
IARKSLPKVSYVTAMDLFVSVCFIFVFSALVEYGTLHYFVSNRKPSKDKDKKKKNPLLRMFSFKAPTIDIRPRSATIQMN
NATHLQERDEEYGYECLDGKDCASFFCCFEDCRTGAWRHGRIHIRIAKMDSYARIFFPTAFCLFNLVYWVSYLYLGGSGG
SGGSGKTETSQVAPA
;
C
#
loop_
_chem_comp.id
_chem_comp.type
_chem_comp.name
_chem_comp.formula
ABU non-polymer 'GAMMA-AMINO-BUTANOIC ACID' 'C4 H9 N O2'
BMA D-saccharide, beta linking beta-D-mannopyranose 'C6 H12 O6'
CL non-polymer 'CHLORIDE ION' 'Cl -1'
D10 non-polymer DECANE 'C10 H22'
MAN D-saccharide, alpha linking alpha-D-mannopyranose 'C6 H12 O6'
NAG D-saccharide, beta linking 2-acetamido-2-deoxy-beta-D-glucopyranose 'C8 H15 N O6'
PIO non-polymer '[(2R)-2-octanoyloxy-3-[oxidanyl-[(1R,2R,3S,4R,5R,6S)-2,3,6-tris(oxidanyl)-4,5-diphosphonooxy-cyclohexyl]oxy-phosphoryl]oxy-propyl] octanoate' 'C25 H49 O19 P3'
#
# COMPACT_ATOMS: atom_id res chain seq x y z
N THR A 47 53.90 -1.74 6.34
CA THR A 47 52.87 -1.54 7.35
C THR A 47 53.09 -0.22 8.09
N THR A 48 54.28 -0.06 8.66
CA THR A 48 54.59 1.18 9.38
C THR A 48 54.59 2.38 8.47
N VAL A 49 55.15 2.24 7.25
CA VAL A 49 55.19 3.34 6.31
C VAL A 49 53.77 3.77 5.93
N PHE A 50 52.90 2.80 5.66
CA PHE A 50 51.52 3.13 5.35
C PHE A 50 50.80 3.73 6.55
N THR A 51 51.09 3.22 7.75
CA THR A 51 50.45 3.74 8.96
C THR A 51 50.87 5.18 9.23
N ARG A 52 52.15 5.49 9.07
CA ARG A 52 52.61 6.86 9.27
C ARG A 52 51.98 7.81 8.27
N ILE A 53 51.80 7.36 7.03
CA ILE A 53 51.19 8.22 6.01
C ILE A 53 49.74 8.51 6.38
N LEU A 54 49.02 7.52 6.87
CA LEU A 54 47.62 7.73 7.26
C LEU A 54 47.50 8.75 8.38
N ASP A 55 48.41 8.68 9.37
CA ASP A 55 48.37 9.61 10.48
C ASP A 55 48.83 11.00 10.07
N ARG A 56 49.80 11.10 9.16
CA ARG A 56 50.31 12.39 8.75
C ARG A 56 49.35 13.13 7.84
N LEU A 57 48.48 12.40 7.13
CA LEU A 57 47.61 13.04 6.15
C LEU A 57 46.66 14.04 6.80
N LEU A 58 46.05 13.67 7.92
CA LEU A 58 45.06 14.50 8.57
C LEU A 58 45.66 15.48 9.56
N ASP A 59 46.98 15.54 9.66
CA ASP A 59 47.65 16.41 10.62
C ASP A 59 47.54 17.85 10.16
N GLY A 60 46.76 18.65 10.89
CA GLY A 60 46.52 20.02 10.48
C GLY A 60 45.55 20.19 9.34
N TYR A 61 44.67 19.21 9.12
CA TYR A 61 43.70 19.23 8.04
C TYR A 61 42.35 19.66 8.58
N ASP A 62 41.70 20.59 7.90
CA ASP A 62 40.39 21.09 8.29
C ASP A 62 39.38 20.68 7.21
N ASN A 63 38.52 19.72 7.55
CA ASN A 63 37.54 19.23 6.59
C ASN A 63 36.39 20.21 6.37
N ARG A 64 36.33 21.28 7.15
CA ARG A 64 35.31 22.30 6.96
C ARG A 64 35.63 23.26 5.81
N LEU A 65 36.82 23.18 5.24
CA LEU A 65 37.25 24.07 4.17
C LEU A 65 37.44 23.27 2.89
N ARG A 66 36.84 23.73 1.80
CA ARG A 66 37.01 23.07 0.52
C ARG A 66 38.44 23.29 0.02
N PRO A 67 38.96 22.38 -0.80
CA PRO A 67 40.31 22.57 -1.35
C PRO A 67 40.39 23.84 -2.17
N GLY A 68 41.45 24.61 -1.95
CA GLY A 68 41.62 25.86 -2.66
C GLY A 68 40.66 26.95 -2.26
N LEU A 69 40.13 26.92 -1.05
CA LEU A 69 39.17 27.91 -0.61
C LEU A 69 39.81 29.29 -0.56
N GLY A 70 39.21 30.25 -1.26
CA GLY A 70 39.74 31.59 -1.32
C GLY A 70 40.85 31.79 -2.32
N GLU A 71 41.28 30.74 -3.02
CA GLU A 71 42.33 30.84 -4.02
C GLU A 71 41.84 30.49 -5.42
N ARG A 72 41.24 29.32 -5.58
CA ARG A 72 40.79 28.87 -6.89
C ARG A 72 39.43 28.22 -6.74
N VAL A 73 38.95 27.60 -7.81
CA VAL A 73 37.67 26.90 -7.84
C VAL A 73 37.94 25.42 -7.67
N THR A 74 37.22 24.78 -6.75
CA THR A 74 37.28 23.33 -6.62
C THR A 74 36.56 22.71 -7.81
N GLU A 75 37.29 21.97 -8.62
CA GLU A 75 36.74 21.34 -9.82
CA GLU A 75 36.74 21.34 -9.82
C GLU A 75 36.56 19.85 -9.57
N VAL A 76 35.36 19.35 -9.83
CA VAL A 76 35.01 17.96 -9.59
C VAL A 76 34.72 17.29 -10.92
N LYS A 77 35.44 16.21 -11.20
CA LYS A 77 35.15 15.37 -12.35
C LYS A 77 34.15 14.30 -11.93
N THR A 78 33.08 14.15 -12.70
CA THR A 78 32.01 13.25 -12.35
C THR A 78 31.68 12.32 -13.51
N ASP A 79 31.46 11.05 -13.20
CA ASP A 79 30.90 10.12 -14.17
C ASP A 79 30.00 9.13 -13.42
N ILE A 80 29.00 8.62 -14.12
CA ILE A 80 27.98 7.78 -13.52
C ILE A 80 27.94 6.46 -14.27
N PHE A 81 27.92 5.37 -13.52
CA PHE A 81 27.66 4.04 -14.06
C PHE A 81 26.30 3.57 -13.56
N VAL A 82 25.38 3.31 -14.49
CA VAL A 82 24.03 2.91 -14.14
C VAL A 82 23.97 1.39 -14.16
N THR A 83 23.93 0.78 -12.97
CA THR A 83 23.84 -0.68 -12.91
C THR A 83 22.44 -1.18 -13.22
N SER A 84 21.42 -0.37 -12.96
CA SER A 84 20.05 -0.74 -13.30
C SER A 84 19.20 0.52 -13.31
N PHE A 85 18.55 0.79 -14.45
CA PHE A 85 17.58 1.86 -14.54
C PHE A 85 16.25 1.29 -14.06
N GLY A 86 15.97 1.49 -12.78
CA GLY A 86 14.90 0.79 -12.10
C GLY A 86 13.52 1.20 -12.58
N PRO A 87 12.50 0.81 -11.81
CA PRO A 87 11.13 1.00 -12.26
C PRO A 87 10.75 2.45 -12.39
N VAL A 88 9.88 2.73 -13.35
CA VAL A 88 9.29 4.05 -13.56
C VAL A 88 7.84 3.98 -13.14
N SER A 89 7.44 4.90 -12.26
CA SER A 89 6.07 4.94 -11.74
C SER A 89 5.36 6.15 -12.34
N ASP A 90 4.37 5.89 -13.20
CA ASP A 90 3.57 6.97 -13.76
C ASP A 90 2.63 7.56 -12.73
N HIS A 91 2.19 6.75 -11.76
CA HIS A 91 1.30 7.27 -10.73
C HIS A 91 1.99 8.29 -9.85
N ASP A 92 3.24 8.02 -9.46
CA ASP A 92 4.01 8.96 -8.66
C ASP A 92 4.88 9.88 -9.49
N MET A 93 4.95 9.68 -10.80
CA MET A 93 5.79 10.47 -11.70
C MET A 93 7.23 10.48 -11.19
N GLU A 94 7.78 9.28 -11.04
CA GLU A 94 9.13 9.13 -10.52
C GLU A 94 9.75 7.87 -11.10
N TYR A 95 11.08 7.83 -11.07
CA TYR A 95 11.83 6.66 -11.50
C TYR A 95 12.95 6.40 -10.51
N THR A 96 13.31 5.13 -10.38
CA THR A 96 14.40 4.70 -9.53
C THR A 96 15.60 4.34 -10.40
N ILE A 97 16.79 4.70 -9.94
CA ILE A 97 18.02 4.40 -10.65
C ILE A 97 19.08 3.97 -9.65
N ASP A 98 19.83 2.94 -9.99
CA ASP A 98 20.93 2.43 -9.17
C ASP A 98 22.24 2.76 -9.87
N VAL A 99 23.11 3.51 -9.21
CA VAL A 99 24.30 4.04 -9.85
C VAL A 99 25.53 3.81 -8.99
N PHE A 100 26.68 3.84 -9.64
CA PHE A 100 27.97 4.08 -9.00
C PHE A 100 28.33 5.53 -9.31
N PHE A 101 28.22 6.40 -8.31
CA PHE A 101 28.46 7.82 -8.50
C PHE A 101 29.92 8.11 -8.19
N ARG A 102 30.69 8.41 -9.23
CA ARG A 102 32.13 8.62 -9.10
C ARG A 102 32.45 10.09 -9.21
N GLN A 103 33.19 10.62 -8.23
CA GLN A 103 33.62 12.01 -8.21
C GLN A 103 35.12 12.06 -7.99
N SER A 104 35.78 12.98 -8.67
CA SER A 104 37.22 13.14 -8.54
C SER A 104 37.55 14.63 -8.47
N TRP A 105 38.46 14.98 -7.56
CA TRP A 105 38.89 16.36 -7.42
C TRP A 105 40.31 16.36 -6.86
N LYS A 106 40.92 17.54 -6.87
CA LYS A 106 42.29 17.73 -6.39
C LYS A 106 42.26 18.39 -5.02
N ASP A 107 43.02 17.81 -4.08
CA ASP A 107 43.19 18.37 -2.74
C ASP A 107 44.67 18.34 -2.43
N GLU A 108 45.33 19.50 -2.52
CA GLU A 108 46.77 19.55 -2.31
C GLU A 108 47.17 19.29 -0.86
N ARG A 109 46.23 19.39 0.08
CA ARG A 109 46.54 19.08 1.47
C ARG A 109 46.76 17.60 1.71
N LEU A 110 46.37 16.74 0.76
CA LEU A 110 46.44 15.29 0.94
C LEU A 110 47.56 14.65 0.13
N LYS A 111 48.55 15.44 -0.30
CA LYS A 111 49.69 14.87 -0.98
C LYS A 111 50.53 14.05 -0.01
N PHE A 112 51.12 12.96 -0.51
CA PHE A 112 51.97 12.12 0.29
C PHE A 112 53.09 11.57 -0.58
N LYS A 113 54.16 11.12 0.07
CA LYS A 113 55.30 10.52 -0.61
C LYS A 113 55.62 9.20 0.06
N GLY A 114 55.73 8.14 -0.74
CA GLY A 114 56.03 6.82 -0.23
C GLY A 114 56.08 5.78 -1.33
N PRO A 115 56.34 4.53 -0.96
CA PRO A 115 56.37 3.46 -1.96
C PRO A 115 55.06 3.29 -2.70
N MET A 116 53.94 3.46 -2.00
CA MET A 116 52.63 3.35 -2.63
C MET A 116 52.32 4.59 -3.47
N THR A 117 51.59 4.37 -4.55
CA THR A 117 51.15 5.47 -5.39
C THR A 117 49.69 5.84 -5.15
N VAL A 118 48.87 4.91 -4.71
CA VAL A 118 47.46 5.15 -4.41
C VAL A 118 47.15 4.59 -3.04
N LEU A 119 46.45 5.36 -2.22
CA LEU A 119 45.96 4.89 -0.92
C LEU A 119 44.51 4.47 -1.11
N ARG A 120 44.29 3.16 -1.23
CA ARG A 120 42.94 2.62 -1.40
C ARG A 120 42.28 2.60 -0.03
N LEU A 121 41.66 3.72 0.33
CA LEU A 121 41.07 3.91 1.64
C LEU A 121 39.57 3.65 1.62
N ASN A 122 39.00 3.63 2.82
CA ASN A 122 37.60 3.28 3.04
C ASN A 122 36.79 4.54 3.28
N ASN A 123 35.51 4.36 3.66
CA ASN A 123 34.71 5.49 4.10
C ASN A 123 35.15 6.01 5.45
N LEU A 124 35.88 5.21 6.23
CA LEU A 124 36.34 5.66 7.54
C LEU A 124 37.25 6.87 7.41
N MET A 125 38.15 6.86 6.43
CA MET A 125 38.96 8.04 6.14
C MET A 125 38.17 9.10 5.37
N ALA A 126 37.24 8.68 4.51
CA ALA A 126 36.52 9.63 3.66
C ALA A 126 35.66 10.58 4.46
N SER A 127 35.13 10.13 5.60
CA SER A 127 34.35 11.01 6.46
C SER A 127 35.20 12.02 7.21
N LYS A 128 36.52 11.83 7.22
CA LYS A 128 37.42 12.75 7.92
C LYS A 128 37.90 13.89 7.05
N ILE A 129 37.74 13.80 5.73
CA ILE A 129 38.24 14.80 4.81
C ILE A 129 37.06 15.52 4.17
N TRP A 130 37.38 16.57 3.41
CA TRP A 130 36.37 17.29 2.66
C TRP A 130 35.96 16.50 1.43
N THR A 131 34.66 16.37 1.22
CA THR A 131 34.11 15.79 0.01
C THR A 131 33.03 16.72 -0.51
N PRO A 132 32.76 16.70 -1.82
CA PRO A 132 31.71 17.57 -2.37
C PRO A 132 30.35 17.25 -1.78
N ASP A 133 29.53 18.28 -1.59
CA ASP A 133 28.17 18.12 -1.08
C ASP A 133 27.18 17.97 -2.24
N THR A 134 27.39 16.91 -3.01
CA THR A 134 26.60 16.67 -4.21
C THR A 134 25.23 16.11 -3.85
N PHE A 135 24.18 16.74 -4.40
CA PHE A 135 22.82 16.28 -4.20
C PHE A 135 22.10 16.29 -5.53
N PHE A 136 21.01 15.55 -5.60
CA PHE A 136 20.21 15.43 -6.82
C PHE A 136 19.05 16.40 -6.76
N HIS A 137 19.00 17.33 -7.71
CA HIS A 137 18.06 18.43 -7.65
C HIS A 137 16.61 17.93 -7.71
N ASN A 138 16.34 17.00 -8.61
CA ASN A 138 15.01 16.39 -8.69
C ASN A 138 14.92 15.13 -7.86
N GLY A 139 15.90 14.88 -7.00
CA GLY A 139 15.90 13.66 -6.22
C GLY A 139 14.79 13.66 -5.17
N LYS A 140 14.33 12.46 -4.86
CA LYS A 140 13.41 12.16 -3.77
C LYS A 140 14.18 11.25 -2.81
N LYS A 141 13.45 10.60 -1.90
CA LYS A 141 14.10 9.70 -0.94
C LYS A 141 15.11 8.80 -1.64
N SER A 142 16.38 8.95 -1.30
CA SER A 142 17.46 8.22 -1.92
C SER A 142 18.24 7.46 -0.84
N VAL A 143 18.97 6.44 -1.27
CA VAL A 143 19.69 5.55 -0.37
C VAL A 143 21.15 5.55 -0.75
N ALA A 144 22.01 5.81 0.23
CA ALA A 144 23.44 5.54 0.11
C ALA A 144 23.68 4.24 0.87
N HIS A 145 23.87 3.15 0.12
CA HIS A 145 23.88 1.83 0.72
C HIS A 145 25.07 1.65 1.64
N ASN A 146 24.85 0.93 2.74
CA ASN A 146 25.91 0.62 3.68
C ASN A 146 25.78 -0.83 4.17
N MET A 147 25.39 -1.73 3.28
CA MET A 147 25.37 -3.16 3.56
C MET A 147 26.47 -3.82 2.74
N THR A 148 27.36 -4.55 3.41
CA THR A 148 27.34 -4.72 4.85
C THR A 148 28.16 -3.63 5.54
N MET A 149 28.89 -2.88 4.74
CA MET A 149 29.68 -1.73 5.15
C MET A 149 29.34 -0.60 4.20
N PRO A 150 29.62 0.66 4.60
CA PRO A 150 29.35 1.78 3.69
C PRO A 150 29.91 1.56 2.30
N ASN A 151 29.02 1.47 1.31
CA ASN A 151 29.45 1.19 -0.05
C ASN A 151 30.11 2.43 -0.65
N LYS A 152 31.28 2.77 -0.14
CA LYS A 152 32.05 3.91 -0.60
C LYS A 152 33.52 3.53 -0.66
N LEU A 153 34.23 4.09 -1.62
CA LEU A 153 35.67 3.92 -1.70
C LEU A 153 36.31 5.28 -1.92
N LEU A 154 37.44 5.52 -1.26
CA LEU A 154 38.20 6.73 -1.44
C LEU A 154 39.64 6.33 -1.78
N ARG A 155 40.15 6.86 -2.88
CA ARG A 155 41.51 6.58 -3.31
C ARG A 155 42.26 7.91 -3.48
N ILE A 156 43.44 7.99 -2.88
CA ILE A 156 44.26 9.18 -2.91
C ILE A 156 45.55 8.83 -3.64
N THR A 157 45.84 9.56 -4.71
CA THR A 157 47.14 9.44 -5.36
C THR A 157 48.14 10.36 -4.69
N GLU A 158 49.42 10.13 -4.96
CA GLU A 158 50.47 10.87 -4.28
C GLU A 158 50.45 12.35 -4.59
N ASP A 159 49.85 12.76 -5.71
CA ASP A 159 49.79 14.17 -6.06
C ASP A 159 48.59 14.89 -5.47
N GLY A 160 47.73 14.18 -4.74
CA GLY A 160 46.58 14.79 -4.11
C GLY A 160 45.26 14.58 -4.83
N THR A 161 45.24 13.81 -5.91
CA THR A 161 44.00 13.54 -6.62
C THR A 161 43.18 12.52 -5.85
N LEU A 162 41.90 12.79 -5.67
CA LEU A 162 40.99 11.94 -4.92
C LEU A 162 40.00 11.30 -5.86
N LEU A 163 39.77 10.01 -5.71
CA LEU A 163 38.70 9.30 -6.39
C LEU A 163 37.72 8.83 -5.33
N TYR A 164 36.46 9.23 -5.46
CA TYR A 164 35.45 9.01 -4.43
C TYR A 164 34.19 8.50 -5.10
N THR A 165 33.97 7.19 -5.03
CA THR A 165 32.80 6.58 -5.61
C THR A 165 31.91 6.01 -4.52
N MET A 166 30.60 5.98 -4.79
CA MET A 166 29.64 5.43 -3.85
C MET A 166 28.51 4.80 -4.64
N ARG A 167 27.84 3.84 -4.02
CA ARG A 167 26.70 3.16 -4.64
C ARG A 167 25.42 3.76 -4.10
N LEU A 168 24.57 4.26 -5.00
CA LEU A 168 23.36 4.97 -4.63
C LEU A 168 22.17 4.34 -5.33
N THR A 169 21.01 4.43 -4.66
CA THR A 169 19.72 4.15 -5.27
C THR A 169 18.93 5.46 -5.22
N VAL A 170 18.87 6.16 -6.34
CA VAL A 170 18.27 7.48 -6.39
C VAL A 170 16.87 7.35 -6.95
N ARG A 171 15.87 7.74 -6.17
CA ARG A 171 14.51 7.90 -6.66
C ARG A 171 14.30 9.38 -7.01
N ALA A 172 13.96 9.65 -8.26
CA ALA A 172 13.97 11.01 -8.78
C ALA A 172 12.63 11.35 -9.41
N GLU A 173 12.26 12.62 -9.32
CA GLU A 173 11.04 13.09 -9.96
C GLU A 173 11.18 13.09 -11.47
N CYS A 174 10.12 12.67 -12.15
CA CYS A 174 10.05 12.72 -13.60
C CYS A 174 8.69 13.26 -14.00
N PRO A 175 8.60 14.57 -14.25
CA PRO A 175 7.32 15.14 -14.69
C PRO A 175 6.87 14.50 -16.00
N MET A 176 5.57 14.24 -16.09
CA MET A 176 5.00 13.54 -17.23
C MET A 176 3.77 14.27 -17.74
N HIS A 177 3.69 14.38 -19.06
CA HIS A 177 2.52 14.93 -19.74
C HIS A 177 1.83 13.77 -20.43
N LEU A 178 0.81 13.23 -19.77
CA LEU A 178 0.16 12.00 -20.21
C LEU A 178 -1.02 12.25 -21.15
N GLU A 179 -1.04 13.39 -21.84
CA GLU A 179 -2.13 13.65 -22.78
C GLU A 179 -2.12 12.68 -23.94
N ASP A 180 -0.98 12.07 -24.24
CA ASP A 180 -0.87 11.09 -25.31
C ASP A 180 -0.89 9.66 -24.79
N PHE A 181 -1.25 9.45 -23.53
CA PHE A 181 -1.25 8.11 -22.96
C PHE A 181 -2.22 7.22 -23.74
N PRO A 182 -1.83 5.99 -24.08
CA PRO A 182 -0.56 5.33 -23.78
C PRO A 182 0.48 5.43 -24.88
N MET A 183 0.40 6.43 -25.76
CA MET A 183 1.38 6.64 -26.82
C MET A 183 2.31 7.79 -26.49
N ASP A 184 2.69 7.91 -25.24
CA ASP A 184 3.49 9.03 -24.75
C ASP A 184 4.97 8.66 -24.67
N ALA A 185 5.82 9.67 -24.83
CA ALA A 185 7.26 9.52 -24.69
C ALA A 185 7.75 10.55 -23.68
N HIS A 186 8.67 10.15 -22.82
CA HIS A 186 9.14 10.99 -21.74
C HIS A 186 10.66 11.05 -21.73
N ALA A 187 11.18 12.14 -21.17
CA ALA A 187 12.61 12.33 -20.96
C ALA A 187 12.79 12.58 -19.46
N CYS A 188 13.01 11.50 -18.72
CA CYS A 188 13.17 11.63 -17.27
C CYS A 188 14.54 12.21 -16.95
N PRO A 189 14.61 13.32 -16.23
CA PRO A 189 15.90 13.98 -15.97
C PRO A 189 16.59 13.44 -14.73
N LEU A 190 17.89 13.73 -14.65
CA LEU A 190 18.68 13.46 -13.46
C LEU A 190 19.66 14.63 -13.31
N LYS A 191 19.32 15.57 -12.43
CA LYS A 191 20.11 16.78 -12.24
C LYS A 191 20.79 16.71 -10.88
N PHE A 192 22.08 17.04 -10.86
CA PHE A 192 22.81 17.05 -9.60
C PHE A 192 23.84 18.18 -9.61
N GLY A 193 24.30 18.52 -8.42
CA GLY A 193 25.28 19.57 -8.27
C GLY A 193 25.56 19.82 -6.81
N SER A 194 26.36 20.84 -6.54
CA SER A 194 26.65 21.21 -5.17
C SER A 194 25.42 21.79 -4.50
N TYR A 195 25.30 21.55 -3.19
CA TYR A 195 24.17 22.10 -2.46
C TYR A 195 24.45 23.48 -1.91
N ALA A 196 25.68 23.72 -1.46
CA ALA A 196 26.02 24.97 -0.78
C ALA A 196 27.06 25.82 -1.50
N TYR A 197 27.83 25.24 -2.42
CA TYR A 197 28.93 25.96 -3.05
C TYR A 197 28.48 26.49 -4.40
N THR A 198 28.55 27.80 -4.56
CA THR A 198 28.20 28.44 -5.83
C THR A 198 29.25 28.09 -6.89
N ARG A 199 28.93 28.44 -8.13
CA ARG A 199 29.81 28.12 -9.24
C ARG A 199 31.13 28.88 -9.17
N ALA A 200 31.24 29.90 -8.34
CA ALA A 200 32.52 30.54 -8.09
C ALA A 200 33.38 29.78 -7.11
N GLU A 201 32.84 28.72 -6.49
CA GLU A 201 33.56 27.91 -5.53
C GLU A 201 33.75 26.47 -6.00
N VAL A 202 32.68 25.81 -6.43
CA VAL A 202 32.73 24.45 -6.90
C VAL A 202 32.06 24.37 -8.27
N VAL A 203 32.77 23.81 -9.24
CA VAL A 203 32.21 23.50 -10.55
C VAL A 203 32.29 21.99 -10.75
N TYR A 204 31.45 21.50 -11.66
CA TYR A 204 31.42 20.09 -12.01
C TYR A 204 31.71 19.93 -13.49
N GLU A 205 32.50 18.91 -13.81
CA GLU A 205 32.75 18.52 -15.19
C GLU A 205 32.57 17.00 -15.30
N TRP A 206 32.24 16.56 -16.50
CA TRP A 206 32.20 15.14 -16.77
C TRP A 206 33.62 14.61 -16.96
N THR A 207 33.84 13.37 -16.51
CA THR A 207 35.18 12.79 -16.57
C THR A 207 35.67 12.65 -18.00
N ARG A 208 34.76 12.28 -18.91
CA ARG A 208 35.07 12.11 -20.33
C ARG A 208 34.10 12.97 -21.14
N GLU A 209 34.03 12.72 -22.43
CA GLU A 209 33.00 13.37 -23.24
C GLU A 209 31.63 13.07 -22.63
N PRO A 210 30.73 14.06 -22.55
CA PRO A 210 29.50 13.87 -21.78
C PRO A 210 28.69 12.65 -22.18
N ALA A 211 28.70 12.29 -23.46
CA ALA A 211 27.96 11.12 -23.90
C ALA A 211 28.49 9.85 -23.23
N ARG A 212 29.80 9.73 -23.10
CA ARG A 212 30.42 8.54 -22.52
C ARG A 212 30.61 8.63 -21.02
N SER A 213 30.23 9.74 -20.39
CA SER A 213 30.38 9.88 -18.95
C SER A 213 29.24 9.26 -18.17
N VAL A 214 28.13 8.92 -18.81
CA VAL A 214 27.05 8.16 -18.19
C VAL A 214 26.92 6.85 -18.94
N VAL A 215 27.12 5.75 -18.24
CA VAL A 215 27.14 4.42 -18.84
C VAL A 215 26.07 3.59 -18.17
N VAL A 216 25.25 2.93 -18.99
CA VAL A 216 24.22 2.01 -18.50
C VAL A 216 24.70 0.60 -18.75
N ALA A 217 24.57 -0.27 -17.76
CA ALA A 217 24.94 -1.66 -17.93
C ALA A 217 24.08 -2.31 -18.99
N GLU A 218 24.64 -3.31 -19.66
CA GLU A 218 23.94 -3.96 -20.77
C GLU A 218 22.65 -4.63 -20.29
N ASP A 219 22.64 -5.15 -19.06
CA ASP A 219 21.46 -5.76 -18.48
C ASP A 219 20.79 -4.87 -17.45
N GLY A 220 21.05 -3.56 -17.49
CA GLY A 220 20.58 -2.67 -16.46
C GLY A 220 19.33 -1.90 -16.80
N SER A 221 18.39 -2.54 -17.49
CA SER A 221 17.11 -1.95 -17.83
C SER A 221 16.01 -2.77 -17.16
N ARG A 222 15.43 -2.22 -16.09
CA ARG A 222 14.40 -2.91 -15.32
C ARG A 222 13.01 -2.36 -15.61
N LEU A 223 12.74 -2.01 -16.86
CA LEU A 223 11.49 -1.37 -17.25
C LEU A 223 10.53 -2.40 -17.81
N ASN A 224 9.30 -2.40 -17.30
CA ASN A 224 8.26 -3.27 -17.83
C ASN A 224 7.43 -2.59 -18.91
N GLN A 225 7.12 -1.31 -18.72
CA GLN A 225 6.21 -0.60 -19.59
C GLN A 225 6.90 0.39 -20.52
N TYR A 226 8.21 0.54 -20.42
CA TYR A 226 8.94 1.53 -21.18
C TYR A 226 10.11 0.89 -21.92
N ASP A 227 10.54 1.57 -22.97
CA ASP A 227 11.78 1.25 -23.66
C ASP A 227 12.74 2.40 -23.44
N LEU A 228 13.93 2.11 -22.92
CA LEU A 228 14.96 3.12 -22.72
C LEU A 228 15.66 3.37 -24.06
N LEU A 229 15.41 4.53 -24.66
CA LEU A 229 15.91 4.85 -25.98
C LEU A 229 17.30 5.45 -25.96
N GLY A 230 17.89 5.67 -24.78
CA GLY A 230 19.17 6.33 -24.66
C GLY A 230 19.09 7.52 -23.73
N GLN A 231 20.24 8.15 -23.52
CA GLN A 231 20.35 9.25 -22.59
C GLN A 231 21.05 10.42 -23.23
N THR A 232 20.62 11.63 -22.86
CA THR A 232 21.25 12.87 -23.27
C THR A 232 21.91 13.51 -22.05
N VAL A 233 23.17 13.87 -22.21
CA VAL A 233 23.99 14.37 -21.11
C VAL A 233 24.40 15.80 -21.41
N ASP A 234 24.24 16.70 -20.43
CA ASP A 234 24.58 18.09 -20.62
C ASP A 234 24.94 18.71 -19.28
N SER A 235 25.53 19.90 -19.34
CA SER A 235 25.90 20.66 -18.16
C SER A 235 25.36 22.07 -18.29
N GLY A 236 25.03 22.69 -17.16
CA GLY A 236 24.42 23.99 -17.20
C GLY A 236 24.63 24.77 -15.91
N ILE A 237 23.91 25.88 -15.82
CA ILE A 237 23.95 26.77 -14.67
C ILE A 237 22.52 27.04 -14.21
N VAL A 238 22.29 27.01 -12.91
CA VAL A 238 21.00 27.36 -12.35
C VAL A 238 21.19 28.52 -11.39
N GLN A 239 20.15 29.32 -11.25
CA GLN A 239 20.14 30.48 -10.37
CA GLN A 239 20.15 30.47 -10.37
C GLN A 239 19.10 30.28 -9.28
N SER A 240 19.50 30.51 -8.04
CA SER A 240 18.62 30.38 -6.89
C SER A 240 18.66 31.67 -6.09
N SER A 241 17.94 31.67 -4.97
CA SER A 241 18.02 32.79 -4.05
C SER A 241 19.38 32.89 -3.39
N THR A 242 20.13 31.79 -3.34
CA THR A 242 21.42 31.75 -2.68
C THR A 242 22.61 31.93 -3.62
N GLY A 243 22.38 31.99 -4.92
CA GLY A 243 23.44 32.25 -5.87
C GLY A 243 23.30 31.39 -7.10
N GLU A 244 24.38 31.31 -7.87
CA GLU A 244 24.44 30.53 -9.10
C GLU A 244 25.13 29.20 -8.83
N TYR A 245 24.58 28.13 -9.38
CA TYR A 245 25.12 26.79 -9.15
C TYR A 245 25.24 26.04 -10.46
N VAL A 246 26.25 25.18 -10.53
CA VAL A 246 26.45 24.31 -11.69
C VAL A 246 25.54 23.10 -11.56
N VAL A 247 24.82 22.77 -12.63
CA VAL A 247 23.94 21.61 -12.69
C VAL A 247 24.45 20.69 -13.77
N MET A 248 24.55 19.39 -13.44
CA MET A 248 24.88 18.36 -14.41
C MET A 248 23.62 17.55 -14.66
N THR A 249 23.22 17.46 -15.91
CA THR A 249 21.92 16.91 -16.28
C THR A 249 22.09 15.68 -17.16
N THR A 250 21.30 14.65 -16.86
CA THR A 250 21.17 13.48 -17.72
C THR A 250 19.69 13.25 -17.98
N HIS A 251 19.32 13.13 -19.25
CA HIS A 251 17.93 12.91 -19.63
C HIS A 251 17.82 11.51 -20.22
N PHE A 252 17.16 10.63 -19.49
CA PHE A 252 16.87 9.28 -19.98
C PHE A 252 15.57 9.30 -20.75
N HIS A 253 15.62 8.84 -22.00
CA HIS A 253 14.48 8.89 -22.89
C HIS A 253 13.72 7.57 -22.84
N LEU A 254 12.41 7.66 -22.60
CA LEU A 254 11.56 6.49 -22.47
C LEU A 254 10.41 6.60 -23.45
N LYS A 255 10.00 5.46 -24.00
CA LYS A 255 8.81 5.38 -24.84
C LYS A 255 7.94 4.24 -24.32
N ARG A 256 6.69 4.55 -24.00
CA ARG A 256 5.79 3.54 -23.46
C ARG A 256 5.48 2.50 -24.53
N LYS A 257 5.45 1.23 -24.11
CA LYS A 257 5.09 0.15 -25.01
C LYS A 257 3.57 0.00 -25.04
N ILE A 258 3.02 -0.07 -26.25
CA ILE A 258 1.57 0.03 -26.44
C ILE A 258 0.89 -1.33 -26.60
N GLY A 259 1.65 -2.41 -26.74
CA GLY A 259 1.05 -3.70 -27.09
C GLY A 259 0.04 -4.18 -26.07
N TYR A 260 0.30 -3.91 -24.79
CA TYR A 260 -0.63 -4.34 -23.74
C TYR A 260 -1.96 -3.62 -23.85
N PHE A 261 -1.93 -2.30 -24.07
CA PHE A 261 -3.16 -1.53 -24.14
C PHE A 261 -3.97 -1.87 -25.38
N VAL A 262 -3.30 -2.31 -26.44
CA VAL A 262 -4.03 -2.77 -27.62
C VAL A 262 -4.83 -4.02 -27.30
N ILE A 263 -4.22 -4.98 -26.60
CA ILE A 263 -4.88 -6.26 -26.36
C ILE A 263 -5.80 -6.22 -25.15
N GLN A 264 -5.60 -5.29 -24.22
CA GLN A 264 -6.43 -5.20 -23.03
C GLN A 264 -7.57 -4.21 -23.17
N THR A 265 -7.34 -3.08 -23.85
CA THR A 265 -8.36 -2.04 -23.94
C THR A 265 -8.81 -1.78 -25.37
N TYR A 266 -7.89 -1.54 -26.30
CA TYR A 266 -8.28 -1.06 -27.61
C TYR A 266 -9.03 -2.12 -28.41
N LEU A 267 -8.50 -3.34 -28.48
CA LEU A 267 -9.19 -4.40 -29.20
C LEU A 267 -10.53 -4.78 -28.56
N PRO A 268 -10.63 -5.01 -27.25
CA PRO A 268 -11.96 -5.29 -26.68
C PRO A 268 -12.95 -4.17 -26.87
N CYS A 269 -12.51 -2.91 -26.83
CA CYS A 269 -13.43 -1.81 -27.07
C CYS A 269 -13.86 -1.74 -28.54
N ILE A 270 -12.93 -2.01 -29.46
CA ILE A 270 -13.28 -2.02 -30.87
C ILE A 270 -14.30 -3.12 -31.17
N MET A 271 -14.07 -4.31 -30.62
CA MET A 271 -14.98 -5.42 -30.89
C MET A 271 -16.34 -5.21 -30.24
N THR A 272 -16.39 -4.51 -29.10
CA THR A 272 -17.67 -4.19 -28.49
C THR A 272 -18.47 -3.23 -29.35
N VAL A 273 -17.80 -2.26 -29.97
CA VAL A 273 -18.48 -1.36 -30.89
C VAL A 273 -18.97 -2.13 -32.12
N ILE A 274 -18.18 -3.08 -32.60
CA ILE A 274 -18.60 -3.90 -33.73
C ILE A 274 -19.84 -4.71 -33.37
N LEU A 275 -19.87 -5.27 -32.17
CA LEU A 275 -21.06 -6.01 -31.73
C LEU A 275 -22.29 -5.12 -31.70
N SER A 276 -22.15 -3.89 -31.21
CA SER A 276 -23.28 -2.98 -31.18
C SER A 276 -23.77 -2.67 -32.59
N GLN A 277 -22.85 -2.49 -33.53
CA GLN A 277 -23.25 -2.17 -34.90
C GLN A 277 -23.67 -3.42 -35.66
N VAL A 278 -23.38 -4.61 -35.14
CA VAL A 278 -23.78 -5.83 -35.83
C VAL A 278 -25.25 -6.11 -35.56
N SER A 279 -25.83 -5.45 -34.56
CA SER A 279 -27.26 -5.64 -34.29
C SER A 279 -28.13 -4.97 -35.34
N PHE A 280 -27.54 -4.10 -36.17
CA PHE A 280 -28.31 -3.49 -37.25
C PHE A 280 -28.70 -4.53 -38.30
N TRP A 281 -28.04 -5.69 -38.28
CA TRP A 281 -28.33 -6.73 -39.26
CA TRP A 281 -28.33 -6.72 -39.27
C TRP A 281 -29.37 -7.72 -38.76
N LEU A 282 -29.83 -7.55 -37.52
CA LEU A 282 -30.90 -8.39 -37.01
C LEU A 282 -32.24 -7.84 -37.48
N ASN A 283 -33.21 -8.73 -37.63
CA ASN A 283 -34.53 -8.30 -38.10
C ASN A 283 -35.18 -7.38 -37.08
N ARG A 284 -35.90 -6.38 -37.57
CA ARG A 284 -36.46 -5.35 -36.71
C ARG A 284 -37.52 -5.89 -35.76
N GLU A 285 -38.07 -7.07 -36.04
CA GLU A 285 -39.09 -7.64 -35.18
C GLU A 285 -38.51 -8.35 -33.97
N SER A 286 -37.19 -8.50 -33.89
CA SER A 286 -36.54 -9.09 -32.72
C SER A 286 -36.30 -7.99 -31.69
N VAL A 287 -37.42 -7.47 -31.17
CA VAL A 287 -37.34 -6.36 -30.21
C VAL A 287 -36.60 -6.75 -28.93
N PRO A 288 -36.94 -7.85 -28.26
CA PRO A 288 -36.15 -8.21 -27.06
C PRO A 288 -34.70 -8.50 -27.37
N ALA A 289 -34.41 -9.13 -28.51
CA ALA A 289 -33.04 -9.47 -28.83
C ALA A 289 -32.20 -8.22 -29.06
N ARG A 290 -32.70 -7.30 -29.88
CA ARG A 290 -31.92 -6.11 -30.20
C ARG A 290 -31.87 -5.14 -29.03
N THR A 291 -32.86 -5.17 -28.14
CA THR A 291 -32.78 -4.38 -26.92
C THR A 291 -31.72 -4.94 -25.98
N VAL A 292 -31.75 -6.26 -25.76
CA VAL A 292 -30.73 -6.91 -24.92
C VAL A 292 -29.36 -6.74 -25.56
N PHE A 293 -29.29 -6.81 -26.89
CA PHE A 293 -28.03 -6.57 -27.59
C PHE A 293 -27.51 -5.17 -27.31
N GLY A 294 -28.41 -4.18 -27.33
CA GLY A 294 -27.99 -2.81 -27.09
C GLY A 294 -27.50 -2.56 -25.68
N VAL A 295 -28.32 -2.96 -24.70
CA VAL A 295 -28.01 -2.59 -23.31
C VAL A 295 -26.79 -3.35 -22.80
N THR A 296 -26.66 -4.63 -23.16
CA THR A 296 -25.56 -5.41 -22.64
C THR A 296 -24.22 -4.97 -23.24
N THR A 297 -24.23 -4.51 -24.48
CA THR A 297 -23.02 -3.91 -25.04
C THR A 297 -22.65 -2.64 -24.30
N VAL A 298 -23.64 -1.87 -23.88
CA VAL A 298 -23.37 -0.68 -23.07
C VAL A 298 -22.78 -1.08 -21.72
N LEU A 299 -23.34 -2.11 -21.09
CA LEU A 299 -22.76 -2.62 -19.85
C LEU A 299 -21.38 -3.22 -20.08
N THR A 300 -21.17 -3.84 -21.24
CA THR A 300 -19.83 -4.35 -21.56
C THR A 300 -18.84 -3.21 -21.72
N MET A 301 -19.23 -2.12 -22.40
CA MET A 301 -18.35 -0.96 -22.53
C MET A 301 -18.09 -0.33 -21.18
N THR A 302 -19.09 -0.29 -20.31
CA THR A 302 -18.90 0.24 -18.97
C THR A 302 -17.90 -0.60 -18.19
N THR A 303 -17.96 -1.91 -18.33
CA THR A 303 -17.00 -2.79 -17.66
C THR A 303 -15.58 -2.56 -18.19
N LEU A 304 -15.45 -2.41 -19.51
CA LEU A 304 -14.15 -2.13 -20.10
C LEU A 304 -13.67 -0.72 -19.77
N SER A 305 -14.58 0.25 -19.77
CA SER A 305 -14.19 1.62 -19.48
C SER A 305 -13.65 1.76 -18.07
N ILE A 306 -14.30 1.13 -17.10
CA ILE A 306 -13.84 1.20 -15.73
C ILE A 306 -12.50 0.50 -15.57
N SER A 307 -12.35 -0.68 -16.18
CA SER A 307 -11.11 -1.43 -16.06
C SER A 307 -9.94 -0.65 -16.65
N ALA A 308 -10.16 0.00 -17.79
CA ALA A 308 -9.08 0.76 -18.42
C ALA A 308 -8.62 1.90 -17.54
N ARG A 309 -9.56 2.64 -16.94
CA ARG A 309 -9.20 3.79 -16.13
C ARG A 309 -8.44 3.41 -14.88
N ASN A 310 -8.58 2.18 -14.39
CA ASN A 310 -7.82 1.74 -13.23
C ASN A 310 -6.33 1.74 -13.51
N SER A 311 -5.92 1.36 -14.72
CA SER A 311 -4.51 1.38 -15.06
C SER A 311 -4.01 2.78 -15.30
N LEU A 312 -4.88 3.69 -15.73
CA LEU A 312 -4.46 5.04 -16.05
C LEU A 312 -4.04 5.79 -14.78
N PRO A 313 -2.96 6.56 -14.83
CA PRO A 313 -2.57 7.37 -13.68
C PRO A 313 -3.66 8.41 -13.38
N LYS A 314 -3.85 8.69 -12.09
CA LYS A 314 -4.93 9.56 -11.64
C LYS A 314 -4.57 11.01 -11.96
N VAL A 315 -4.88 11.41 -13.19
CA VAL A 315 -4.67 12.78 -13.62
C VAL A 315 -6.03 13.41 -13.88
N ALA A 316 -6.05 14.69 -14.24
CA ALA A 316 -7.29 15.42 -14.42
C ALA A 316 -7.63 15.73 -15.86
N TYR A 317 -6.65 15.75 -16.76
CA TYR A 317 -6.94 15.99 -18.17
C TYR A 317 -7.35 14.68 -18.83
N ALA A 318 -7.68 14.77 -20.12
CA ALA A 318 -8.14 13.62 -20.89
C ALA A 318 -6.97 13.06 -21.70
N THR A 319 -6.64 11.80 -21.46
CA THR A 319 -5.58 11.15 -22.21
C THR A 319 -6.13 10.63 -23.53
N ALA A 320 -5.23 10.14 -24.39
CA ALA A 320 -5.65 9.58 -25.66
C ALA A 320 -6.55 8.37 -25.47
N MET A 321 -6.33 7.59 -24.43
CA MET A 321 -7.20 6.46 -24.15
C MET A 321 -8.57 6.91 -23.67
N ASP A 322 -8.64 8.01 -22.94
CA ASP A 322 -9.93 8.53 -22.51
C ASP A 322 -10.82 8.89 -23.69
N TRP A 323 -10.26 9.55 -24.70
CA TRP A 323 -11.06 9.93 -25.86
C TRP A 323 -11.50 8.71 -26.66
N PHE A 324 -10.64 7.71 -26.80
CA PHE A 324 -11.02 6.50 -27.49
C PHE A 324 -12.16 5.79 -26.78
N ILE A 325 -12.08 5.70 -25.46
CA ILE A 325 -13.15 5.08 -24.68
C ILE A 325 -14.43 5.90 -24.78
N ALA A 326 -14.32 7.22 -24.65
CA ALA A 326 -15.50 8.08 -24.71
C ALA A 326 -16.17 7.99 -26.08
N VAL A 327 -15.38 7.94 -27.15
CA VAL A 327 -15.96 7.80 -28.48
C VAL A 327 -16.60 6.42 -28.65
N CYS A 328 -15.90 5.37 -28.21
CA CYS A 328 -16.50 4.04 -28.27
C CYS A 328 -17.77 3.96 -27.42
N TYR A 329 -17.83 4.73 -26.33
CA TYR A 329 -19.06 4.80 -25.56
C TYR A 329 -20.17 5.46 -26.37
N ALA A 330 -19.84 6.48 -27.15
CA ALA A 330 -20.84 7.18 -27.95
C ALA A 330 -21.41 6.30 -29.05
N PHE A 331 -20.55 5.51 -29.69
CA PHE A 331 -21.03 4.62 -30.75
C PHE A 331 -21.93 3.53 -30.19
N VAL A 332 -21.56 2.96 -29.05
CA VAL A 332 -22.39 1.92 -28.44
C VAL A 332 -23.69 2.52 -27.92
N PHE A 333 -23.62 3.73 -27.36
CA PHE A 333 -24.82 4.43 -26.93
C PHE A 333 -25.73 4.77 -28.11
N SER A 334 -25.14 5.21 -29.21
CA SER A 334 -25.95 5.62 -30.36
C SER A 334 -26.59 4.43 -31.05
N ALA A 335 -25.97 3.26 -30.98
CA ALA A 335 -26.55 2.07 -31.61
C ALA A 335 -27.87 1.70 -30.98
N LEU A 336 -27.98 1.83 -29.66
CA LEU A 336 -29.24 1.51 -28.98
C LEU A 336 -30.31 2.54 -29.31
N ILE A 337 -29.93 3.80 -29.43
CA ILE A 337 -30.88 4.83 -29.87
C ILE A 337 -31.28 4.60 -31.32
N GLU A 338 -30.36 4.07 -32.14
CA GLU A 338 -30.71 3.73 -33.51
C GLU A 338 -31.84 2.71 -33.55
N PHE A 339 -31.76 1.68 -32.71
CA PHE A 339 -32.85 0.70 -32.67
C PHE A 339 -34.11 1.29 -32.09
N ALA A 340 -33.98 2.19 -31.11
CA ALA A 340 -35.15 2.87 -30.57
C ALA A 340 -35.91 3.61 -31.66
N THR A 341 -35.19 4.19 -32.62
CA THR A 341 -35.85 4.83 -33.74
C THR A 341 -36.42 3.80 -34.71
N VAL A 342 -35.67 2.73 -34.98
CA VAL A 342 -36.15 1.68 -35.87
C VAL A 342 -37.40 1.02 -35.31
N ASN A 343 -37.40 0.72 -34.02
CA ASN A 343 -38.54 0.06 -33.40
C ASN A 343 -39.76 0.96 -33.37
N TYR A 344 -39.56 2.28 -33.36
CA TYR A 344 -40.68 3.21 -33.35
C TYR A 344 -41.51 3.13 -34.63
N PHE A 345 -40.91 2.68 -35.74
CA PHE A 345 -41.60 2.61 -37.02
C PHE A 345 -41.89 1.18 -37.44
N THR A 346 -41.78 0.20 -36.54
CA THR A 346 -42.12 -1.18 -36.84
C THR A 346 -43.62 -1.35 -36.69
N LYS A 347 -44.32 -1.56 -37.81
CA LYS A 347 -45.78 -1.62 -37.76
C LYS A 347 -46.27 -2.93 -37.16
N ARG A 348 -45.66 -4.05 -37.54
CA ARG A 348 -46.16 -5.37 -37.22
C ARG A 348 -45.25 -6.08 -36.22
N GLY A 349 -45.87 -6.83 -35.32
CA GLY A 349 -45.14 -7.58 -34.32
C GLY A 349 -44.65 -8.94 -34.75
N TYR A 350 -44.93 -9.36 -35.97
CA TYR A 350 -44.52 -10.67 -36.47
C TYR A 350 -43.49 -10.49 -37.57
N ALA A 351 -42.44 -11.31 -37.54
CA ALA A 351 -41.42 -11.27 -38.57
C ALA A 351 -41.85 -12.08 -39.78
N TRP A 352 -41.00 -12.10 -40.80
CA TRP A 352 -41.30 -12.88 -42.01
C TRP A 352 -41.38 -14.36 -41.66
N ASP A 353 -42.43 -15.02 -42.17
CA ASP A 353 -42.71 -16.39 -41.81
C ASP A 353 -41.76 -17.40 -42.45
N GLY A 354 -40.94 -16.96 -43.41
CA GLY A 354 -40.03 -17.86 -44.09
C GLY A 354 -40.63 -18.58 -45.28
N LYS A 355 -41.91 -18.40 -45.54
CA LYS A 355 -42.59 -19.05 -46.65
C LYS A 355 -43.18 -18.06 -47.65
N SER A 356 -43.88 -17.04 -47.16
CA SER A 356 -44.57 -16.10 -48.04
C SER A 356 -43.59 -15.19 -48.75
N VAL A 357 -44.03 -14.64 -49.87
CA VAL A 357 -43.24 -13.71 -50.67
C VAL A 357 -43.75 -12.30 -50.42
N VAL A 358 -42.84 -11.34 -50.47
CA VAL A 358 -43.15 -9.94 -50.17
C VAL A 358 -43.22 -9.19 -51.50
N PRO A 359 -44.40 -8.80 -51.96
CA PRO A 359 -44.49 -7.99 -53.18
C PRO A 359 -43.90 -6.61 -52.96
N GLU A 360 -43.34 -6.06 -54.03
CA GLU A 360 -42.77 -4.71 -54.01
C GLU A 360 -43.46 -3.81 -55.02
N LYS A 419 -51.23 -11.76 -46.35
CA LYS A 419 -50.67 -10.96 -45.27
C LYS A 419 -49.40 -10.24 -45.73
N THR A 420 -49.14 -9.09 -45.13
CA THR A 420 -47.96 -8.29 -45.45
C THR A 420 -46.97 -8.34 -44.29
N PHE A 421 -45.73 -8.00 -44.59
CA PHE A 421 -44.66 -8.02 -43.62
C PHE A 421 -43.96 -6.67 -43.60
N ASN A 422 -43.29 -6.39 -42.49
CA ASN A 422 -42.50 -5.18 -42.39
C ASN A 422 -41.37 -5.21 -43.42
N SER A 423 -41.03 -4.04 -43.95
CA SER A 423 -39.86 -3.94 -44.78
C SER A 423 -38.61 -3.78 -43.91
N VAL A 424 -37.45 -3.94 -44.54
CA VAL A 424 -36.19 -3.69 -43.84
C VAL A 424 -36.04 -2.20 -43.61
N SER A 425 -35.72 -1.81 -42.38
CA SER A 425 -35.72 -0.41 -42.01
C SER A 425 -34.67 0.37 -42.80
N LYS A 426 -35.08 1.52 -43.34
CA LYS A 426 -34.12 2.39 -44.01
C LYS A 426 -33.12 2.96 -43.03
N ILE A 427 -33.51 3.16 -41.78
CA ILE A 427 -32.56 3.54 -40.75
C ILE A 427 -31.53 2.44 -40.55
N ASP A 428 -31.98 1.18 -40.54
CA ASP A 428 -31.05 0.06 -40.45
C ASP A 428 -30.11 0.02 -41.64
N ARG A 429 -30.64 0.22 -42.85
CA ARG A 429 -29.80 0.13 -44.05
C ARG A 429 -28.74 1.23 -44.06
N LEU A 430 -29.11 2.45 -43.66
CA LEU A 430 -28.12 3.52 -43.60
C LEU A 430 -27.14 3.28 -42.46
N SER A 431 -27.61 2.82 -41.31
CA SER A 431 -26.73 2.62 -40.16
C SER A 431 -25.76 1.47 -40.41
N ARG A 432 -26.12 0.52 -41.27
CA ARG A 432 -25.19 -0.53 -41.65
C ARG A 432 -23.99 0.01 -42.39
N ILE A 433 -24.08 1.22 -42.94
CA ILE A 433 -22.97 1.86 -43.64
C ILE A 433 -22.38 2.99 -42.81
N ALA A 434 -23.23 3.85 -42.25
CA ALA A 434 -22.75 5.04 -41.55
C ALA A 434 -21.97 4.67 -40.29
N PHE A 435 -22.55 3.82 -39.44
CA PHE A 435 -21.87 3.48 -38.19
C PHE A 435 -20.54 2.79 -38.41
N PRO A 436 -20.42 1.75 -39.24
CA PRO A 436 -19.07 1.19 -39.50
C PRO A 436 -18.13 2.19 -40.14
N LEU A 437 -18.63 3.06 -41.00
CA LEU A 437 -17.76 4.01 -41.70
C LEU A 437 -17.27 5.11 -40.75
N LEU A 438 -18.18 5.66 -39.94
CA LEU A 438 -17.79 6.72 -39.01
C LEU A 438 -16.82 6.20 -37.96
N PHE A 439 -17.04 4.98 -37.47
CA PHE A 439 -16.09 4.40 -36.53
C PHE A 439 -14.77 4.07 -37.21
N GLY A 440 -14.82 3.61 -38.47
CA GLY A 440 -13.60 3.38 -39.21
C GLY A 440 -12.84 4.66 -39.49
N ILE A 441 -13.56 5.73 -39.84
CA ILE A 441 -12.91 7.02 -40.06
C ILE A 441 -12.28 7.53 -38.77
N PHE A 442 -12.99 7.39 -37.64
CA PHE A 442 -12.45 7.84 -36.38
C PHE A 442 -11.14 7.14 -36.04
N ASN A 443 -11.06 5.82 -36.30
CA ASN A 443 -9.83 5.10 -36.03
C ASN A 443 -8.68 5.61 -36.89
N LEU A 444 -8.96 5.93 -38.17
CA LEU A 444 -7.92 6.50 -39.01
C LEU A 444 -7.44 7.82 -38.47
N VAL A 445 -8.36 8.69 -38.05
CA VAL A 445 -7.96 9.97 -37.48
C VAL A 445 -7.26 9.78 -36.14
N TYR A 446 -7.78 8.88 -35.31
CA TYR A 446 -7.22 8.69 -33.98
C TYR A 446 -5.81 8.10 -34.05
N TRP A 447 -5.63 7.01 -34.81
CA TRP A 447 -4.34 6.34 -34.83
C TRP A 447 -3.29 7.17 -35.55
N ALA A 448 -3.68 7.86 -36.63
CA ALA A 448 -2.73 8.72 -37.31
C ALA A 448 -2.30 9.88 -36.41
N THR A 449 -3.23 10.42 -35.62
CA THR A 449 -2.91 11.55 -34.76
C THR A 449 -1.87 11.19 -33.71
N TYR A 450 -2.01 10.02 -33.08
CA TYR A 450 -1.19 9.68 -31.93
C TYR A 450 -0.01 8.79 -32.26
N LEU A 451 -0.01 8.09 -33.39
CA LEU A 451 1.15 7.31 -33.79
C LEU A 451 2.18 8.11 -34.57
N ASN A 452 1.84 9.32 -35.00
CA ASN A 452 2.74 10.18 -35.76
C ASN A 452 3.42 11.23 -34.89
N ARG A 453 3.19 11.23 -33.58
CA ARG A 453 3.85 12.15 -32.68
C ARG A 453 5.14 11.54 -32.15
N ASN B 33 40.15 -16.90 36.50
CA ASN B 33 40.12 -17.41 35.13
C ASN B 33 39.60 -16.35 34.16
N MET B 34 38.42 -15.80 34.47
CA MET B 34 37.81 -14.82 33.58
C MET B 34 38.67 -13.59 33.42
N SER B 35 39.53 -13.30 34.40
CA SER B 35 40.49 -12.22 34.23
C SER B 35 41.47 -12.53 33.10
N PHE B 36 41.88 -13.79 32.98
CA PHE B 36 42.81 -14.16 31.91
C PHE B 36 42.16 -13.98 30.54
N VAL B 37 40.89 -14.35 30.40
CA VAL B 37 40.17 -14.07 29.17
C VAL B 37 40.06 -12.58 28.95
N LYS B 38 39.75 -11.82 30.00
CA LYS B 38 39.66 -10.37 29.88
C LYS B 38 41.01 -9.77 29.50
N GLU B 39 42.09 -10.23 30.13
CA GLU B 39 43.42 -9.73 29.79
C GLU B 39 43.78 -10.09 28.35
N THR B 40 43.47 -11.32 27.93
CA THR B 40 43.79 -11.74 26.57
C THR B 40 43.05 -10.89 25.55
N VAL B 41 41.75 -10.67 25.76
CA VAL B 41 40.96 -9.88 24.82
C VAL B 41 41.44 -8.44 24.80
N ASP B 42 41.74 -7.87 25.96
CA ASP B 42 42.28 -6.51 26.00
C ASP B 42 43.61 -6.43 25.27
N LYS B 43 44.45 -7.45 25.41
CA LYS B 43 45.72 -7.47 24.70
C LYS B 43 45.53 -7.49 23.20
N LEU B 44 44.55 -8.27 22.72
CA LEU B 44 44.30 -8.37 21.29
C LEU B 44 43.89 -7.02 20.70
N LEU B 45 43.00 -6.30 21.38
CA LEU B 45 42.45 -5.07 20.85
C LEU B 45 43.34 -3.86 21.08
N LYS B 46 44.42 -4.00 21.85
CA LYS B 46 45.32 -2.89 22.10
C LYS B 46 46.30 -2.75 20.95
N GLY B 47 46.36 -1.56 20.37
CA GLY B 47 47.21 -1.33 19.23
C GLY B 47 46.68 -1.88 17.92
N TYR B 48 45.45 -2.36 17.90
CA TYR B 48 44.87 -2.95 16.71
C TYR B 48 44.45 -1.84 15.75
N ASP B 49 44.97 -1.89 14.52
CA ASP B 49 44.66 -0.90 13.51
C ASP B 49 43.52 -1.45 12.65
N ILE B 50 42.33 -0.88 12.82
CA ILE B 50 41.17 -1.30 12.05
C ILE B 50 41.30 -0.90 10.59
N ARG B 51 42.17 0.06 10.28
CA ARG B 51 42.34 0.52 8.91
C ARG B 51 43.08 -0.49 8.04
N LEU B 52 43.81 -1.42 8.63
CA LEU B 52 44.63 -2.37 7.90
C LEU B 52 43.93 -3.71 7.80
N ARG B 53 43.91 -4.28 6.60
CA ARG B 53 43.37 -5.61 6.42
C ARG B 53 44.36 -6.65 6.94
N PRO B 54 43.90 -7.85 7.24
CA PRO B 54 44.83 -8.92 7.61
C PRO B 54 45.81 -9.19 6.49
N ASP B 55 47.05 -9.52 6.88
CA ASP B 55 48.15 -9.73 5.94
C ASP B 55 48.30 -8.53 5.00
N PHE B 56 48.22 -7.34 5.57
CA PHE B 56 48.37 -6.13 4.78
C PHE B 56 49.74 -6.08 4.12
N GLY B 57 49.76 -5.77 2.83
CA GLY B 57 50.99 -5.76 2.06
C GLY B 57 51.48 -7.13 1.64
N GLY B 58 50.75 -8.18 1.97
CA GLY B 58 51.15 -9.52 1.61
C GLY B 58 50.13 -10.17 0.69
N PRO B 59 49.93 -11.47 0.85
CA PRO B 59 48.93 -12.15 0.03
C PRO B 59 47.55 -11.60 0.33
N PRO B 60 46.66 -11.62 -0.66
CA PRO B 60 45.29 -11.14 -0.41
C PRO B 60 44.60 -12.00 0.63
N VAL B 61 43.78 -11.36 1.46
CA VAL B 61 43.09 -12.05 2.55
C VAL B 61 41.92 -12.84 1.95
N CYS B 62 41.89 -14.14 2.22
CA CYS B 62 40.83 -15.01 1.72
C CYS B 62 39.65 -14.99 2.67
N VAL B 63 38.47 -14.66 2.14
CA VAL B 63 37.24 -14.61 2.92
C VAL B 63 36.32 -15.70 2.42
N GLY B 64 35.96 -16.63 3.30
CA GLY B 64 35.00 -17.67 2.99
C GLY B 64 33.62 -17.27 3.48
N MET B 65 32.60 -17.66 2.72
CA MET B 65 31.25 -17.22 3.00
C MET B 65 30.27 -18.39 2.93
N ASN B 66 29.37 -18.44 3.89
CA ASN B 66 28.24 -19.37 3.92
CA ASN B 66 28.24 -19.34 3.80
C ASN B 66 26.96 -18.57 4.09
N ILE B 67 25.87 -19.06 3.52
CA ILE B 67 24.57 -18.43 3.66
C ILE B 67 23.58 -19.49 4.09
N ASP B 68 22.89 -19.25 5.20
CA ASP B 68 21.75 -20.06 5.60
C ASP B 68 20.51 -19.21 5.36
N ILE B 69 19.69 -19.64 4.41
CA ILE B 69 18.55 -18.84 3.96
C ILE B 69 17.37 -19.12 4.88
N ALA B 70 16.96 -18.13 5.65
CA ALA B 70 15.82 -18.29 6.54
C ALA B 70 14.53 -18.36 5.74
N SER B 71 14.35 -17.45 4.78
CA SER B 71 13.12 -17.42 4.00
C SER B 71 13.34 -16.59 2.74
N ILE B 72 12.45 -16.81 1.77
CA ILE B 72 12.32 -15.95 0.61
C ILE B 72 10.85 -15.55 0.51
N ASP B 73 10.59 -14.27 0.29
CA ASP B 73 9.22 -13.81 0.15
C ASP B 73 9.19 -12.56 -0.72
N MET B 74 7.98 -12.06 -0.94
CA MET B 74 7.75 -10.81 -1.68
C MET B 74 8.42 -10.85 -3.05
N VAL B 75 8.31 -11.99 -3.73
CA VAL B 75 8.80 -12.08 -5.11
C VAL B 75 7.88 -11.20 -5.97
N SER B 76 8.40 -10.06 -6.39
CA SER B 76 7.59 -9.03 -7.04
C SER B 76 7.85 -9.04 -8.54
N GLU B 77 6.82 -9.32 -9.32
CA GLU B 77 6.93 -9.14 -10.76
C GLU B 77 6.91 -7.66 -11.14
N VAL B 78 6.16 -6.85 -10.39
CA VAL B 78 6.03 -5.44 -10.73
C VAL B 78 7.34 -4.70 -10.50
N ASN B 79 7.96 -4.92 -9.35
CA ASN B 79 9.19 -4.23 -9.01
C ASN B 79 10.45 -4.95 -9.47
N MET B 80 10.30 -6.18 -9.99
CA MET B 80 11.43 -6.97 -10.47
C MET B 80 12.46 -7.20 -9.36
N ASP B 81 11.99 -7.68 -8.21
CA ASP B 81 12.89 -8.01 -7.11
C ASP B 81 12.23 -9.05 -6.23
N TYR B 82 13.04 -9.62 -5.33
CA TYR B 82 12.59 -10.55 -4.32
C TYR B 82 13.24 -10.18 -3.00
N THR B 83 12.61 -10.56 -1.90
CA THR B 83 13.12 -10.28 -0.57
C THR B 83 13.68 -11.55 0.03
N LEU B 84 14.90 -11.45 0.55
CA LEU B 84 15.65 -12.60 1.04
C LEU B 84 16.11 -12.33 2.46
N THR B 85 15.84 -13.28 3.35
CA THR B 85 16.34 -13.24 4.72
C THR B 85 17.33 -14.38 4.89
N MET B 86 18.48 -14.10 5.49
CA MET B 86 19.55 -15.09 5.49
C MET B 86 20.51 -14.83 6.65
N TYR B 87 21.22 -15.88 7.01
CA TYR B 87 22.34 -15.80 7.96
C TYR B 87 23.61 -15.76 7.13
N PHE B 88 24.19 -14.57 7.01
CA PHE B 88 25.35 -14.34 6.15
C PHE B 88 26.60 -14.41 7.01
N GLN B 89 27.44 -15.42 6.78
CA GLN B 89 28.65 -15.62 7.56
CA GLN B 89 28.64 -15.63 7.56
C GLN B 89 29.88 -15.41 6.70
N GLN B 90 30.89 -14.79 7.30
CA GLN B 90 32.15 -14.53 6.63
C GLN B 90 33.29 -15.10 7.48
N TYR B 91 34.27 -15.69 6.81
CA TYR B 91 35.33 -16.44 7.47
CA TYR B 91 35.32 -16.45 7.46
C TYR B 91 36.67 -15.96 6.95
N TRP B 92 37.57 -15.63 7.87
CA TRP B 92 38.92 -15.23 7.48
C TRP B 92 39.82 -15.32 8.70
N ARG B 93 41.12 -15.38 8.44
CA ARG B 93 42.12 -15.46 9.49
C ARG B 93 42.80 -14.12 9.66
N ASP B 94 42.81 -13.62 10.89
CA ASP B 94 43.50 -12.39 11.24
C ASP B 94 44.50 -12.76 12.34
N LYS B 95 45.78 -12.87 11.95
CA LYS B 95 46.80 -13.31 12.91
C LYS B 95 46.98 -12.32 14.05
N ARG B 96 46.56 -11.07 13.86
CA ARG B 96 46.57 -10.12 14.96
C ARG B 96 45.63 -10.53 16.08
N LEU B 97 44.62 -11.35 15.78
CA LEU B 97 43.63 -11.79 16.74
C LEU B 97 43.87 -13.20 17.24
N ALA B 98 45.03 -13.78 16.95
CA ALA B 98 45.37 -15.09 17.49
C ALA B 98 45.69 -14.99 18.97
N TYR B 99 45.22 -15.95 19.75
CA TYR B 99 45.46 -15.97 21.18
C TYR B 99 45.87 -17.37 21.62
N SER B 100 46.58 -17.43 22.73
CA SER B 100 47.10 -18.69 23.26
C SER B 100 46.73 -18.80 24.73
N GLY B 101 46.74 -20.04 25.22
CA GLY B 101 46.42 -20.32 26.61
C GLY B 101 44.95 -20.50 26.91
N ILE B 102 44.07 -20.30 25.93
CA ILE B 102 42.64 -20.47 26.11
C ILE B 102 42.12 -21.49 25.12
N PRO B 103 41.80 -22.71 25.55
CA PRO B 103 41.24 -23.72 24.65
C PRO B 103 39.76 -23.49 24.33
N LEU B 104 39.44 -22.27 23.92
CA LEU B 104 38.07 -21.88 23.67
C LEU B 104 37.98 -21.03 22.42
N ASN B 105 36.84 -21.12 21.74
CA ASN B 105 36.50 -20.21 20.66
C ASN B 105 35.70 -19.07 21.27
N LEU B 106 36.35 -17.92 21.45
CA LEU B 106 35.77 -16.83 22.22
C LEU B 106 34.66 -16.15 21.42
N THR B 107 33.42 -16.40 21.82
CA THR B 107 32.31 -15.60 21.32
C THR B 107 32.26 -14.32 22.12
N LEU B 108 32.30 -13.18 21.43
CA LEU B 108 32.30 -11.89 22.07
C LEU B 108 31.02 -11.15 21.74
N ASP B 109 30.75 -10.10 22.51
CA ASP B 109 29.60 -9.25 22.23
C ASP B 109 29.74 -8.65 20.84
N ASN B 110 28.62 -8.59 20.12
CA ASN B 110 28.67 -8.19 18.71
C ASN B 110 29.15 -6.77 18.52
N ARG B 111 29.18 -5.96 19.58
CA ARG B 111 29.71 -4.62 19.47
C ARG B 111 31.22 -4.59 19.28
N VAL B 112 31.92 -5.71 19.50
CA VAL B 112 33.35 -5.75 19.24
C VAL B 112 33.64 -5.77 17.75
N ALA B 113 32.63 -6.08 16.92
CA ALA B 113 32.82 -6.05 15.48
C ALA B 113 33.18 -4.65 15.00
N ASP B 114 32.74 -3.62 15.71
CA ASP B 114 33.05 -2.25 15.33
C ASP B 114 34.50 -1.90 15.61
N GLN B 115 35.18 -2.63 16.50
CA GLN B 115 36.58 -2.40 16.78
C GLN B 115 37.50 -3.26 15.93
N LEU B 116 36.96 -4.12 15.09
CA LEU B 116 37.73 -5.05 14.29
C LEU B 116 37.57 -4.76 12.80
N TRP B 117 38.54 -5.21 12.02
CA TRP B 117 38.44 -5.15 10.58
C TRP B 117 37.49 -6.24 10.09
N VAL B 118 36.53 -5.85 9.25
CA VAL B 118 35.66 -6.82 8.61
C VAL B 118 35.68 -6.51 7.11
N PRO B 119 35.43 -7.49 6.24
CA PRO B 119 35.45 -7.20 4.80
C PRO B 119 34.36 -6.23 4.42
N ASP B 120 34.64 -5.43 3.38
CA ASP B 120 33.67 -4.46 2.88
C ASP B 120 32.72 -5.11 1.88
N THR B 121 32.10 -6.22 2.28
CA THR B 121 31.25 -6.97 1.38
C THR B 121 29.93 -6.24 1.13
N TYR B 122 29.53 -6.19 -0.13
CA TYR B 122 28.25 -5.60 -0.50
C TYR B 122 27.60 -6.47 -1.56
N PHE B 123 26.30 -6.30 -1.73
CA PHE B 123 25.53 -7.03 -2.72
C PHE B 123 25.18 -6.08 -3.86
N LEU B 124 25.61 -6.42 -5.07
CA LEU B 124 25.48 -5.48 -6.18
C LEU B 124 24.03 -5.18 -6.52
N ASN B 125 23.18 -6.20 -6.56
CA ASN B 125 21.78 -6.03 -6.93
C ASN B 125 20.88 -5.76 -5.73
N ASP B 126 21.46 -5.37 -4.60
CA ASP B 126 20.69 -5.11 -3.39
C ASP B 126 20.05 -3.74 -3.47
N LYS B 127 18.73 -3.69 -3.31
CA LYS B 127 17.97 -2.44 -3.37
C LYS B 127 17.67 -1.86 -2.00
N LYS B 128 17.38 -2.72 -1.02
CA LYS B 128 17.05 -2.26 0.32
C LYS B 128 17.34 -3.41 1.27
N SER B 129 18.33 -3.24 2.12
CA SER B 129 18.71 -4.28 3.07
C SER B 129 18.98 -3.68 4.43
N PHE B 130 18.77 -4.50 5.46
CA PHE B 130 19.05 -4.08 6.83
C PHE B 130 19.52 -5.30 7.61
N VAL B 131 20.27 -5.04 8.67
CA VAL B 131 20.61 -6.07 9.64
C VAL B 131 19.59 -6.00 10.76
N HIS B 132 18.96 -7.13 11.07
CA HIS B 132 17.96 -7.16 12.12
C HIS B 132 18.57 -6.75 13.45
N GLY B 133 17.79 -6.03 14.26
CA GLY B 133 18.32 -5.44 15.46
C GLY B 133 17.52 -5.64 16.73
N VAL B 134 16.78 -6.73 16.82
CA VAL B 134 16.00 -7.10 18.00
C VAL B 134 16.46 -8.48 18.45
N THR B 135 16.80 -8.61 19.74
CA THR B 135 16.75 -7.53 20.71
C THR B 135 18.01 -6.67 20.67
N VAL B 136 19.06 -7.22 20.07
CA VAL B 136 20.28 -6.49 19.77
C VAL B 136 20.56 -6.67 18.29
N LYS B 137 21.56 -5.94 17.80
CA LYS B 137 21.99 -6.11 16.42
C LYS B 137 22.36 -7.55 16.16
N ASN B 138 21.64 -8.20 15.25
CA ASN B 138 21.79 -9.64 15.01
C ASN B 138 23.12 -9.87 14.31
N ARG B 139 24.18 -9.84 15.11
CA ARG B 139 25.54 -9.93 14.62
C ARG B 139 26.32 -10.86 15.53
N MET B 140 27.30 -11.55 14.97
CA MET B 140 28.13 -12.49 15.72
C MET B 140 29.59 -12.25 15.40
N ILE B 141 30.42 -12.25 16.44
CA ILE B 141 31.87 -12.28 16.29
C ILE B 141 32.38 -13.43 17.15
N ARG B 142 33.03 -14.41 16.51
CA ARG B 142 33.60 -15.53 17.23
C ARG B 142 35.06 -15.65 16.84
N LEU B 143 35.95 -15.47 17.80
CA LEU B 143 37.38 -15.62 17.57
C LEU B 143 37.79 -17.07 17.76
N HIS B 144 38.93 -17.42 17.18
CA HIS B 144 39.49 -18.75 17.30
C HIS B 144 40.97 -18.64 17.64
N PRO B 145 41.53 -19.65 18.33
CA PRO B 145 42.91 -19.51 18.80
C PRO B 145 43.91 -19.21 17.70
N ASP B 146 43.75 -19.78 16.52
CA ASP B 146 44.66 -19.50 15.42
C ASP B 146 44.48 -18.11 14.84
N GLY B 147 43.44 -17.38 15.25
CA GLY B 147 43.19 -16.05 14.73
C GLY B 147 42.07 -15.97 13.72
N THR B 148 41.39 -17.08 13.46
CA THR B 148 40.27 -17.07 12.53
C THR B 148 39.08 -16.33 13.12
N VAL B 149 38.42 -15.53 12.29
CA VAL B 149 37.25 -14.75 12.69
C VAL B 149 36.02 -15.30 11.98
N LEU B 150 35.00 -15.61 12.75
CA LEU B 150 33.69 -15.97 12.22
C LEU B 150 32.76 -14.79 12.44
N TYR B 151 32.32 -14.17 11.35
CA TYR B 151 31.54 -12.94 11.37
C TYR B 151 30.18 -13.22 10.74
N GLY B 152 29.14 -13.28 11.57
CA GLY B 152 27.80 -13.60 11.12
C GLY B 152 26.89 -12.39 11.18
N LEU B 153 26.03 -12.26 10.18
CA LEU B 153 25.02 -11.21 10.13
C LEU B 153 23.70 -11.83 9.71
N ARG B 154 22.60 -11.30 10.25
CA ARG B 154 21.26 -11.69 9.84
C ARG B 154 20.69 -10.55 9.01
N ILE B 155 20.55 -10.78 7.71
CA ILE B 155 20.27 -9.73 6.75
C ILE B 155 19.00 -10.07 5.99
N THR B 156 18.09 -9.12 5.95
CA THR B 156 16.96 -9.15 5.03
C THR B 156 17.24 -8.16 3.91
N THR B 157 17.36 -8.66 2.69
CA THR B 157 17.72 -7.84 1.54
C THR B 157 16.66 -7.98 0.46
N THR B 158 16.39 -6.88 -0.23
CA THR B 158 15.55 -6.88 -1.42
C THR B 158 16.47 -6.79 -2.62
N ALA B 159 16.68 -7.91 -3.29
CA ALA B 159 17.62 -8.02 -4.39
C ALA B 159 16.88 -7.91 -5.72
N ALA B 160 17.42 -7.11 -6.63
CA ALA B 160 16.81 -6.91 -7.93
C ALA B 160 17.19 -8.03 -8.89
N CYS B 161 16.18 -8.62 -9.52
CA CYS B 161 16.42 -9.53 -10.64
C CYS B 161 15.47 -9.17 -11.76
N MET B 162 16.01 -9.01 -12.96
CA MET B 162 15.19 -8.79 -14.14
C MET B 162 14.37 -10.05 -14.43
N MET B 163 13.09 -9.87 -14.71
CA MET B 163 12.18 -10.98 -14.96
C MET B 163 11.65 -10.89 -16.38
N ASP B 164 11.68 -12.01 -17.09
CA ASP B 164 11.05 -12.14 -18.40
C ASP B 164 9.71 -12.83 -18.19
N LEU B 165 8.64 -12.05 -18.25
CA LEU B 165 7.29 -12.55 -17.96
C LEU B 165 6.44 -12.65 -19.21
N ARG B 166 7.07 -12.74 -20.39
CA ARG B 166 6.30 -12.91 -21.62
C ARG B 166 5.59 -14.25 -21.68
N ARG B 167 6.05 -15.24 -20.93
CA ARG B 167 5.40 -16.54 -20.85
C ARG B 167 4.54 -16.68 -19.62
N TYR B 168 4.36 -15.61 -18.87
CA TYR B 168 3.51 -15.64 -17.68
C TYR B 168 2.10 -16.08 -18.06
N PRO B 169 1.48 -16.98 -17.29
CA PRO B 169 1.90 -17.53 -16.01
C PRO B 169 2.76 -18.78 -16.11
N LEU B 170 3.22 -19.18 -17.29
CA LEU B 170 4.06 -20.36 -17.46
C LEU B 170 5.54 -20.00 -17.52
N ASP B 171 5.95 -18.94 -16.83
CA ASP B 171 7.32 -18.47 -16.89
C ASP B 171 8.18 -19.15 -15.83
N GLU B 172 9.48 -19.12 -16.06
CA GLU B 172 10.49 -19.60 -15.12
C GLU B 172 11.51 -18.49 -14.93
N GLN B 173 11.79 -18.14 -13.69
CA GLN B 173 12.64 -17.01 -13.38
C GLN B 173 13.93 -17.45 -12.71
N ASN B 174 15.01 -16.75 -13.04
CA ASN B 174 16.33 -16.98 -12.44
C ASN B 174 16.75 -15.70 -11.75
N CYS B 175 16.73 -15.72 -10.41
CA CYS B 175 17.05 -14.55 -9.61
C CYS B 175 18.32 -14.82 -8.82
N THR B 176 19.23 -13.85 -8.81
CA THR B 176 20.57 -14.02 -8.27
C THR B 176 20.81 -13.11 -7.09
N LEU B 177 21.94 -13.34 -6.43
CA LEU B 177 22.47 -12.46 -5.41
C LEU B 177 23.96 -12.28 -5.67
N GLU B 178 24.37 -11.05 -5.97
CA GLU B 178 25.73 -10.76 -6.41
C GLU B 178 26.54 -10.25 -5.23
N ILE B 179 27.37 -11.12 -4.67
CA ILE B 179 28.22 -10.77 -3.54
C ILE B 179 29.56 -10.27 -4.07
N GLU B 180 29.95 -9.06 -3.68
CA GLU B 180 31.17 -8.45 -4.20
C GLU B 180 31.82 -7.62 -3.10
N SER B 181 33.10 -7.34 -3.30
CA SER B 181 33.86 -6.44 -2.43
C SER B 181 33.90 -5.07 -3.06
N TYR B 182 33.61 -4.03 -2.26
CA TYR B 182 33.50 -2.70 -2.82
C TYR B 182 34.86 -2.04 -3.03
N GLY B 183 35.64 -1.90 -1.96
CA GLY B 183 36.88 -1.18 -2.05
C GLY B 183 38.06 -2.02 -2.46
N TYR B 184 38.25 -3.15 -1.78
CA TYR B 184 39.40 -4.01 -2.06
C TYR B 184 39.26 -4.68 -3.40
N THR B 185 40.33 -4.68 -4.18
CA THR B 185 40.36 -5.36 -5.46
C THR B 185 40.81 -6.80 -5.26
N THR B 186 40.99 -7.52 -6.37
CA THR B 186 41.44 -8.90 -6.30
C THR B 186 42.88 -9.02 -5.80
N ASP B 187 43.63 -7.92 -5.77
CA ASP B 187 44.97 -7.96 -5.20
C ASP B 187 44.93 -8.00 -3.67
N ASP B 188 43.88 -7.47 -3.07
CA ASP B 188 43.80 -7.35 -1.62
C ASP B 188 42.90 -8.39 -0.97
N ILE B 189 41.86 -8.85 -1.64
CA ILE B 189 40.89 -9.75 -1.02
C ILE B 189 40.46 -10.80 -2.04
N GLU B 190 40.16 -12.00 -1.56
CA GLU B 190 39.68 -13.10 -2.37
C GLU B 190 38.47 -13.73 -1.72
N PHE B 191 37.44 -14.02 -2.52
CA PHE B 191 36.22 -14.64 -2.05
C PHE B 191 36.17 -16.09 -2.47
N TYR B 192 35.53 -16.91 -1.64
CA TYR B 192 35.25 -18.29 -2.01
C TYR B 192 34.05 -18.75 -1.19
N TRP B 193 33.42 -19.82 -1.65
CA TRP B 193 32.31 -20.45 -0.94
C TRP B 193 32.88 -21.46 0.05
N ARG B 194 32.71 -21.21 1.33
CA ARG B 194 33.20 -22.12 2.35
C ARG B 194 32.27 -23.34 2.41
N GLY B 195 32.80 -24.50 2.04
CA GLY B 195 32.00 -25.70 1.92
C GLY B 195 31.57 -26.04 0.52
N GLY B 196 32.09 -25.37 -0.50
CA GLY B 196 31.76 -25.72 -1.86
C GLY B 196 30.29 -25.53 -2.16
N ASP B 197 29.66 -26.56 -2.72
CA ASP B 197 28.25 -26.50 -3.05
C ASP B 197 27.37 -26.50 -1.80
N LYS B 198 27.91 -26.91 -0.66
CA LYS B 198 27.18 -26.93 0.59
C LYS B 198 27.24 -25.60 1.32
N ALA B 199 27.82 -24.57 0.70
CA ALA B 199 27.94 -23.28 1.36
C ALA B 199 26.58 -22.67 1.67
N VAL B 200 25.64 -22.78 0.74
CA VAL B 200 24.30 -22.21 0.92
C VAL B 200 23.36 -23.34 1.31
N THR B 201 22.69 -23.18 2.45
CA THR B 201 21.74 -24.16 2.96
C THR B 201 20.39 -23.48 3.19
N GLY B 202 19.38 -24.31 3.39
CA GLY B 202 18.03 -23.82 3.62
C GLY B 202 17.21 -23.58 2.37
N VAL B 203 17.79 -23.75 1.19
CA VAL B 203 17.04 -23.56 -0.04
C VAL B 203 15.97 -24.64 -0.19
N GLU B 204 16.31 -25.87 0.19
CA GLU B 204 15.36 -26.98 0.04
C GLU B 204 14.16 -26.85 0.99
N ARG B 205 14.31 -26.11 2.09
CA ARG B 205 13.22 -25.95 3.04
C ARG B 205 12.31 -24.77 2.72
N ILE B 206 12.66 -23.96 1.72
CA ILE B 206 11.89 -22.76 1.43
C ILE B 206 10.53 -23.14 0.86
N GLU B 207 9.47 -22.52 1.37
CA GLU B 207 8.11 -22.74 0.88
C GLU B 207 7.64 -21.44 0.26
N LEU B 208 7.62 -21.39 -1.08
CA LEU B 208 7.06 -20.26 -1.80
C LEU B 208 5.67 -20.63 -2.28
N PRO B 209 4.64 -19.87 -1.91
CA PRO B 209 3.27 -20.24 -2.33
C PRO B 209 3.08 -20.26 -3.84
N GLN B 210 3.81 -19.43 -4.57
CA GLN B 210 3.60 -19.28 -6.01
CA GLN B 210 3.61 -19.27 -6.00
C GLN B 210 4.70 -19.89 -6.85
N PHE B 211 5.84 -20.25 -6.27
CA PHE B 211 6.96 -20.79 -7.02
C PHE B 211 7.46 -22.06 -6.37
N SER B 212 8.18 -22.84 -7.17
CA SER B 212 8.99 -23.94 -6.67
C SER B 212 10.43 -23.67 -7.08
N ILE B 213 11.36 -23.80 -6.13
CA ILE B 213 12.77 -23.57 -6.41
C ILE B 213 13.30 -24.82 -7.09
N VAL B 214 13.47 -24.75 -8.41
CA VAL B 214 13.91 -25.91 -9.17
C VAL B 214 15.36 -26.24 -8.87
N GLU B 215 16.21 -25.21 -8.84
CA GLU B 215 17.64 -25.42 -8.68
C GLU B 215 18.26 -24.15 -8.14
N HIS B 216 19.34 -24.33 -7.38
CA HIS B 216 20.20 -23.23 -6.98
C HIS B 216 21.65 -23.64 -7.23
N ARG B 217 22.48 -22.66 -7.55
CA ARG B 217 23.89 -22.97 -7.80
C ARG B 217 24.75 -21.78 -7.38
N LEU B 218 26.04 -22.05 -7.23
CA LEU B 218 27.00 -21.09 -6.72
C LEU B 218 28.10 -20.87 -7.75
N VAL B 219 28.48 -19.62 -7.95
CA VAL B 219 29.49 -19.22 -8.93
C VAL B 219 30.49 -18.29 -8.25
N SER B 220 31.77 -18.54 -8.46
CA SER B 220 32.84 -17.65 -8.01
C SER B 220 33.60 -17.16 -9.24
N ARG B 221 33.70 -15.84 -9.40
CA ARG B 221 34.36 -15.26 -10.55
C ARG B 221 34.89 -13.87 -10.18
N ASN B 222 35.42 -13.16 -11.17
CA ASN B 222 35.95 -11.83 -11.00
C ASN B 222 35.25 -10.88 -11.96
N VAL B 223 34.98 -9.66 -11.48
CA VAL B 223 34.25 -8.65 -12.24
C VAL B 223 35.13 -7.40 -12.32
N VAL B 224 35.23 -6.84 -13.53
CA VAL B 224 36.09 -5.69 -13.78
C VAL B 224 35.21 -4.47 -13.96
N PHE B 225 35.46 -3.44 -13.17
CA PHE B 225 34.84 -2.13 -13.33
C PHE B 225 35.90 -1.13 -13.78
N ALA B 226 35.49 0.13 -13.93
CA ALA B 226 36.43 1.17 -14.27
C ALA B 226 37.43 1.43 -13.14
N THR B 227 37.11 1.00 -11.93
CA THR B 227 37.97 1.21 -10.77
C THR B 227 38.82 0.00 -10.43
N GLY B 228 38.75 -1.07 -11.21
CA GLY B 228 39.58 -2.23 -11.00
C GLY B 228 38.78 -3.50 -11.11
N ALA B 229 39.40 -4.60 -10.70
CA ALA B 229 38.81 -5.93 -10.76
C ALA B 229 38.49 -6.40 -9.34
N TYR B 230 37.31 -6.96 -9.16
CA TYR B 230 36.87 -7.32 -7.82
C TYR B 230 36.39 -8.77 -7.80
N PRO B 231 36.62 -9.47 -6.69
CA PRO B 231 36.06 -10.81 -6.56
C PRO B 231 34.54 -10.76 -6.45
N ARG B 232 33.90 -11.80 -6.99
CA ARG B 232 32.44 -11.87 -6.94
C ARG B 232 32.01 -13.29 -6.62
N LEU B 233 31.04 -13.42 -5.72
CA LEU B 233 30.33 -14.67 -5.49
C LEU B 233 28.89 -14.47 -5.92
N SER B 234 28.34 -15.44 -6.64
CA SER B 234 26.99 -15.36 -7.16
C SER B 234 26.18 -16.55 -6.68
N LEU B 235 24.99 -16.26 -6.16
CA LEU B 235 24.04 -17.28 -5.73
C LEU B 235 22.76 -17.08 -6.53
N SER B 236 22.39 -18.08 -7.32
CA SER B 236 21.26 -17.98 -8.23
C SER B 236 20.25 -19.08 -7.97
N PHE B 237 18.97 -18.71 -7.96
CA PHE B 237 17.87 -19.64 -7.85
C PHE B 237 17.12 -19.70 -9.17
N ARG B 238 16.47 -20.82 -9.44
CA ARG B 238 15.59 -20.96 -10.58
C ARG B 238 14.18 -21.21 -10.05
N LEU B 239 13.30 -20.23 -10.23
CA LEU B 239 11.93 -20.31 -9.74
C LEU B 239 11.02 -20.69 -10.89
N LYS B 240 10.25 -21.76 -10.72
CA LYS B 240 9.23 -22.16 -11.67
C LYS B 240 7.87 -21.82 -11.07
N ARG B 241 7.08 -21.05 -11.81
CA ARG B 241 5.80 -20.61 -11.29
C ARG B 241 4.83 -21.78 -11.25
N ASN B 242 4.09 -21.90 -10.14
CA ASN B 242 3.08 -22.93 -10.01
C ASN B 242 1.86 -22.55 -10.84
N ILE B 243 1.37 -23.50 -11.64
CA ILE B 243 0.29 -23.24 -12.57
C ILE B 243 -1.08 -23.58 -12.01
N GLY B 244 -1.15 -24.35 -10.92
CA GLY B 244 -2.44 -24.76 -10.40
C GLY B 244 -3.32 -23.60 -10.00
N TYR B 245 -2.72 -22.49 -9.56
CA TYR B 245 -3.50 -21.30 -9.24
C TYR B 245 -4.22 -20.77 -10.47
N PHE B 246 -3.54 -20.72 -11.60
CA PHE B 246 -4.11 -20.13 -12.80
C PHE B 246 -5.06 -21.07 -13.52
N ILE B 247 -4.96 -22.37 -13.28
CA ILE B 247 -5.91 -23.31 -13.87
C ILE B 247 -7.31 -23.01 -13.35
N LEU B 248 -7.43 -22.85 -12.03
CA LEU B 248 -8.74 -22.58 -11.43
C LEU B 248 -9.20 -21.14 -11.63
N GLN B 249 -8.28 -20.18 -11.62
CA GLN B 249 -8.68 -18.78 -11.63
C GLN B 249 -8.80 -18.19 -13.02
N THR B 250 -8.02 -18.67 -13.98
CA THR B 250 -8.03 -18.08 -15.32
C THR B 250 -8.53 -19.03 -16.39
N TYR B 251 -7.90 -20.20 -16.54
CA TYR B 251 -8.16 -21.01 -17.72
C TYR B 251 -9.51 -21.71 -17.64
N MET B 252 -9.83 -22.31 -16.49
CA MET B 252 -11.11 -23.00 -16.37
C MET B 252 -12.31 -22.08 -16.49
N PRO B 253 -12.36 -20.91 -15.83
CA PRO B 253 -13.50 -20.01 -16.09
C PRO B 253 -13.59 -19.59 -17.55
N SER B 254 -12.46 -19.35 -18.20
CA SER B 254 -12.49 -18.94 -19.61
C SER B 254 -12.95 -20.07 -20.51
N ILE B 255 -12.46 -21.29 -20.26
CA ILE B 255 -12.87 -22.43 -21.09
C ILE B 255 -14.36 -22.69 -20.94
N LEU B 256 -14.86 -22.67 -19.70
CA LEU B 256 -16.26 -23.00 -19.47
C LEU B 256 -17.19 -21.96 -20.07
N ILE B 257 -16.82 -20.68 -20.01
CA ILE B 257 -17.63 -19.64 -20.63
C ILE B 257 -17.59 -19.78 -22.15
N THR B 258 -16.43 -20.12 -22.70
CA THR B 258 -16.32 -20.32 -24.15
C THR B 258 -17.22 -21.47 -24.60
N ILE B 259 -17.25 -22.57 -23.84
CA ILE B 259 -18.10 -23.70 -24.19
C ILE B 259 -19.56 -23.31 -24.11
N LEU B 260 -19.92 -22.49 -23.13
CA LEU B 260 -21.30 -22.04 -23.01
C LEU B 260 -21.73 -21.21 -24.21
N SER B 261 -20.80 -20.45 -24.80
CA SER B 261 -21.14 -19.67 -25.99
C SER B 261 -21.49 -20.54 -27.17
N TRP B 262 -21.04 -21.79 -27.19
CA TRP B 262 -21.38 -22.71 -28.27
C TRP B 262 -22.77 -23.29 -28.11
N VAL B 263 -23.41 -23.13 -26.96
CA VAL B 263 -24.75 -23.68 -26.76
C VAL B 263 -25.73 -23.05 -27.73
N SER B 264 -25.50 -21.79 -28.10
CA SER B 264 -26.40 -21.11 -29.02
C SER B 264 -26.46 -21.80 -30.37
N PHE B 265 -25.38 -22.48 -30.78
CA PHE B 265 -25.38 -23.17 -32.06
C PHE B 265 -26.42 -24.27 -32.11
N TRP B 266 -26.78 -24.82 -30.96
CA TRP B 266 -27.79 -25.87 -30.86
C TRP B 266 -29.18 -25.32 -30.56
N ILE B 267 -29.33 -24.00 -30.53
CA ILE B 267 -30.63 -23.36 -30.28
CA ILE B 267 -30.62 -23.37 -30.28
C ILE B 267 -31.25 -22.99 -31.61
N ASN B 268 -32.58 -23.09 -31.69
CA ASN B 268 -33.30 -22.77 -32.91
C ASN B 268 -33.00 -21.35 -33.36
N TYR B 269 -32.86 -21.15 -34.67
CA TYR B 269 -32.50 -19.85 -35.20
C TYR B 269 -33.57 -18.80 -34.92
N ASP B 270 -34.82 -19.23 -34.77
CA ASP B 270 -35.89 -18.28 -34.49
C ASP B 270 -35.80 -17.67 -33.11
N ALA B 271 -35.12 -18.33 -32.18
CA ALA B 271 -35.00 -17.85 -30.80
C ALA B 271 -33.95 -16.73 -30.76
N SER B 272 -34.33 -15.60 -31.36
CA SER B 272 -33.43 -14.45 -31.40
C SER B 272 -33.15 -13.92 -30.01
N ALA B 273 -34.18 -13.84 -29.16
CA ALA B 273 -33.98 -13.35 -27.80
C ALA B 273 -33.07 -14.27 -27.02
N ALA B 274 -33.21 -15.59 -27.20
CA ALA B 274 -32.41 -16.54 -26.45
C ALA B 274 -30.95 -16.51 -26.89
N ARG B 275 -30.70 -16.57 -28.19
CA ARG B 275 -29.33 -16.67 -28.68
C ARG B 275 -28.58 -15.37 -28.52
N VAL B 276 -29.24 -14.24 -28.72
CA VAL B 276 -28.58 -12.96 -28.50
C VAL B 276 -28.27 -12.77 -27.02
N ALA B 277 -29.22 -13.11 -26.14
CA ALA B 277 -28.97 -13.01 -24.72
C ALA B 277 -27.85 -13.95 -24.29
N LEU B 278 -27.83 -15.16 -24.83
CA LEU B 278 -26.75 -16.09 -24.52
C LEU B 278 -25.41 -15.58 -25.05
N GLY B 279 -25.39 -15.06 -26.28
CA GLY B 279 -24.14 -14.63 -26.87
C GLY B 279 -23.58 -13.39 -26.19
N ILE B 280 -24.40 -12.36 -26.00
CA ILE B 280 -23.89 -11.11 -25.45
C ILE B 280 -23.58 -11.21 -23.97
N THR B 281 -24.23 -12.13 -23.24
CA THR B 281 -23.91 -12.29 -21.84
C THR B 281 -22.60 -13.06 -21.65
N THR B 282 -22.32 -14.03 -22.53
CA THR B 282 -21.02 -14.68 -22.48
C THR B 282 -19.89 -13.70 -22.79
N VAL B 283 -20.12 -12.78 -23.73
CA VAL B 283 -19.15 -11.72 -23.98
C VAL B 283 -18.96 -10.87 -22.73
N LEU B 284 -20.08 -10.51 -22.08
CA LEU B 284 -20.00 -9.75 -20.84
C LEU B 284 -19.30 -10.56 -19.75
N THR B 285 -19.59 -11.85 -19.67
CA THR B 285 -18.94 -12.69 -18.67
C THR B 285 -17.44 -12.81 -18.94
N MET B 286 -17.06 -12.95 -20.21
CA MET B 286 -15.63 -12.97 -20.56
C MET B 286 -14.97 -11.65 -20.21
N THR B 287 -15.67 -10.54 -20.44
CA THR B 287 -15.17 -9.24 -20.00
C THR B 287 -15.04 -9.19 -18.49
N THR B 288 -16.00 -9.75 -17.76
CA THR B 288 -15.93 -9.74 -16.31
C THR B 288 -14.73 -10.54 -15.81
N ILE B 289 -14.49 -11.71 -16.40
CA ILE B 289 -13.33 -12.51 -16.01
C ILE B 289 -12.04 -11.77 -16.33
N ASN B 290 -11.97 -11.17 -17.52
CA ASN B 290 -10.75 -10.51 -17.95
C ASN B 290 -10.46 -9.26 -17.10
N THR B 291 -11.49 -8.49 -16.77
CA THR B 291 -11.28 -7.29 -15.99
C THR B 291 -11.02 -7.60 -14.51
N HIS B 292 -11.58 -8.70 -14.00
CA HIS B 292 -11.24 -9.13 -12.65
C HIS B 292 -9.77 -9.54 -12.56
N LEU B 293 -9.30 -10.31 -13.54
CA LEU B 293 -7.91 -10.77 -13.51
C LEU B 293 -6.95 -9.62 -13.68
N ARG B 294 -7.35 -8.56 -14.38
CA ARG B 294 -6.50 -7.38 -14.51
C ARG B 294 -6.26 -6.70 -13.18
N GLU B 295 -7.13 -6.93 -12.20
CA GLU B 295 -6.98 -6.36 -10.86
C GLU B 295 -6.18 -7.27 -9.94
N THR B 296 -6.53 -8.55 -9.88
CA THR B 296 -5.91 -9.45 -8.92
C THR B 296 -4.49 -9.83 -9.32
N LEU B 297 -4.26 -10.07 -10.61
CA LEU B 297 -2.93 -10.44 -11.07
C LEU B 297 -2.01 -9.23 -11.01
N PRO B 298 -0.70 -9.46 -10.93
CA PRO B 298 0.24 -8.32 -10.95
C PRO B 298 0.14 -7.55 -12.25
N LYS B 299 0.29 -6.23 -12.16
CA LYS B 299 0.12 -5.36 -13.31
C LYS B 299 1.42 -5.32 -14.10
N ILE B 300 1.52 -6.22 -15.08
CA ILE B 300 2.69 -6.33 -15.94
C ILE B 300 2.30 -5.73 -17.29
N PRO B 301 2.80 -4.57 -17.65
CA PRO B 301 2.21 -3.78 -18.75
C PRO B 301 2.60 -4.19 -20.16
N TYR B 302 3.05 -5.41 -20.39
CA TYR B 302 3.23 -5.90 -21.75
C TYR B 302 2.46 -7.20 -21.93
N VAL B 303 2.44 -7.68 -23.17
CA VAL B 303 1.66 -8.84 -23.54
C VAL B 303 2.34 -10.11 -23.02
N LYS B 304 1.59 -10.92 -22.28
CA LYS B 304 2.06 -12.17 -21.72
C LYS B 304 1.22 -13.31 -22.26
N ALA B 305 1.58 -14.54 -21.89
CA ALA B 305 0.82 -15.70 -22.32
C ALA B 305 -0.59 -15.67 -21.76
N ILE B 306 -0.77 -15.11 -20.56
CA ILE B 306 -2.11 -15.02 -19.98
C ILE B 306 -2.99 -14.10 -20.81
N ASP B 307 -2.43 -13.04 -21.38
CA ASP B 307 -3.22 -12.11 -22.18
C ASP B 307 -3.65 -12.74 -23.49
N MET B 308 -2.77 -13.51 -24.12
CA MET B 308 -3.10 -14.14 -25.39
C MET B 308 -4.23 -15.14 -25.24
N TYR B 309 -4.26 -15.87 -24.13
CA TYR B 309 -5.33 -16.85 -23.93
C TYR B 309 -6.66 -16.16 -23.65
N LEU B 310 -6.65 -15.12 -22.83
CA LEU B 310 -7.88 -14.40 -22.54
C LEU B 310 -8.39 -13.67 -23.78
N MET B 311 -7.49 -13.08 -24.56
CA MET B 311 -7.88 -12.46 -25.81
C MET B 311 -8.40 -13.49 -26.81
N GLY B 312 -7.76 -14.66 -26.86
CA GLY B 312 -8.23 -15.70 -27.75
C GLY B 312 -9.62 -16.19 -27.38
N CYS B 313 -9.88 -16.39 -26.09
CA CYS B 313 -11.21 -16.79 -25.66
C CYS B 313 -12.23 -15.69 -25.93
N PHE B 314 -11.84 -14.43 -25.77
CA PHE B 314 -12.76 -13.33 -26.04
C PHE B 314 -13.10 -13.23 -27.52
N VAL B 315 -12.17 -13.62 -28.40
CA VAL B 315 -12.47 -13.62 -29.82
C VAL B 315 -13.48 -14.71 -30.16
N PHE B 316 -13.36 -15.87 -29.52
CA PHE B 316 -14.28 -16.97 -29.81
C PHE B 316 -15.71 -16.62 -29.41
N VAL B 317 -15.90 -16.05 -28.22
CA VAL B 317 -17.25 -15.68 -27.81
C VAL B 317 -17.76 -14.51 -28.64
N PHE B 318 -16.86 -13.64 -29.09
CA PHE B 318 -17.23 -12.59 -30.03
C PHE B 318 -17.68 -13.18 -31.36
N LEU B 319 -16.96 -14.18 -31.86
CA LEU B 319 -17.32 -14.78 -33.14
C LEU B 319 -18.59 -15.62 -33.04
N ALA B 320 -18.82 -16.26 -31.90
CA ALA B 320 -20.04 -17.04 -31.72
C ALA B 320 -21.28 -16.16 -31.79
N LEU B 321 -21.18 -14.92 -31.27
CA LEU B 321 -22.30 -14.00 -31.36
C LEU B 321 -22.45 -13.46 -32.78
N LEU B 322 -21.33 -13.20 -33.46
CA LEU B 322 -21.41 -12.81 -34.87
C LEU B 322 -21.99 -13.93 -35.72
N GLU B 323 -21.83 -15.18 -35.30
CA GLU B 323 -22.38 -16.30 -36.06
C GLU B 323 -23.90 -16.22 -36.12
N TYR B 324 -24.56 -15.87 -35.02
CA TYR B 324 -26.01 -15.77 -35.05
C TYR B 324 -26.46 -14.58 -35.88
N ALA B 325 -25.79 -13.43 -35.72
CA ALA B 325 -26.14 -12.27 -36.52
C ALA B 325 -26.06 -12.57 -38.00
N PHE B 326 -25.06 -13.37 -38.39
CA PHE B 326 -25.00 -13.86 -39.77
C PHE B 326 -26.17 -14.78 -40.06
N VAL B 327 -26.48 -15.68 -39.13
CA VAL B 327 -27.58 -16.62 -39.32
C VAL B 327 -28.92 -15.89 -39.42
N ASN B 328 -29.14 -14.92 -38.53
CA ASN B 328 -30.38 -14.17 -38.56
C ASN B 328 -30.50 -13.35 -39.84
N TYR B 329 -29.41 -12.73 -40.28
CA TYR B 329 -29.45 -11.91 -41.48
C TYR B 329 -29.70 -12.75 -42.72
N ILE B 330 -29.13 -13.94 -42.78
CA ILE B 330 -29.34 -14.80 -43.95
C ILE B 330 -30.79 -15.21 -44.05
N PHE B 331 -31.43 -15.54 -42.93
CA PHE B 331 -32.81 -16.01 -42.97
C PHE B 331 -33.78 -14.86 -43.25
N PHE B 332 -33.57 -13.70 -42.65
CA PHE B 332 -34.50 -12.59 -42.77
C PHE B 332 -34.10 -11.58 -43.84
N GLY B 333 -32.84 -11.13 -43.82
CA GLY B 333 -32.41 -10.15 -44.80
C GLY B 333 -32.40 -10.69 -46.21
N ARG B 334 -31.86 -11.89 -46.39
CA ARG B 334 -31.74 -12.51 -47.71
C ARG B 334 -32.76 -13.61 -47.93
N GLY B 335 -33.73 -13.75 -47.04
CA GLY B 335 -34.72 -14.80 -47.16
C GLY B 335 -35.74 -14.54 -48.26
N PRO B 336 -36.53 -13.48 -48.12
CA PRO B 336 -37.50 -13.16 -49.17
C PRO B 336 -36.87 -12.94 -50.53
N GLN B 337 -35.65 -12.39 -50.57
CA GLN B 337 -34.98 -12.17 -51.84
C GLN B 337 -34.73 -13.49 -52.57
N ARG B 338 -34.34 -14.52 -51.82
CA ARG B 338 -34.06 -15.88 -52.33
C ARG B 338 -33.44 -15.91 -53.72
N ILE B 439 -16.20 -24.54 -45.47
CA ILE B 439 -17.08 -23.40 -45.67
C ILE B 439 -18.50 -23.88 -45.92
N PRO B 440 -19.45 -23.39 -45.12
CA PRO B 440 -20.84 -23.84 -45.26
C PRO B 440 -21.50 -23.31 -46.52
N ASP B 441 -22.79 -23.63 -46.70
CA ASP B 441 -23.49 -23.22 -47.91
C ASP B 441 -23.66 -21.71 -47.98
N LEU B 442 -23.74 -21.03 -46.84
CA LEU B 442 -23.93 -19.59 -46.69
C LEU B 442 -25.31 -19.12 -47.13
N THR B 443 -26.16 -20.01 -47.65
CA THR B 443 -27.54 -19.69 -47.94
C THR B 443 -28.52 -20.55 -47.16
N ASP B 444 -28.06 -21.62 -46.53
CA ASP B 444 -28.90 -22.48 -45.70
C ASP B 444 -28.63 -22.15 -44.24
N VAL B 445 -29.69 -21.78 -43.52
CA VAL B 445 -29.55 -21.37 -42.13
C VAL B 445 -29.12 -22.55 -41.27
N ASN B 446 -29.69 -23.73 -41.52
CA ASN B 446 -29.32 -24.90 -40.74
C ASN B 446 -27.88 -25.33 -40.99
N ALA B 447 -27.39 -25.16 -42.22
CA ALA B 447 -26.03 -25.57 -42.53
C ALA B 447 -25.00 -24.75 -41.75
N ILE B 448 -25.27 -23.45 -41.60
CA ILE B 448 -24.33 -22.59 -40.88
C ILE B 448 -24.25 -23.01 -39.42
N ASP B 449 -25.38 -23.30 -38.79
CA ASP B 449 -25.36 -23.77 -37.41
C ASP B 449 -24.67 -25.12 -37.30
N ARG B 450 -24.96 -26.06 -38.21
CA ARG B 450 -24.31 -27.35 -38.16
C ARG B 450 -22.82 -27.25 -38.45
N TRP B 451 -22.42 -26.29 -39.29
CA TRP B 451 -21.00 -26.03 -39.49
C TRP B 451 -20.35 -25.50 -38.22
N SER B 452 -21.02 -24.58 -37.52
CA SER B 452 -20.44 -23.99 -36.33
C SER B 452 -20.39 -24.97 -35.17
N ARG B 453 -21.28 -25.96 -35.15
CA ARG B 453 -21.26 -26.97 -34.10
C ARG B 453 -20.00 -27.81 -34.13
N ILE B 454 -19.30 -27.87 -35.26
CA ILE B 454 -18.08 -28.62 -35.41
C ILE B 454 -16.86 -27.72 -35.33
N VAL B 455 -16.89 -26.61 -36.07
CA VAL B 455 -15.68 -25.80 -36.25
C VAL B 455 -15.30 -25.09 -34.96
N PHE B 456 -16.28 -24.50 -34.26
CA PHE B 456 -15.96 -23.78 -33.04
C PHE B 456 -15.35 -24.67 -31.97
N PRO B 457 -15.90 -25.85 -31.65
CA PRO B 457 -15.17 -26.75 -30.75
C PRO B 457 -13.83 -27.19 -31.30
N PHE B 458 -13.73 -27.38 -32.62
CA PHE B 458 -12.49 -27.87 -33.20
C PHE B 458 -11.41 -26.80 -33.21
N THR B 459 -11.76 -25.57 -33.60
CA THR B 459 -10.77 -24.50 -33.64
C THR B 459 -10.30 -24.13 -32.23
N PHE B 460 -11.20 -24.15 -31.25
CA PHE B 460 -10.80 -23.83 -29.89
C PHE B 460 -9.88 -24.90 -29.32
N SER B 461 -10.13 -26.16 -29.66
CA SER B 461 -9.18 -27.21 -29.30
C SER B 461 -7.84 -27.00 -29.99
N LEU B 462 -7.88 -26.63 -31.27
CA LEU B 462 -6.65 -26.34 -32.00
C LEU B 462 -5.96 -25.10 -31.42
N PHE B 463 -6.74 -24.11 -30.99
CA PHE B 463 -6.16 -22.94 -30.36
C PHE B 463 -5.44 -23.31 -29.06
N ASN B 464 -6.05 -24.20 -28.27
CA ASN B 464 -5.39 -24.65 -27.04
C ASN B 464 -4.15 -25.47 -27.34
N LEU B 465 -4.22 -26.34 -28.35
CA LEU B 465 -3.07 -27.16 -28.69
C LEU B 465 -1.89 -26.28 -29.12
N VAL B 466 -2.16 -25.29 -29.95
CA VAL B 466 -1.09 -24.37 -30.35
C VAL B 466 -0.62 -23.55 -29.15
N TYR B 467 -1.55 -23.16 -28.28
CA TYR B 467 -1.19 -22.34 -27.12
C TYR B 467 -0.33 -23.12 -26.14
N TRP B 468 -0.76 -24.33 -25.77
CA TRP B 468 -0.06 -25.06 -24.73
C TRP B 468 1.26 -25.65 -25.20
N LEU B 469 1.34 -26.08 -26.46
CA LEU B 469 2.62 -26.55 -26.98
C LEU B 469 3.63 -25.41 -27.05
N TYR B 470 3.17 -24.21 -27.42
CA TYR B 470 4.07 -23.08 -27.55
C TYR B 470 4.56 -22.55 -26.21
N TYR B 471 3.84 -22.82 -25.13
CA TYR B 471 4.19 -22.24 -23.83
C TYR B 471 4.62 -23.27 -22.79
N VAL B 472 4.07 -24.47 -22.81
CA VAL B 472 4.48 -25.49 -21.87
C VAL B 472 5.81 -26.09 -22.32
N GLY C 64 25.80 10.33 46.31
CA GLY C 64 24.93 9.30 46.85
C GLY C 64 25.57 7.91 46.83
N ASP C 65 25.17 7.06 47.77
CA ASP C 65 25.73 5.71 47.82
C ASP C 65 25.31 4.88 46.61
N VAL C 66 24.15 5.18 46.03
CA VAL C 66 23.74 4.45 44.84
C VAL C 66 24.66 4.77 43.67
N THR C 67 25.07 6.02 43.53
CA THR C 67 26.06 6.38 42.51
C THR C 67 27.36 5.63 42.74
N VAL C 68 27.79 5.52 44.00
CA VAL C 68 29.00 4.79 44.32
C VAL C 68 28.85 3.31 43.94
N ILE C 69 27.70 2.72 44.23
CA ILE C 69 27.47 1.31 43.90
C ILE C 69 27.54 1.12 42.39
N LEU C 70 26.85 1.98 41.64
CA LEU C 70 26.82 1.83 40.19
C LEU C 70 28.20 2.01 39.58
N ASN C 71 28.98 2.97 40.08
CA ASN C 71 30.33 3.18 39.57
C ASN C 71 31.23 1.98 39.86
N ASN C 72 31.11 1.42 41.07
CA ASN C 72 31.93 0.26 41.43
C ASN C 72 31.59 -0.94 40.57
N LEU C 73 30.31 -1.15 40.28
CA LEU C 73 29.92 -2.31 39.47
C LEU C 73 30.47 -2.22 38.06
N LEU C 74 30.62 -1.01 37.53
CA LEU C 74 31.11 -0.82 36.18
C LEU C 74 32.62 -0.66 36.11
N GLU C 75 33.30 -0.61 37.25
CA GLU C 75 34.75 -0.44 37.26
C GLU C 75 35.41 -1.77 36.95
N GLY C 76 36.17 -1.83 35.86
CA GLY C 76 36.78 -3.07 35.44
C GLY C 76 35.84 -4.05 34.78
N TYR C 77 34.61 -3.63 34.49
CA TYR C 77 33.60 -4.50 33.91
C TYR C 77 33.72 -4.47 32.39
N ASP C 78 33.82 -5.64 31.78
CA ASP C 78 33.92 -5.78 30.33
C ASP C 78 32.61 -6.36 29.82
N ASN C 79 31.79 -5.52 29.18
CA ASN C 79 30.52 -5.98 28.64
C ASN C 79 30.69 -6.89 27.43
N LYS C 80 31.89 -6.97 26.87
CA LYS C 80 32.15 -7.87 25.75
C LYS C 80 32.20 -9.33 26.18
N LEU C 81 32.32 -9.60 27.47
CA LEU C 81 32.50 -10.96 27.98
C LEU C 81 31.22 -11.44 28.64
N ARG C 82 30.77 -12.62 28.22
CA ARG C 82 29.62 -13.25 28.83
C ARG C 82 29.95 -13.68 30.26
N PRO C 83 29.00 -13.61 31.19
CA PRO C 83 29.24 -14.13 32.54
C PRO C 83 29.56 -15.61 32.50
N ASP C 84 30.51 -16.02 33.35
CA ASP C 84 30.99 -17.40 33.39
C ASP C 84 31.47 -17.86 32.01
N ILE C 85 32.31 -17.02 31.38
CA ILE C 85 32.65 -17.22 29.99
C ILE C 85 33.44 -18.52 29.79
N GLY C 86 34.28 -18.88 30.74
CA GLY C 86 35.04 -20.10 30.61
C GLY C 86 34.74 -21.12 31.67
N VAL C 87 33.56 -21.02 32.30
CA VAL C 87 33.22 -21.85 33.44
C VAL C 87 32.01 -22.73 33.13
N LYS C 88 30.87 -22.09 32.87
CA LYS C 88 29.62 -22.82 32.68
C LYS C 88 28.73 -21.98 31.76
N PRO C 89 27.72 -22.60 31.15
CA PRO C 89 26.77 -21.83 30.35
C PRO C 89 26.03 -20.81 31.19
N THR C 90 25.72 -19.68 30.57
CA THR C 90 24.97 -18.61 31.24
C THR C 90 23.48 -18.93 31.09
N LEU C 91 22.87 -19.38 32.19
CA LEU C 91 21.47 -19.76 32.17
C LEU C 91 20.58 -18.53 32.23
N ILE C 92 19.66 -18.40 31.28
CA ILE C 92 18.79 -17.25 31.16
C ILE C 92 17.35 -17.71 31.28
N HIS C 93 16.60 -17.09 32.19
CA HIS C 93 15.20 -17.40 32.41
C HIS C 93 14.34 -16.35 31.73
N THR C 94 13.43 -16.79 30.86
CA THR C 94 12.68 -15.89 30.02
C THR C 94 11.20 -15.94 30.36
N ASP C 95 10.58 -14.77 30.36
CA ASP C 95 9.13 -14.61 30.46
C ASP C 95 8.63 -13.88 29.24
N MET C 96 7.31 -13.86 29.08
CA MET C 96 6.70 -13.16 27.96
C MET C 96 5.28 -12.77 28.34
N TYR C 97 4.95 -11.50 28.17
CA TYR C 97 3.59 -11.02 28.32
C TYR C 97 3.12 -10.52 26.97
N VAL C 98 2.11 -11.17 26.41
CA VAL C 98 1.61 -10.82 25.08
C VAL C 98 0.59 -9.70 25.24
N ASN C 99 0.98 -8.48 24.83
CA ASN C 99 0.07 -7.34 24.88
C ASN C 99 -1.07 -7.52 23.90
N SER C 100 -0.77 -7.94 22.68
CA SER C 100 -1.77 -8.18 21.66
C SER C 100 -1.13 -8.96 20.52
N ILE C 101 -1.90 -9.85 19.93
CA ILE C 101 -1.49 -10.54 18.70
C ILE C 101 -2.17 -9.82 17.55
N GLY C 102 -1.38 -9.12 16.74
CA GLY C 102 -1.89 -8.30 15.68
C GLY C 102 -2.51 -9.13 14.58
N PRO C 103 -2.82 -8.49 13.46
CA PRO C 103 -3.49 -9.21 12.37
C PRO C 103 -2.60 -10.31 11.80
N VAL C 104 -3.24 -11.40 11.40
CA VAL C 104 -2.57 -12.47 10.67
C VAL C 104 -2.65 -12.14 9.19
N ASN C 105 -1.51 -11.99 8.55
CA ASN C 105 -1.43 -11.61 7.14
C ASN C 105 -1.16 -12.89 6.35
N ALA C 106 -2.22 -13.47 5.78
CA ALA C 106 -2.06 -14.68 4.99
C ALA C 106 -1.23 -14.43 3.74
N ILE C 107 -1.41 -13.26 3.11
CA ILE C 107 -0.71 -12.97 1.86
C ILE C 107 0.79 -12.96 2.09
N ASN C 108 1.24 -12.35 3.19
CA ASN C 108 2.66 -12.30 3.51
C ASN C 108 3.10 -13.44 4.43
N MET C 109 2.18 -14.33 4.81
CA MET C 109 2.50 -15.48 5.66
C MET C 109 3.17 -15.04 6.96
N GLU C 110 2.54 -14.07 7.63
CA GLU C 110 3.12 -13.51 8.84
C GLU C 110 2.01 -13.02 9.75
N TYR C 111 2.34 -12.85 11.02
CA TYR C 111 1.45 -12.25 11.99
C TYR C 111 2.25 -11.28 12.84
N THR C 112 1.55 -10.29 13.39
CA THR C 112 2.16 -9.30 14.27
C THR C 112 1.87 -9.67 15.72
N ILE C 113 2.87 -9.49 16.58
CA ILE C 113 2.72 -9.75 18.00
C ILE C 113 3.44 -8.64 18.76
N ASP C 114 2.86 -8.24 19.89
CA ASP C 114 3.42 -7.21 20.75
C ASP C 114 3.58 -7.81 22.14
N ILE C 115 4.81 -7.80 22.66
CA ILE C 115 5.11 -8.46 23.92
C ILE C 115 5.96 -7.58 24.82
N PHE C 116 5.94 -7.91 26.11
CA PHE C 116 6.94 -7.46 27.07
C PHE C 116 7.88 -8.63 27.31
N PHE C 117 9.09 -8.55 26.79
CA PHE C 117 10.04 -9.66 26.82
C PHE C 117 10.98 -9.49 28.00
N ALA C 118 10.96 -10.45 28.92
CA ALA C 118 11.76 -10.41 30.13
C ALA C 118 12.80 -11.52 30.12
N GLN C 119 14.02 -11.19 30.54
CA GLN C 119 15.12 -12.14 30.61
C GLN C 119 15.84 -11.96 31.94
N THR C 120 16.09 -13.07 32.63
CA THR C 120 16.73 -13.05 33.94
C THR C 120 17.95 -13.95 33.94
N TRP C 121 19.06 -13.45 34.46
CA TRP C 121 20.28 -14.23 34.56
C TRP C 121 21.13 -13.68 35.70
N TYR C 122 22.13 -14.47 36.09
CA TYR C 122 23.05 -14.08 37.16
C TYR C 122 24.36 -13.60 36.56
N ASP C 123 24.87 -12.48 37.10
CA ASP C 123 26.16 -11.94 36.72
C ASP C 123 26.93 -11.65 38.00
N ARG C 124 27.92 -12.49 38.31
CA ARG C 124 28.66 -12.33 39.55
C ARG C 124 29.46 -11.03 39.60
N ARG C 125 29.75 -10.42 38.45
CA ARG C 125 30.41 -9.13 38.43
C ARG C 125 29.52 -8.00 38.95
N LEU C 126 28.23 -8.25 39.10
CA LEU C 126 27.28 -7.23 39.52
C LEU C 126 26.80 -7.42 40.96
N LYS C 127 27.50 -8.24 41.74
CA LYS C 127 27.19 -8.36 43.16
C LYS C 127 27.63 -7.09 43.90
N PHE C 128 26.83 -6.69 44.88
CA PHE C 128 27.19 -5.54 45.70
C PHE C 128 26.65 -5.74 47.11
N ASN C 129 27.31 -5.09 48.06
CA ASN C 129 26.95 -5.19 49.47
C ASN C 129 26.47 -3.82 49.96
N SER C 130 25.20 -3.73 50.30
CA SER C 130 24.62 -2.51 50.84
C SER C 130 23.26 -2.85 51.43
N THR C 131 22.70 -1.89 52.15
CA THR C 131 21.33 -2.05 52.65
C THR C 131 20.33 -2.11 51.51
N ILE C 132 20.65 -1.48 50.38
CA ILE C 132 19.81 -1.57 49.20
C ILE C 132 19.93 -2.98 48.61
N LYS C 133 18.79 -3.62 48.37
CA LYS C 133 18.78 -5.00 47.92
C LYS C 133 18.48 -5.14 46.44
N VAL C 134 18.08 -4.08 45.76
CA VAL C 134 17.78 -4.14 44.32
C VAL C 134 17.96 -2.76 43.73
N LEU C 135 18.68 -2.69 42.62
CA LEU C 135 18.88 -1.45 41.87
C LEU C 135 17.85 -1.41 40.75
N ARG C 136 16.85 -0.53 40.90
CA ARG C 136 15.79 -0.38 39.90
C ARG C 136 16.19 0.73 38.96
N LEU C 137 16.70 0.36 37.79
CA LEU C 137 17.25 1.29 36.83
C LEU C 137 16.38 1.36 35.58
N ASN C 138 16.56 2.43 34.82
CA ASN C 138 15.91 2.57 33.53
C ASN C 138 16.84 2.05 32.44
N SER C 139 16.54 2.34 31.18
CA SER C 139 17.32 1.85 30.06
C SER C 139 18.72 2.45 29.97
N ASN C 140 19.11 3.31 30.91
CA ASN C 140 20.42 3.96 30.82
C ASN C 140 21.56 2.95 30.90
N MET C 141 21.46 1.98 31.80
CA MET C 141 22.55 1.05 32.05
C MET C 141 22.49 -0.21 31.20
N VAL C 142 21.50 -0.32 30.31
CA VAL C 142 21.37 -1.52 29.49
C VAL C 142 22.57 -1.69 28.59
N GLY C 143 23.05 -0.61 27.98
CA GLY C 143 24.22 -0.70 27.13
C GLY C 143 25.55 -0.79 27.84
N LYS C 144 25.55 -0.68 29.16
CA LYS C 144 26.80 -0.70 29.91
C LYS C 144 27.19 -2.09 30.35
N ILE C 145 26.22 -2.98 30.57
CA ILE C 145 26.48 -4.32 31.07
C ILE C 145 26.31 -5.30 29.92
N TRP C 146 26.70 -6.55 30.16
CA TRP C 146 26.51 -7.59 29.16
C TRP C 146 25.04 -7.95 29.05
N ILE C 147 24.55 -8.01 27.82
CA ILE C 147 23.16 -8.33 27.52
C ILE C 147 23.16 -9.52 26.57
N PRO C 148 22.36 -10.55 26.83
CA PRO C 148 22.29 -11.67 25.87
C PRO C 148 21.81 -11.20 24.51
N ASP C 149 22.38 -11.80 23.47
CA ASP C 149 22.04 -11.44 22.09
C ASP C 149 20.81 -12.20 21.61
N THR C 150 19.73 -12.13 22.38
CA THR C 150 18.52 -12.87 22.04
C THR C 150 17.87 -12.21 20.83
N PHE C 151 17.67 -13.00 19.78
CA PHE C 151 16.94 -12.58 18.60
C PHE C 151 15.82 -13.57 18.35
N PHE C 152 14.87 -13.17 17.51
CA PHE C 152 13.73 -14.01 17.17
C PHE C 152 13.95 -14.61 15.79
N ARG C 153 14.00 -15.94 15.73
CA ARG C 153 14.48 -16.63 14.54
C ARG C 153 13.54 -16.46 13.36
N ASN C 154 12.24 -16.51 13.60
CA ASN C 154 11.26 -16.38 12.52
C ASN C 154 10.73 -14.96 12.38
N SER C 155 11.46 -13.99 12.91
CA SER C 155 11.04 -12.59 12.84
C SER C 155 11.34 -12.04 11.46
N LYS C 156 10.30 -11.71 10.71
CA LYS C 156 10.50 -11.00 9.45
C LYS C 156 10.94 -9.57 9.70
N LYS C 157 10.37 -8.94 10.74
CA LYS C 157 10.67 -7.57 11.08
C LYS C 157 10.28 -7.37 12.52
N ALA C 158 11.16 -6.75 13.31
CA ALA C 158 10.89 -6.49 14.71
C ALA C 158 11.49 -5.15 15.09
N ASP C 159 10.95 -4.55 16.14
CA ASP C 159 11.44 -3.28 16.61
C ASP C 159 11.08 -3.11 18.08
N ALA C 160 12.02 -2.58 18.85
CA ALA C 160 11.72 -2.15 20.20
C ALA C 160 10.98 -0.83 20.15
N HIS C 161 10.59 -0.32 21.31
CA HIS C 161 9.83 0.92 21.38
C HIS C 161 10.67 2.02 22.01
N TRP C 162 10.51 3.24 21.49
CA TRP C 162 11.39 4.34 21.83
C TRP C 162 10.63 5.60 22.22
N ILE C 163 9.32 5.53 22.42
CA ILE C 163 8.49 6.65 22.81
C ILE C 163 7.97 6.38 24.21
N THR C 164 8.22 7.30 25.14
CA THR C 164 8.94 8.54 24.89
C THR C 164 10.43 8.37 25.12
N THR C 165 10.79 7.30 25.81
CA THR C 165 12.15 6.88 26.07
C THR C 165 12.25 5.41 25.72
N PRO C 166 13.48 4.87 25.60
CA PRO C 166 13.61 3.42 25.37
C PRO C 166 12.80 2.60 26.36
N ASN C 167 11.82 1.85 25.86
CA ASN C 167 10.92 1.07 26.70
C ASN C 167 11.66 -0.14 27.25
N ARG C 168 12.62 0.07 28.15
CA ARG C 168 13.44 -1.00 28.68
C ARG C 168 13.55 -0.88 30.19
N MET C 169 13.74 -2.01 30.84
CA MET C 169 13.85 -2.09 32.29
C MET C 169 15.11 -2.87 32.64
N LEU C 170 15.78 -2.46 33.70
CA LEU C 170 16.96 -3.16 34.19
C LEU C 170 16.96 -3.13 35.71
N ARG C 171 16.87 -4.29 36.33
CA ARG C 171 16.91 -4.41 37.78
C ARG C 171 18.01 -5.39 38.17
N ILE C 172 18.86 -4.97 39.12
CA ILE C 172 19.99 -5.77 39.57
C ILE C 172 19.86 -5.98 41.06
N TRP C 173 19.80 -7.23 41.49
CA TRP C 173 19.78 -7.56 42.91
C TRP C 173 21.20 -7.70 43.43
N ASN C 174 21.35 -7.64 44.75
CA ASN C 174 22.68 -7.60 45.34
C ASN C 174 23.44 -8.91 45.19
N ASP C 175 22.77 -10.00 44.84
CA ASP C 175 23.43 -11.26 44.59
C ASP C 175 23.86 -11.42 43.14
N GLY C 176 23.62 -10.41 42.30
CA GLY C 176 24.02 -10.44 40.91
C GLY C 176 22.91 -10.79 39.95
N ARG C 177 21.74 -11.22 40.43
CA ARG C 177 20.65 -11.53 39.54
C ARG C 177 20.21 -10.28 38.79
N VAL C 178 20.02 -10.42 37.48
CA VAL C 178 19.69 -9.30 36.60
C VAL C 178 18.35 -9.59 35.95
N LEU C 179 17.43 -8.64 36.06
CA LEU C 179 16.17 -8.70 35.33
C LEU C 179 16.17 -7.61 34.28
N TYR C 180 16.01 -8.02 33.02
CA TYR C 180 16.02 -7.11 31.89
C TYR C 180 14.73 -7.31 31.10
N THR C 181 13.96 -6.25 30.94
CA THR C 181 12.69 -6.29 30.23
C THR C 181 12.67 -5.21 29.17
N LEU C 182 12.05 -5.51 28.02
CA LEU C 182 11.85 -4.51 26.99
C LEU C 182 10.60 -4.86 26.20
N ARG C 183 10.00 -3.84 25.60
CA ARG C 183 8.80 -4.03 24.81
C ARG C 183 9.16 -4.22 23.35
N LEU C 184 8.53 -5.20 22.71
CA LEU C 184 8.85 -5.57 21.34
C LEU C 184 7.59 -5.72 20.51
N THR C 185 7.68 -5.32 19.24
CA THR C 185 6.66 -5.58 18.24
C THR C 185 7.31 -6.38 17.13
N ILE C 186 6.80 -7.58 16.87
CA ILE C 186 7.45 -8.55 16.00
C ILE C 186 6.49 -8.94 14.90
N ASP C 187 6.97 -8.91 13.65
CA ASP C 187 6.29 -9.53 12.52
C ASP C 187 6.93 -10.90 12.32
N ALA C 188 6.25 -11.94 12.80
CA ALA C 188 6.81 -13.28 12.80
C ALA C 188 6.26 -14.09 11.64
N GLU C 189 7.15 -14.83 10.98
CA GLU C 189 6.74 -15.68 9.87
C GLU C 189 5.87 -16.82 10.37
N CYS C 190 4.76 -17.06 9.66
CA CYS C 190 3.89 -18.19 9.94
C CYS C 190 3.43 -18.77 8.62
N GLN C 191 3.94 -19.94 8.27
CA GLN C 191 3.55 -20.61 7.02
C GLN C 191 2.19 -21.26 7.21
N LEU C 192 1.19 -20.74 6.52
CA LEU C 192 -0.19 -21.17 6.69
C LEU C 192 -0.53 -22.23 5.66
N GLN C 193 -1.09 -23.34 6.13
CA GLN C 193 -1.62 -24.38 5.26
C GLN C 193 -3.10 -24.08 5.07
N LEU C 194 -3.44 -23.49 3.92
CA LEU C 194 -4.78 -22.98 3.66
C LEU C 194 -5.67 -23.97 2.91
N HIS C 195 -5.42 -25.28 3.08
CA HIS C 195 -6.22 -26.27 2.37
C HIS C 195 -7.67 -26.30 2.86
N ASN C 196 -7.89 -26.05 4.15
CA ASN C 196 -9.22 -26.11 4.73
C ASN C 196 -9.86 -24.74 4.85
N PHE C 197 -9.28 -23.71 4.26
CA PHE C 197 -9.84 -22.36 4.32
C PHE C 197 -11.27 -22.38 3.77
N PRO C 198 -12.21 -21.70 4.43
CA PRO C 198 -12.08 -20.86 5.63
C PRO C 198 -12.29 -21.61 6.94
N MET C 199 -12.20 -22.93 6.94
CA MET C 199 -12.28 -23.72 8.16
C MET C 199 -10.90 -24.17 8.62
N ASP C 200 -9.90 -23.32 8.44
CA ASP C 200 -8.52 -23.67 8.71
C ASP C 200 -8.10 -23.25 10.12
N GLU C 201 -7.28 -24.07 10.74
CA GLU C 201 -6.73 -23.80 12.06
C GLU C 201 -5.21 -23.81 11.97
N HIS C 202 -4.56 -22.87 12.66
CA HIS C 202 -3.13 -22.70 12.55
C HIS C 202 -2.53 -22.57 13.94
N SER C 203 -1.27 -22.95 14.07
CA SER C 203 -0.47 -22.76 15.28
C SER C 203 0.77 -21.97 14.87
N CYS C 204 0.70 -20.66 15.00
CA CYS C 204 1.77 -19.80 14.54
C CYS C 204 2.88 -19.71 15.58
N PRO C 205 4.12 -20.02 15.23
CA PRO C 205 5.19 -20.05 16.22
C PRO C 205 5.86 -18.69 16.42
N LEU C 206 6.58 -18.58 17.53
CA LEU C 206 7.46 -17.46 17.82
C LEU C 206 8.72 -18.04 18.44
N GLU C 207 9.78 -18.14 17.66
CA GLU C 207 11.03 -18.77 18.08
C GLU C 207 12.06 -17.70 18.42
N PHE C 208 12.83 -17.95 19.47
CA PHE C 208 13.95 -17.08 19.78
C PHE C 208 15.08 -17.89 20.37
N SER C 209 16.29 -17.38 20.22
CA SER C 209 17.50 -18.02 20.72
C SER C 209 18.61 -16.98 20.77
N SER C 210 19.79 -17.42 21.15
CA SER C 210 20.97 -16.58 21.09
C SER C 210 21.51 -16.56 19.68
N TYR C 211 21.95 -15.38 19.22
CA TYR C 211 22.46 -15.31 17.86
C TYR C 211 23.85 -15.91 17.75
N GLY C 212 24.72 -15.68 18.73
CA GLY C 212 26.10 -16.08 18.58
C GLY C 212 26.61 -17.04 19.64
N TYR C 213 25.83 -17.29 20.68
CA TYR C 213 26.27 -18.14 21.76
C TYR C 213 25.62 -19.50 21.66
N PRO C 214 26.37 -20.58 21.44
CA PRO C 214 25.76 -21.91 21.36
C PRO C 214 25.31 -22.42 22.72
N ARG C 215 24.78 -23.64 22.76
CA ARG C 215 24.25 -24.19 23.99
C ARG C 215 25.31 -24.36 25.07
N GLU C 216 26.58 -24.46 24.70
CA GLU C 216 27.64 -24.55 25.69
C GLU C 216 27.89 -23.22 26.39
N GLU C 217 27.37 -22.12 25.87
CA GLU C 217 27.61 -20.80 26.43
C GLU C 217 26.36 -20.12 26.95
N ILE C 218 25.23 -20.23 26.26
CA ILE C 218 23.97 -19.65 26.70
C ILE C 218 22.88 -20.70 26.62
N VAL C 219 22.16 -20.89 27.71
CA VAL C 219 21.00 -21.78 27.77
C VAL C 219 19.80 -20.96 28.22
N TYR C 220 18.70 -21.10 27.50
CA TYR C 220 17.45 -20.45 27.87
C TYR C 220 16.52 -21.44 28.55
N GLN C 221 15.67 -20.93 29.43
CA GLN C 221 14.79 -21.77 30.22
C GLN C 221 13.53 -20.99 30.58
N TRP C 222 12.37 -21.59 30.39
CA TRP C 222 11.12 -20.95 30.76
C TRP C 222 10.99 -20.88 32.28
N LYS C 223 10.28 -19.87 32.75
CA LYS C 223 9.98 -19.71 34.17
C LYS C 223 8.68 -20.44 34.49
N ARG C 224 8.14 -20.21 35.69
CA ARG C 224 6.91 -20.87 36.09
C ARG C 224 5.76 -20.49 35.17
N SER C 225 5.52 -19.19 34.99
CA SER C 225 4.52 -18.69 34.05
C SER C 225 5.29 -18.23 32.82
N SER C 226 5.40 -19.12 31.83
CA SER C 226 6.19 -18.82 30.63
C SER C 226 5.59 -17.64 29.88
N VAL C 227 4.36 -17.80 29.37
CA VAL C 227 3.72 -16.79 28.56
C VAL C 227 2.40 -16.41 29.23
N GLU C 228 2.23 -15.11 29.47
CA GLU C 228 1.00 -14.58 30.04
C GLU C 228 0.30 -13.73 29.00
N VAL C 229 -1.03 -13.81 28.99
CA VAL C 229 -1.86 -13.01 28.08
C VAL C 229 -2.87 -12.24 28.91
N GLY C 230 -3.15 -11.02 28.49
CA GLY C 230 -4.12 -10.20 29.19
C GLY C 230 -5.54 -10.43 28.69
N ASP C 231 -6.22 -9.36 28.29
CA ASP C 231 -7.57 -9.48 27.75
C ASP C 231 -7.45 -9.86 26.28
N THR C 232 -7.73 -11.13 25.97
CA THR C 232 -7.67 -11.60 24.60
C THR C 232 -8.72 -10.93 23.72
N ARG C 233 -9.80 -10.42 24.30
CA ARG C 233 -10.84 -9.75 23.54
C ARG C 233 -10.35 -8.41 22.97
N SER C 234 -9.25 -7.88 23.48
CA SER C 234 -8.70 -6.62 23.03
C SER C 234 -7.65 -6.79 21.94
N TRP C 235 -7.42 -8.01 21.46
CA TRP C 235 -6.41 -8.25 20.46
C TRP C 235 -6.92 -7.87 19.07
N ARG C 236 -5.99 -7.74 18.13
CA ARG C 236 -6.29 -7.35 16.77
C ARG C 236 -6.54 -8.54 15.86
N LEU C 237 -7.01 -9.66 16.41
CA LEU C 237 -7.31 -10.84 15.60
C LEU C 237 -8.65 -10.61 14.92
N TYR C 238 -8.59 -10.07 13.70
CA TYR C 238 -9.81 -9.82 12.94
C TYR C 238 -10.43 -11.12 12.43
N GLN C 239 -9.61 -12.00 11.85
CA GLN C 239 -10.12 -13.18 11.18
C GLN C 239 -9.97 -14.46 11.99
N PHE C 240 -9.34 -14.40 13.15
CA PHE C 240 -9.05 -15.60 13.92
C PHE C 240 -9.47 -15.39 15.37
N SER C 241 -9.72 -16.50 16.05
CA SER C 241 -9.97 -16.50 17.48
C SER C 241 -8.84 -17.25 18.16
N PHE C 242 -8.27 -16.64 19.20
CA PHE C 242 -7.19 -17.27 19.93
C PHE C 242 -7.72 -18.48 20.69
N VAL C 243 -7.06 -19.61 20.53
CA VAL C 243 -7.48 -20.87 21.15
C VAL C 243 -6.65 -21.18 22.39
N GLY C 244 -5.33 -21.16 22.24
CA GLY C 244 -4.44 -21.43 23.35
C GLY C 244 -3.02 -21.34 22.87
N LEU C 245 -2.09 -21.45 23.82
CA LEU C 245 -0.67 -21.37 23.50
C LEU C 245 0.08 -22.51 24.17
N ARG C 246 1.18 -22.90 23.53
CA ARG C 246 2.11 -23.89 24.07
C ARG C 246 3.52 -23.34 23.92
N ASN C 247 4.38 -23.67 24.88
CA ASN C 247 5.79 -23.29 24.81
C ASN C 247 6.66 -24.54 24.86
N THR C 248 7.63 -24.61 23.97
CA THR C 248 8.55 -25.74 23.88
C THR C 248 9.98 -25.24 23.94
N THR C 249 10.90 -26.18 24.16
CA THR C 249 12.32 -25.92 24.16
C THR C 249 12.99 -26.99 23.32
N GLU C 250 13.88 -26.59 22.41
CA GLU C 250 14.58 -27.55 21.58
C GLU C 250 15.97 -27.01 21.28
N VAL C 251 16.81 -27.88 20.71
CA VAL C 251 18.16 -27.52 20.29
C VAL C 251 18.21 -27.65 18.78
N VAL C 252 18.58 -26.56 18.11
CA VAL C 252 18.69 -26.52 16.67
C VAL C 252 20.16 -26.45 16.29
N LYS C 253 20.59 -27.33 15.40
CA LYS C 253 21.97 -27.39 14.95
C LYS C 253 22.13 -26.53 13.71
N THR C 254 23.02 -25.55 13.76
CA THR C 254 23.31 -24.69 12.64
C THR C 254 24.79 -24.84 12.27
N THR C 255 25.21 -24.09 11.26
CA THR C 255 26.59 -24.17 10.79
C THR C 255 27.58 -23.55 11.77
N SER C 256 27.11 -22.82 12.78
CA SER C 256 27.98 -22.21 13.77
C SER C 256 27.77 -22.77 15.17
N GLY C 257 27.17 -23.96 15.29
CA GLY C 257 27.00 -24.64 16.55
C GLY C 257 25.58 -25.07 16.77
N ASP C 258 25.31 -25.58 17.97
CA ASP C 258 23.98 -25.99 18.39
C ASP C 258 23.44 -24.99 19.39
N TYR C 259 22.21 -24.53 19.16
CA TYR C 259 21.62 -23.45 19.93
C TYR C 259 20.34 -23.90 20.59
N VAL C 260 20.13 -23.46 21.83
CA VAL C 260 18.87 -23.68 22.52
C VAL C 260 17.83 -22.74 21.94
N VAL C 261 16.74 -23.28 21.41
CA VAL C 261 15.70 -22.50 20.76
C VAL C 261 14.43 -22.63 21.57
N MET C 262 13.83 -21.50 21.91
CA MET C 262 12.59 -21.44 22.66
C MET C 262 11.47 -21.02 21.73
N SER C 263 10.37 -21.76 21.75
CA SER C 263 9.25 -21.50 20.86
C SER C 263 7.98 -21.29 21.68
N VAL C 264 7.13 -20.40 21.19
CA VAL C 264 5.77 -20.26 21.67
C VAL C 264 4.85 -20.42 20.46
N TYR C 265 3.87 -21.30 20.58
CA TYR C 265 2.93 -21.56 19.50
C TYR C 265 1.57 -21.00 19.90
N PHE C 266 0.98 -20.20 19.01
CA PHE C 266 -0.32 -19.61 19.25
C PHE C 266 -1.33 -20.28 18.33
N ASP C 267 -2.25 -21.03 18.91
CA ASP C 267 -3.28 -21.71 18.13
C ASP C 267 -4.35 -20.73 17.71
N LEU C 268 -4.69 -20.73 16.42
CA LEU C 268 -5.68 -19.82 15.87
C LEU C 268 -6.69 -20.60 15.05
N SER C 269 -7.96 -20.28 15.22
CA SER C 269 -9.04 -20.85 14.43
C SER C 269 -9.75 -19.72 13.70
N ARG C 270 -9.94 -19.87 12.40
CA ARG C 270 -10.57 -18.83 11.61
C ARG C 270 -12.06 -18.75 11.93
N ARG C 271 -12.57 -17.52 12.00
CA ARG C 271 -13.99 -17.30 12.18
C ARG C 271 -14.73 -17.49 10.86
N MET C 272 -15.98 -17.94 10.96
CA MET C 272 -16.73 -18.41 9.81
C MET C 272 -17.87 -17.49 9.42
N GLY C 273 -18.25 -16.54 10.27
CA GLY C 273 -19.50 -15.81 10.06
C GLY C 273 -19.53 -15.01 8.77
N TYR C 274 -18.42 -14.35 8.43
CA TYR C 274 -18.40 -13.53 7.22
C TYR C 274 -18.54 -14.38 5.96
N PHE C 275 -17.85 -15.52 5.91
CA PHE C 275 -17.85 -16.33 4.70
C PHE C 275 -19.19 -17.02 4.48
N THR C 276 -19.91 -17.32 5.55
CA THR C 276 -21.23 -17.92 5.40
C THR C 276 -22.21 -16.95 4.76
N ILE C 277 -22.25 -15.71 5.24
CA ILE C 277 -23.15 -14.71 4.70
C ILE C 277 -22.70 -14.26 3.32
N GLN C 278 -21.39 -14.12 3.12
CA GLN C 278 -20.90 -13.49 1.89
C GLN C 278 -20.80 -14.47 0.74
N THR C 279 -20.36 -15.69 0.98
CA THR C 279 -20.07 -16.62 -0.11
C THR C 279 -20.93 -17.86 -0.08
N TYR C 280 -20.99 -18.57 1.05
CA TYR C 280 -21.61 -19.89 1.06
C TYR C 280 -23.11 -19.81 0.80
N ILE C 281 -23.79 -18.84 1.38
CA ILE C 281 -25.23 -18.70 1.19
C ILE C 281 -25.54 -18.11 -0.18
N PRO C 282 -24.93 -17.00 -0.60
CA PRO C 282 -25.22 -16.50 -1.95
C PRO C 282 -24.90 -17.50 -3.05
N CYS C 283 -23.81 -18.27 -2.93
CA CYS C 283 -23.52 -19.28 -3.93
C CYS C 283 -24.57 -20.37 -3.94
N THR C 284 -25.07 -20.74 -2.76
CA THR C 284 -26.14 -21.74 -2.68
C THR C 284 -27.42 -21.22 -3.30
N LEU C 285 -27.74 -19.95 -3.07
CA LEU C 285 -28.97 -19.39 -3.63
C LEU C 285 -28.91 -19.27 -5.14
N ILE C 286 -27.73 -18.98 -5.70
CA ILE C 286 -27.59 -18.94 -7.14
C ILE C 286 -27.78 -20.32 -7.74
N VAL C 287 -27.25 -21.35 -7.07
CA VAL C 287 -27.45 -22.73 -7.52
C VAL C 287 -28.94 -23.10 -7.49
N VAL C 288 -29.63 -22.71 -6.41
CA VAL C 288 -31.05 -23.01 -6.32
C VAL C 288 -31.83 -22.23 -7.36
N LEU C 289 -31.43 -20.97 -7.62
CA LEU C 289 -32.09 -20.19 -8.64
C LEU C 289 -31.93 -20.79 -10.02
N SER C 290 -30.78 -21.45 -10.27
CA SER C 290 -30.58 -22.11 -11.55
C SER C 290 -31.53 -23.29 -11.73
N TRP C 291 -32.02 -23.88 -10.64
CA TRP C 291 -32.98 -24.98 -10.74
C TRP C 291 -34.37 -24.50 -11.11
N VAL C 292 -34.65 -23.19 -11.00
CA VAL C 292 -35.95 -22.66 -11.41
C VAL C 292 -36.20 -22.95 -12.88
N SER C 293 -35.13 -23.05 -13.68
CA SER C 293 -35.27 -23.34 -15.10
C SER C 293 -35.98 -24.66 -15.33
N PHE C 294 -35.73 -25.65 -14.48
CA PHE C 294 -36.33 -26.97 -14.67
C PHE C 294 -37.84 -26.97 -14.50
N TRP C 295 -38.39 -25.97 -13.80
CA TRP C 295 -39.83 -25.83 -13.64
C TRP C 295 -40.45 -24.86 -14.62
N ILE C 296 -39.66 -24.27 -15.50
CA ILE C 296 -40.18 -23.41 -16.56
C ILE C 296 -40.45 -24.26 -17.78
N ASN C 297 -41.48 -23.91 -18.54
CA ASN C 297 -41.80 -24.63 -19.75
C ASN C 297 -40.63 -24.58 -20.72
N LYS C 298 -40.39 -25.71 -21.41
CA LYS C 298 -39.26 -25.78 -22.33
C LYS C 298 -39.45 -24.88 -23.55
N ASP C 299 -40.67 -24.45 -23.83
CA ASP C 299 -40.90 -23.51 -24.93
C ASP C 299 -40.46 -22.10 -24.58
N ALA C 300 -40.25 -21.79 -23.31
CA ALA C 300 -39.81 -20.46 -22.90
C ALA C 300 -38.30 -20.35 -23.09
N VAL C 301 -37.91 -20.33 -24.37
CA VAL C 301 -36.49 -20.30 -24.70
C VAL C 301 -35.81 -19.03 -24.20
N PRO C 302 -36.34 -17.82 -24.43
CA PRO C 302 -35.69 -16.63 -23.86
C PRO C 302 -35.65 -16.63 -22.35
N ALA C 303 -36.67 -17.18 -21.69
CA ALA C 303 -36.72 -17.13 -20.23
C ALA C 303 -35.71 -18.07 -19.60
N ARG C 304 -35.60 -19.30 -20.11
CA ARG C 304 -34.69 -20.27 -19.52
C ARG C 304 -33.25 -20.01 -19.89
N THR C 305 -33.00 -19.53 -21.11
CA THR C 305 -31.63 -19.18 -21.50
C THR C 305 -31.13 -17.97 -20.73
N SER C 306 -31.97 -16.95 -20.57
CA SER C 306 -31.56 -15.77 -19.81
C SER C 306 -31.33 -16.11 -18.34
N LEU C 307 -32.20 -16.95 -17.77
CA LEU C 307 -32.00 -17.41 -16.40
C LEU C 307 -30.72 -18.22 -16.29
N GLY C 308 -30.47 -19.12 -17.25
CA GLY C 308 -29.29 -19.96 -17.19
C GLY C 308 -27.99 -19.18 -17.31
N ILE C 309 -27.94 -18.22 -18.23
CA ILE C 309 -26.68 -17.53 -18.47
C ILE C 309 -26.46 -16.42 -17.45
N THR C 310 -27.53 -15.87 -16.86
CA THR C 310 -27.34 -14.83 -15.86
C THR C 310 -26.89 -15.40 -14.52
N THR C 311 -27.36 -16.61 -14.18
CA THR C 311 -26.83 -17.27 -12.99
C THR C 311 -25.36 -17.60 -13.16
N VAL C 312 -24.94 -17.98 -14.36
CA VAL C 312 -23.52 -18.20 -14.63
C VAL C 312 -22.74 -16.91 -14.46
N LEU C 313 -23.27 -15.80 -14.96
CA LEU C 313 -22.60 -14.52 -14.77
C LEU C 313 -22.57 -14.12 -13.30
N THR C 314 -23.66 -14.37 -12.58
CA THR C 314 -23.67 -14.10 -11.14
C THR C 314 -22.68 -15.00 -10.42
N MET C 315 -22.64 -16.28 -10.78
CA MET C 315 -21.71 -17.20 -10.13
C MET C 315 -20.27 -16.83 -10.43
N THR C 316 -19.99 -16.36 -11.64
CA THR C 316 -18.67 -15.87 -11.97
C THR C 316 -18.32 -14.65 -11.14
N THR C 317 -19.29 -13.77 -10.92
CA THR C 317 -19.07 -12.60 -10.07
C THR C 317 -18.78 -13.02 -8.63
N LEU C 318 -19.54 -13.99 -8.11
CA LEU C 318 -19.34 -14.45 -6.74
C LEU C 318 -18.02 -15.21 -6.57
N SER C 319 -17.46 -15.73 -7.65
CA SER C 319 -16.20 -16.46 -7.55
C SER C 319 -15.01 -15.54 -7.37
N THR C 320 -15.16 -14.24 -7.66
CA THR C 320 -14.04 -13.32 -7.60
C THR C 320 -13.61 -12.98 -6.18
N ILE C 321 -14.44 -13.30 -5.18
CA ILE C 321 -14.11 -13.02 -3.79
C ILE C 321 -13.66 -14.27 -3.05
N ALA C 322 -13.52 -15.40 -3.74
CA ALA C 322 -13.12 -16.64 -3.08
C ALA C 322 -11.69 -16.56 -2.56
N ARG C 323 -10.79 -15.95 -3.33
CA ARG C 323 -9.38 -15.82 -2.98
C ARG C 323 -9.03 -14.38 -2.62
N LYS C 324 -9.94 -13.69 -1.94
CA LYS C 324 -9.84 -12.24 -1.80
C LYS C 324 -8.58 -11.83 -1.05
N SER C 325 -8.33 -12.45 0.10
CA SER C 325 -7.22 -12.07 0.96
C SER C 325 -6.28 -13.24 1.20
N LEU C 326 -5.96 -13.97 0.15
CA LEU C 326 -5.10 -15.14 0.27
C LEU C 326 -3.93 -15.04 -0.68
N PRO C 327 -2.81 -15.68 -0.35
CA PRO C 327 -1.74 -15.82 -1.33
C PRO C 327 -2.17 -16.73 -2.47
N LYS C 328 -1.55 -16.53 -3.62
CA LYS C 328 -1.92 -17.26 -4.84
C LYS C 328 -1.36 -18.69 -4.78
N VAL C 329 -1.88 -19.45 -3.82
CA VAL C 329 -1.50 -20.85 -3.70
C VAL C 329 -2.13 -21.65 -4.82
N SER C 330 -1.54 -22.79 -5.13
CA SER C 330 -1.97 -23.60 -6.26
C SER C 330 -2.76 -24.83 -5.87
N TYR C 331 -2.94 -25.09 -4.59
CA TYR C 331 -3.85 -26.13 -4.17
C TYR C 331 -5.26 -25.58 -4.04
N VAL C 332 -6.23 -26.49 -4.06
CA VAL C 332 -7.64 -26.12 -3.98
C VAL C 332 -8.02 -26.03 -2.51
N THR C 333 -8.47 -24.86 -2.07
CA THR C 333 -8.96 -24.69 -0.72
C THR C 333 -10.40 -25.19 -0.62
N ALA C 334 -10.90 -25.25 0.62
CA ALA C 334 -12.29 -25.66 0.81
C ALA C 334 -13.25 -24.65 0.21
N MET C 335 -12.90 -23.36 0.26
CA MET C 335 -13.74 -22.34 -0.36
C MET C 335 -13.72 -22.48 -1.88
N ASP C 336 -12.54 -22.75 -2.46
CA ASP C 336 -12.45 -22.91 -3.91
C ASP C 336 -13.23 -24.12 -4.38
N LEU C 337 -13.20 -25.21 -3.63
CA LEU C 337 -13.92 -26.41 -4.03
C LEU C 337 -15.42 -26.15 -4.07
N PHE C 338 -15.94 -25.44 -3.06
CA PHE C 338 -17.37 -25.18 -3.01
C PHE C 338 -17.80 -24.26 -4.15
N VAL C 339 -17.05 -23.18 -4.37
CA VAL C 339 -17.41 -22.24 -5.43
C VAL C 339 -17.31 -22.88 -6.80
N SER C 340 -16.27 -23.68 -7.03
CA SER C 340 -16.11 -24.36 -8.31
C SER C 340 -17.25 -25.34 -8.57
N VAL C 341 -17.63 -26.13 -7.57
CA VAL C 341 -18.73 -27.06 -7.72
C VAL C 341 -20.03 -26.31 -7.97
N CYS C 342 -20.24 -25.21 -7.26
CA CYS C 342 -21.42 -24.38 -7.51
C CYS C 342 -21.42 -23.85 -8.94
N PHE C 343 -20.25 -23.50 -9.46
CA PHE C 343 -20.17 -23.06 -10.85
C PHE C 343 -20.52 -24.19 -11.81
N ILE C 344 -20.06 -25.41 -11.51
CA ILE C 344 -20.37 -26.54 -12.37
C ILE C 344 -21.87 -26.81 -12.37
N PHE C 345 -22.52 -26.66 -11.22
CA PHE C 345 -23.95 -26.91 -11.13
C PHE C 345 -24.75 -25.92 -11.99
N VAL C 346 -24.41 -24.62 -11.92
CA VAL C 346 -25.12 -23.66 -12.75
C VAL C 346 -24.73 -23.80 -14.20
N PHE C 347 -23.48 -24.21 -14.47
CA PHE C 347 -23.07 -24.52 -15.84
C PHE C 347 -23.89 -25.68 -16.40
N SER C 348 -24.08 -26.73 -15.60
CA SER C 348 -24.80 -27.91 -16.07
C SER C 348 -26.27 -27.64 -16.27
N ALA C 349 -26.87 -26.76 -15.47
CA ALA C 349 -28.27 -26.44 -15.63
C ALA C 349 -28.54 -25.76 -16.96
N LEU C 350 -27.61 -24.91 -17.42
CA LEU C 350 -27.77 -24.29 -18.72
C LEU C 350 -27.51 -25.28 -19.85
N VAL C 351 -26.52 -26.15 -19.68
CA VAL C 351 -26.26 -27.19 -20.66
C VAL C 351 -27.41 -28.19 -20.70
N GLU C 352 -28.08 -28.40 -19.57
CA GLU C 352 -29.23 -29.30 -19.54
C GLU C 352 -30.35 -28.79 -20.44
N TYR C 353 -30.62 -27.49 -20.42
CA TYR C 353 -31.68 -26.96 -21.28
C TYR C 353 -31.26 -26.96 -22.74
N GLY C 354 -29.99 -26.65 -23.02
CA GLY C 354 -29.52 -26.68 -24.38
C GLY C 354 -29.69 -28.06 -25.02
N THR C 355 -29.36 -29.10 -24.26
CA THR C 355 -29.61 -30.46 -24.73
C THR C 355 -31.10 -30.72 -24.88
N LEU C 356 -31.89 -30.31 -23.90
CA LEU C 356 -33.33 -30.53 -23.95
C LEU C 356 -33.97 -29.77 -25.11
N HIS C 357 -33.55 -28.52 -25.32
CA HIS C 357 -34.12 -27.72 -26.41
C HIS C 357 -33.77 -28.32 -27.76
N TYR C 358 -32.54 -28.79 -27.94
CA TYR C 358 -32.11 -29.29 -29.24
C TYR C 358 -32.87 -30.54 -29.63
N PHE C 359 -32.97 -31.52 -28.73
CA PHE C 359 -33.58 -32.79 -29.11
C PHE C 359 -35.08 -32.68 -29.25
N VAL C 360 -35.74 -31.96 -28.35
CA VAL C 360 -37.19 -31.84 -28.42
C VAL C 360 -37.61 -31.00 -29.61
N SER C 361 -36.94 -29.87 -29.85
CA SER C 361 -37.36 -28.93 -30.87
C SER C 361 -36.39 -28.81 -32.03
N ASN C 362 -35.13 -28.50 -31.75
CA ASN C 362 -34.17 -28.12 -32.78
C ASN C 362 -33.55 -29.30 -33.52
N ARG C 363 -34.14 -30.49 -33.41
CA ARG C 363 -33.63 -31.65 -34.11
C ARG C 363 -33.82 -31.49 -35.61
N ARG C 445 -35.85 -41.17 -21.45
CA ARG C 445 -35.81 -40.40 -22.69
C ARG C 445 -35.32 -38.97 -22.45
N ILE C 446 -34.75 -38.37 -23.49
CA ILE C 446 -34.32 -36.99 -23.40
C ILE C 446 -35.52 -36.06 -23.28
N ALA C 447 -36.67 -36.46 -23.84
CA ALA C 447 -37.87 -35.62 -23.75
C ALA C 447 -38.34 -35.43 -22.32
N LYS C 448 -37.91 -36.29 -21.38
CA LYS C 448 -38.26 -36.16 -19.98
C LYS C 448 -37.10 -35.67 -19.13
N MET C 449 -36.10 -35.03 -19.74
CA MET C 449 -34.91 -34.63 -19.00
C MET C 449 -35.24 -33.62 -17.91
N ASP C 450 -36.30 -32.83 -18.08
CA ASP C 450 -36.69 -31.89 -17.04
C ASP C 450 -37.11 -32.62 -15.78
N SER C 451 -37.86 -33.72 -15.92
CA SER C 451 -38.28 -34.48 -14.75
C SER C 451 -37.08 -35.02 -13.99
N TYR C 452 -36.09 -35.55 -14.72
CA TYR C 452 -34.89 -36.05 -14.06
C TYR C 452 -34.12 -34.93 -13.38
N ALA C 453 -34.01 -33.77 -14.04
CA ALA C 453 -33.22 -32.68 -13.50
C ALA C 453 -33.85 -32.09 -12.24
N ARG C 454 -35.17 -32.14 -12.13
CA ARG C 454 -35.83 -31.62 -10.93
C ARG C 454 -35.47 -32.42 -9.68
N ILE C 455 -35.02 -33.65 -9.85
CA ILE C 455 -34.61 -34.51 -8.74
C ILE C 455 -33.10 -34.60 -8.65
N PHE C 456 -32.44 -34.88 -9.76
CA PHE C 456 -31.00 -35.15 -9.75
C PHE C 456 -30.20 -33.94 -9.28
N PHE C 457 -30.53 -32.76 -9.79
CA PHE C 457 -29.77 -31.57 -9.41
C PHE C 457 -29.91 -31.23 -7.93
N PRO C 458 -31.11 -31.16 -7.34
CA PRO C 458 -31.16 -30.96 -5.88
C PRO C 458 -30.51 -32.09 -5.10
N THR C 459 -30.63 -33.33 -5.56
CA THR C 459 -30.04 -34.45 -4.83
C THR C 459 -28.52 -34.42 -4.89
N ALA C 460 -27.96 -34.17 -6.07
CA ALA C 460 -26.51 -34.12 -6.19
C ALA C 460 -25.91 -32.95 -5.42
N PHE C 461 -26.62 -31.82 -5.35
CA PHE C 461 -26.11 -30.69 -4.59
C PHE C 461 -26.28 -30.91 -3.09
N CYS C 462 -27.36 -31.57 -2.67
CA CYS C 462 -27.50 -31.93 -1.26
C CYS C 462 -26.47 -32.98 -0.86
N LEU C 463 -26.20 -33.95 -1.74
CA LEU C 463 -25.19 -34.95 -1.44
C LEU C 463 -23.79 -34.33 -1.39
N PHE C 464 -23.51 -33.38 -2.28
CA PHE C 464 -22.23 -32.69 -2.23
C PHE C 464 -22.08 -31.93 -0.92
N ASN C 465 -23.12 -31.21 -0.51
CA ASN C 465 -23.05 -30.46 0.74
C ASN C 465 -22.88 -31.39 1.94
N LEU C 466 -23.55 -32.54 1.92
CA LEU C 466 -23.41 -33.49 3.01
C LEU C 466 -21.97 -33.97 3.12
N VAL C 467 -21.36 -34.34 2.00
CA VAL C 467 -19.97 -34.78 2.01
C VAL C 467 -19.04 -33.62 2.31
N TYR C 468 -19.32 -32.44 1.76
CA TYR C 468 -18.44 -31.30 1.93
C TYR C 468 -18.33 -30.89 3.40
N TRP C 469 -19.48 -30.69 4.05
CA TRP C 469 -19.46 -30.17 5.41
C TRP C 469 -19.03 -31.22 6.43
N VAL C 470 -19.39 -32.49 6.22
CA VAL C 470 -18.93 -33.53 7.13
C VAL C 470 -17.41 -33.66 7.06
N SER C 471 -16.84 -33.64 5.86
CA SER C 471 -15.41 -33.86 5.70
C SER C 471 -14.57 -32.63 5.99
N TYR C 472 -15.17 -31.46 6.16
CA TYR C 472 -14.43 -30.26 6.50
C TYR C 472 -14.71 -29.72 7.90
N LEU C 473 -15.81 -30.15 8.53
CA LEU C 473 -16.11 -29.74 9.89
C LEU C 473 -15.90 -30.84 10.92
N TYR C 474 -15.88 -32.10 10.52
CA TYR C 474 -15.73 -33.19 11.47
C TYR C 474 -14.58 -34.13 11.12
N LEU C 475 -14.33 -34.37 9.84
CA LEU C 475 -13.23 -35.24 9.42
C LEU C 475 -11.93 -34.48 9.22
N GLY C 476 -11.94 -33.16 9.37
CA GLY C 476 -10.73 -32.35 9.24
C GLY C 476 -10.04 -32.46 7.89
N THR D 47 27.80 35.63 28.25
CA THR D 47 27.79 34.26 27.73
C THR D 47 28.57 33.33 28.66
N THR D 48 29.71 33.80 29.14
CA THR D 48 30.51 33.00 30.07
C THR D 48 29.75 32.76 31.37
N VAL D 49 29.05 33.77 31.86
CA VAL D 49 28.30 33.62 33.11
C VAL D 49 27.22 32.56 32.96
N PHE D 50 26.45 32.62 31.87
CA PHE D 50 25.37 31.68 31.67
C PHE D 50 25.90 30.27 31.39
N THR D 51 27.04 30.17 30.71
CA THR D 51 27.65 28.86 30.47
C THR D 51 28.10 28.22 31.78
N ARG D 52 28.65 29.02 32.69
CA ARG D 52 29.09 28.47 33.97
C ARG D 52 27.91 27.96 34.79
N ILE D 53 26.78 28.66 34.74
CA ILE D 53 25.59 28.18 35.43
C ILE D 53 25.13 26.84 34.86
N LEU D 54 25.13 26.72 33.53
CA LEU D 54 24.72 25.47 32.91
C LEU D 54 25.71 24.34 33.20
N ASP D 55 27.01 24.65 33.19
CA ASP D 55 28.01 23.64 33.49
C ASP D 55 27.99 23.24 34.96
N ARG D 56 27.52 24.12 35.83
CA ARG D 56 27.45 23.81 37.25
C ARG D 56 26.26 22.91 37.57
N LEU D 57 25.19 22.98 36.77
CA LEU D 57 24.01 22.15 37.03
C LEU D 57 24.34 20.67 36.94
N LEU D 58 25.08 20.26 35.91
CA LEU D 58 25.37 18.86 35.67
C LEU D 58 26.63 18.38 36.37
N ASP D 59 27.25 19.22 37.19
CA ASP D 59 28.44 18.82 37.91
C ASP D 59 28.06 17.86 39.03
N GLY D 60 28.58 16.64 38.96
CA GLY D 60 28.24 15.62 39.94
C GLY D 60 26.78 15.21 39.91
N TYR D 61 26.22 15.06 38.71
CA TYR D 61 24.82 14.72 38.52
C TYR D 61 24.72 13.35 37.87
N ASP D 62 23.96 12.45 38.49
CA ASP D 62 23.79 11.08 38.01
C ASP D 62 22.37 10.96 37.46
N ASN D 63 22.25 10.97 36.12
CA ASN D 63 20.94 10.84 35.49
C ASN D 63 20.39 9.43 35.57
N ARG D 64 21.18 8.47 36.06
CA ARG D 64 20.69 7.11 36.25
C ARG D 64 19.73 6.99 37.42
N LEU D 65 19.63 8.02 38.26
CA LEU D 65 18.82 7.98 39.47
C LEU D 65 17.68 8.98 39.37
N ARG D 66 16.48 8.54 39.72
CA ARG D 66 15.33 9.42 39.75
C ARG D 66 15.47 10.43 40.89
N PRO D 67 14.87 11.61 40.76
CA PRO D 67 14.93 12.59 41.86
C PRO D 67 14.24 12.05 43.10
N GLY D 68 14.81 12.38 44.26
CA GLY D 68 14.24 11.91 45.51
C GLY D 68 14.40 10.43 45.75
N LEU D 69 15.31 9.77 45.03
CA LEU D 69 15.53 8.34 45.22
C LEU D 69 16.01 8.08 46.65
N GLY D 70 15.38 7.12 47.30
CA GLY D 70 15.69 6.79 48.69
C GLY D 70 15.08 7.73 49.70
N GLU D 71 14.32 8.72 49.26
CA GLU D 71 13.73 9.71 50.16
C GLU D 71 12.24 9.90 49.95
N ARG D 72 11.78 9.86 48.70
CA ARG D 72 10.37 10.12 48.39
CA ARG D 72 10.38 10.13 48.39
C ARG D 72 10.03 9.48 47.06
N VAL D 73 8.76 9.56 46.71
CA VAL D 73 8.27 9.10 45.41
C VAL D 73 8.28 10.28 44.46
N THR D 74 8.85 10.09 43.28
CA THR D 74 8.85 11.14 42.27
C THR D 74 7.45 11.32 41.70
N GLU D 75 6.91 12.53 41.82
CA GLU D 75 5.59 12.85 41.31
C GLU D 75 5.74 13.65 40.02
N VAL D 76 5.09 13.18 38.96
CA VAL D 76 5.16 13.81 37.65
C VAL D 76 3.78 14.38 37.33
N LYS D 77 3.72 15.69 37.10
CA LYS D 77 2.50 16.36 36.68
C LYS D 77 2.40 16.28 35.17
N THR D 78 1.28 15.76 34.67
CA THR D 78 1.12 15.50 33.25
C THR D 78 -0.11 16.21 32.72
N ASP D 79 0.02 16.79 31.53
CA ASP D 79 -1.11 17.29 30.77
C ASP D 79 -0.85 17.05 29.30
N ILE D 80 -1.91 17.00 28.52
CA ILE D 80 -1.83 16.74 27.10
C ILE D 80 -2.60 17.84 26.37
N PHE D 81 -1.97 18.44 25.37
CA PHE D 81 -2.66 19.34 24.45
C PHE D 81 -2.75 18.63 23.11
N VAL D 82 -3.96 18.24 22.72
CA VAL D 82 -4.18 17.52 21.47
C VAL D 82 -4.27 18.57 20.36
N THR D 83 -3.19 18.72 19.60
CA THR D 83 -3.22 19.66 18.48
C THR D 83 -4.12 19.15 17.36
N SER D 84 -4.23 17.84 17.20
CA SER D 84 -5.11 17.28 16.17
C SER D 84 -5.40 15.83 16.51
N PHE D 85 -6.68 15.48 16.56
CA PHE D 85 -7.11 14.10 16.77
C PHE D 85 -7.21 13.45 15.41
N GLY D 86 -6.17 12.70 15.02
CA GLY D 86 -5.99 12.28 13.66
C GLY D 86 -6.89 11.15 13.24
N PRO D 87 -6.58 10.55 12.09
CA PRO D 87 -7.47 9.52 11.52
C PRO D 87 -7.59 8.32 12.43
N VAL D 88 -8.77 7.72 12.41
CA VAL D 88 -9.03 6.45 13.08
C VAL D 88 -9.12 5.38 12.00
N SER D 89 -8.25 4.39 12.08
CA SER D 89 -8.14 3.35 11.06
C SER D 89 -8.82 2.09 11.58
N ASP D 90 -9.96 1.73 10.97
CA ASP D 90 -10.61 0.48 11.33
C ASP D 90 -9.77 -0.72 10.91
N HIS D 91 -9.09 -0.62 9.77
CA HIS D 91 -8.32 -1.75 9.25
C HIS D 91 -7.15 -2.11 10.15
N ASP D 92 -6.67 -1.16 10.95
CA ASP D 92 -5.55 -1.41 11.85
C ASP D 92 -5.95 -1.36 13.32
N MET D 93 -7.23 -1.13 13.63
CA MET D 93 -7.70 -1.00 15.01
C MET D 93 -6.92 0.05 15.78
N GLU D 94 -6.50 1.12 15.09
CA GLU D 94 -5.66 2.12 15.70
C GLU D 94 -6.15 3.50 15.33
N TYR D 95 -5.77 4.48 16.13
CA TYR D 95 -6.06 5.87 15.85
C TYR D 95 -4.78 6.68 16.04
N THR D 96 -4.67 7.77 15.29
CA THR D 96 -3.54 8.67 15.37
C THR D 96 -3.94 9.90 16.17
N ILE D 97 -3.02 10.41 16.98
CA ILE D 97 -3.26 11.64 17.71
C ILE D 97 -1.95 12.40 17.81
N ASP D 98 -1.99 13.69 17.51
CA ASP D 98 -0.83 14.57 17.60
C ASP D 98 -0.99 15.44 18.83
N VAL D 99 -0.01 15.40 19.71
CA VAL D 99 -0.13 15.97 21.05
C VAL D 99 1.09 16.81 21.38
N PHE D 100 0.92 17.68 22.37
CA PHE D 100 2.01 18.29 23.12
C PHE D 100 2.00 17.61 24.48
N PHE D 101 2.85 16.61 24.64
CA PHE D 101 2.89 15.81 25.86
C PHE D 101 3.76 16.52 26.88
N ARG D 102 3.12 17.10 27.90
CA ARG D 102 3.82 17.92 28.89
C ARG D 102 3.96 17.15 30.18
N GLN D 103 5.17 17.16 30.73
CA GLN D 103 5.45 16.53 32.02
C GLN D 103 6.21 17.51 32.90
N SER D 104 5.86 17.55 34.18
CA SER D 104 6.53 18.41 35.13
C SER D 104 6.83 17.63 36.40
N TRP D 105 8.01 17.86 36.97
CA TRP D 105 8.41 17.21 38.21
C TRP D 105 9.49 18.04 38.87
N LYS D 106 9.83 17.66 40.09
CA LYS D 106 10.78 18.39 40.91
C LYS D 106 12.08 17.61 41.03
N ASP D 107 13.20 18.27 40.80
CA ASP D 107 14.53 17.69 40.94
C ASP D 107 15.38 18.70 41.72
N GLU D 108 15.59 18.45 43.01
CA GLU D 108 16.33 19.37 43.86
C GLU D 108 17.80 19.44 43.50
N ARG D 109 18.31 18.51 42.70
CA ARG D 109 19.69 18.57 42.25
C ARG D 109 19.91 19.65 41.19
N LEU D 110 18.84 20.23 40.65
CA LEU D 110 18.93 21.21 39.58
C LEU D 110 18.55 22.61 40.02
N LYS D 111 18.51 22.87 41.33
CA LYS D 111 18.34 24.23 41.81
C LYS D 111 19.53 25.08 41.42
N PHE D 112 19.27 26.35 41.11
CA PHE D 112 20.33 27.25 40.68
C PHE D 112 19.98 28.67 41.10
N LYS D 113 20.97 29.55 40.96
CA LYS D 113 20.81 30.97 41.20
C LYS D 113 21.44 31.75 40.05
N GLY D 114 20.84 32.88 39.70
CA GLY D 114 21.34 33.70 38.63
C GLY D 114 20.43 34.85 38.27
N PRO D 115 20.79 35.59 37.23
CA PRO D 115 19.92 36.69 36.78
C PRO D 115 18.54 36.25 36.35
N MET D 116 18.42 35.06 35.75
CA MET D 116 17.14 34.55 35.28
C MET D 116 16.55 33.59 36.30
N THR D 117 15.23 33.47 36.28
CA THR D 117 14.52 32.54 37.15
C THR D 117 14.10 31.26 36.46
N VAL D 118 14.09 31.23 35.13
CA VAL D 118 13.75 30.05 34.36
C VAL D 118 14.79 29.87 33.27
N LEU D 119 15.30 28.65 33.12
CA LEU D 119 16.26 28.31 32.08
C LEU D 119 15.51 27.61 30.96
N ARG D 120 15.15 28.37 29.93
CA ARG D 120 14.44 27.82 28.77
C ARG D 120 15.46 27.10 27.90
N LEU D 121 15.65 25.81 28.19
CA LEU D 121 16.67 24.99 27.56
C LEU D 121 16.05 24.14 26.44
N ASN D 122 16.86 23.23 25.90
CA ASN D 122 16.51 22.44 24.73
C ASN D 122 16.70 20.96 25.06
N ASN D 123 16.61 20.13 24.02
CA ASN D 123 16.85 18.70 24.19
C ASN D 123 18.31 18.37 24.43
N LEU D 124 19.23 19.25 24.06
CA LEU D 124 20.64 18.99 24.29
C LEU D 124 20.93 18.86 25.78
N MET D 125 20.35 19.73 26.59
CA MET D 125 20.49 19.62 28.04
C MET D 125 19.62 18.52 28.62
N ALA D 126 18.43 18.31 28.06
CA ALA D 126 17.50 17.34 28.62
C ALA D 126 18.03 15.92 28.54
N SER D 127 18.83 15.62 27.51
CA SER D 127 19.38 14.27 27.39
C SER D 127 20.40 13.95 28.46
N LYS D 128 20.90 14.97 29.18
CA LYS D 128 21.88 14.78 30.24
C LYS D 128 21.25 14.53 31.60
N ILE D 129 19.96 14.81 31.77
CA ILE D 129 19.31 14.73 33.07
C ILE D 129 18.32 13.57 33.06
N TRP D 130 17.80 13.26 34.24
CA TRP D 130 16.78 12.24 34.39
C TRP D 130 15.43 12.78 33.94
N THR D 131 14.75 12.01 33.10
CA THR D 131 13.37 12.30 32.70
C THR D 131 12.53 11.07 32.92
N PRO D 132 11.23 11.23 33.13
CA PRO D 132 10.37 10.06 33.30
C PRO D 132 10.39 9.18 32.07
N ASP D 133 10.38 7.87 32.28
CA ASP D 133 10.37 6.92 31.17
C ASP D 133 8.94 6.59 30.74
N THR D 134 8.17 7.63 30.49
CA THR D 134 6.76 7.45 30.15
C THR D 134 6.63 6.77 28.80
N PHE D 135 5.79 5.75 28.75
CA PHE D 135 5.47 5.05 27.51
C PHE D 135 3.98 4.86 27.45
N PHE D 136 3.45 4.73 26.24
CA PHE D 136 2.03 4.54 26.03
C PHE D 136 1.73 3.05 26.04
N HIS D 137 0.87 2.62 26.96
CA HIS D 137 0.62 1.20 27.16
C HIS D 137 0.05 0.55 25.92
N ASN D 138 -0.90 1.22 25.26
CA ASN D 138 -1.49 0.73 24.02
C ASN D 138 -0.87 1.37 22.80
N GLY D 139 0.31 1.97 22.95
CA GLY D 139 0.92 2.71 21.86
C GLY D 139 1.54 1.79 20.83
N LYS D 140 1.24 2.05 19.57
CA LYS D 140 1.89 1.40 18.44
C LYS D 140 3.08 2.25 18.03
N LYS D 141 3.61 2.06 16.82
CA LYS D 141 4.77 2.81 16.40
C LYS D 141 4.47 4.30 16.37
N SER D 142 4.97 5.03 17.36
CA SER D 142 4.74 6.46 17.51
C SER D 142 5.97 7.23 17.03
N VAL D 143 5.79 8.54 16.87
CA VAL D 143 6.80 9.39 16.27
C VAL D 143 7.12 10.53 17.22
N ALA D 144 8.40 10.74 17.48
CA ALA D 144 8.91 11.94 18.15
C ALA D 144 9.58 12.79 17.07
N HIS D 145 8.97 13.92 16.77
CA HIS D 145 9.39 14.71 15.61
C HIS D 145 10.75 15.35 15.84
N ASN D 146 11.54 15.40 14.76
CA ASN D 146 12.93 15.86 14.84
C ASN D 146 13.24 16.94 13.80
N MET D 147 12.21 17.58 13.24
CA MET D 147 12.38 18.60 12.22
C MET D 147 11.95 19.95 12.77
N THR D 148 12.81 20.95 12.66
CA THR D 148 14.14 20.80 12.06
C THR D 148 15.14 20.38 13.11
N MET D 149 14.71 20.46 14.36
CA MET D 149 15.46 20.08 15.54
C MET D 149 14.54 19.25 16.41
N PRO D 150 15.09 18.53 17.41
CA PRO D 150 14.22 17.77 18.31
C PRO D 150 13.11 18.63 18.88
N ASN D 151 11.86 18.20 18.69
CA ASN D 151 10.69 18.97 19.10
C ASN D 151 10.41 18.76 20.58
N LYS D 152 11.40 19.14 21.39
CA LYS D 152 11.31 19.06 22.84
C LYS D 152 11.77 20.38 23.44
N LEU D 153 11.18 20.74 24.57
CA LEU D 153 11.64 21.88 25.35
C LEU D 153 11.77 21.45 26.80
N LEU D 154 12.83 21.92 27.45
CA LEU D 154 13.04 21.69 28.87
C LEU D 154 13.25 23.02 29.55
N ARG D 155 12.47 23.28 30.60
CA ARG D 155 12.58 24.52 31.35
C ARG D 155 12.79 24.20 32.82
N ILE D 156 13.79 24.83 33.42
CA ILE D 156 14.15 24.62 34.81
C ILE D 156 13.95 25.93 35.55
N THR D 157 13.10 25.93 36.57
CA THR D 157 13.01 27.08 37.44
C THR D 157 14.11 27.04 38.49
N GLU D 158 14.32 28.16 39.16
CA GLU D 158 15.43 28.27 40.10
C GLU D 158 15.27 27.35 41.31
N ASP D 159 14.06 26.89 41.60
CA ASP D 159 13.83 26.01 42.73
C ASP D 159 13.91 24.53 42.34
N GLY D 160 14.19 24.22 41.09
CA GLY D 160 14.40 22.85 40.66
C GLY D 160 13.24 22.23 39.91
N THR D 161 12.10 22.91 39.82
CA THR D 161 10.97 22.37 39.08
C THR D 161 11.31 22.32 37.59
N LEU D 162 10.99 21.20 36.96
CA LEU D 162 11.30 20.98 35.55
C LEU D 162 10.00 20.87 34.76
N LEU D 163 9.93 21.59 33.65
CA LEU D 163 8.85 21.46 32.68
C LEU D 163 9.41 20.87 31.41
N TYR D 164 8.82 19.78 30.95
CA TYR D 164 9.38 18.99 29.84
C TYR D 164 8.25 18.60 28.91
N THR D 165 8.14 19.30 27.78
CA THR D 165 7.10 19.04 26.81
C THR D 165 7.73 18.59 25.50
N MET D 166 7.09 17.61 24.85
CA MET D 166 7.55 17.08 23.57
C MET D 166 6.37 16.97 22.62
N ARG D 167 6.62 17.19 21.34
CA ARG D 167 5.60 17.02 20.32
C ARG D 167 5.67 15.60 19.77
N LEU D 168 4.56 14.88 19.84
CA LEU D 168 4.52 13.47 19.48
C LEU D 168 3.35 13.21 18.55
N THR D 169 3.52 12.21 17.70
CA THR D 169 2.43 11.59 16.96
C THR D 169 2.24 10.20 17.55
N VAL D 170 1.16 10.02 18.30
CA VAL D 170 0.92 8.78 19.01
C VAL D 170 -0.07 7.95 18.21
N ARG D 171 0.36 6.77 17.79
CA ARG D 171 -0.53 5.76 17.22
C ARG D 171 -0.82 4.75 18.31
N ALA D 172 -2.08 4.64 18.70
CA ALA D 172 -2.47 3.81 19.82
C ALA D 172 -3.46 2.76 19.36
N GLU D 173 -3.38 1.58 19.99
CA GLU D 173 -4.34 0.52 19.70
C GLU D 173 -5.72 0.92 20.21
N CYS D 174 -6.72 0.76 19.36
CA CYS D 174 -8.11 0.98 19.74
C CYS D 174 -8.90 -0.28 19.42
N PRO D 175 -9.12 -1.16 20.39
CA PRO D 175 -9.91 -2.37 20.12
C PRO D 175 -11.33 -2.01 19.69
N MET D 176 -11.69 -2.45 18.49
CA MET D 176 -13.00 -2.16 17.93
C MET D 176 -13.78 -3.46 17.75
N HIS D 177 -15.00 -3.47 18.25
CA HIS D 177 -15.92 -4.58 18.04
C HIS D 177 -16.97 -4.07 17.05
N LEU D 178 -16.85 -4.52 15.80
CA LEU D 178 -17.61 -3.96 14.70
C LEU D 178 -18.86 -4.79 14.37
N GLU D 179 -19.43 -5.46 15.37
CA GLU D 179 -20.66 -6.21 15.13
C GLU D 179 -21.80 -5.28 14.77
N ASP D 180 -21.76 -4.03 15.22
CA ASP D 180 -22.80 -3.05 14.94
C ASP D 180 -22.47 -2.15 13.78
N PHE D 181 -21.44 -2.47 13.01
CA PHE D 181 -21.03 -1.64 11.89
C PHE D 181 -22.17 -1.51 10.89
N PRO D 182 -22.44 -0.32 10.35
CA PRO D 182 -21.73 0.96 10.54
C PRO D 182 -22.31 1.81 11.65
N MET D 183 -23.20 1.28 12.48
CA MET D 183 -23.82 2.04 13.56
C MET D 183 -23.12 1.78 14.89
N ASP D 184 -21.80 1.61 14.85
CA ASP D 184 -21.01 1.29 16.02
C ASP D 184 -20.34 2.54 16.58
N ALA D 185 -20.12 2.52 17.89
CA ALA D 185 -19.44 3.59 18.59
C ALA D 185 -18.31 2.98 19.41
N HIS D 186 -17.19 3.70 19.52
CA HIS D 186 -16.00 3.19 20.17
C HIS D 186 -15.47 4.20 21.17
N ALA D 187 -14.79 3.69 22.19
CA ALA D 187 -14.09 4.51 23.19
C ALA D 187 -12.61 4.17 23.07
N CYS D 188 -11.92 4.90 22.20
CA CYS D 188 -10.51 4.63 21.97
C CYS D 188 -9.70 5.11 23.17
N PRO D 189 -8.91 4.25 23.80
CA PRO D 189 -8.16 4.66 24.99
C PRO D 189 -6.77 5.18 24.67
N LEU D 190 -6.26 5.98 25.60
CA LEU D 190 -4.89 6.49 25.53
C LEU D 190 -4.32 6.34 26.94
N LYS D 191 -3.66 5.23 27.19
CA LYS D 191 -3.06 4.93 28.49
C LYS D 191 -1.57 5.13 28.41
N PHE D 192 -1.00 5.74 29.46
CA PHE D 192 0.43 5.90 29.53
C PHE D 192 0.87 5.86 30.98
N GLY D 193 2.16 5.65 31.17
CA GLY D 193 2.74 5.59 32.50
C GLY D 193 4.20 5.24 32.39
N SER D 194 4.81 5.05 33.55
CA SER D 194 6.23 4.70 33.58
C SER D 194 6.42 3.25 33.16
N TYR D 195 7.55 2.99 32.50
CA TYR D 195 7.90 1.64 32.11
C TYR D 195 8.67 0.90 33.21
N ALA D 196 9.70 1.54 33.75
CA ALA D 196 10.62 0.85 34.65
C ALA D 196 10.34 1.10 36.12
N TYR D 197 9.64 2.18 36.46
CA TYR D 197 9.45 2.57 37.85
C TYR D 197 8.03 2.23 38.29
N THR D 198 7.93 1.51 39.40
CA THR D 198 6.63 1.15 39.96
C THR D 198 6.03 2.34 40.69
N ARG D 199 4.83 2.16 41.24
CA ARG D 199 4.14 3.26 41.91
C ARG D 199 4.78 3.64 43.22
N ALA D 200 5.67 2.82 43.77
CA ALA D 200 6.43 3.19 44.95
C ALA D 200 7.61 4.07 44.63
N GLU D 201 7.89 4.32 43.35
CA GLU D 201 9.00 5.14 42.92
C GLU D 201 8.56 6.36 42.12
N VAL D 202 7.69 6.17 41.13
CA VAL D 202 7.21 7.24 40.28
C VAL D 202 5.69 7.16 40.21
N VAL D 203 5.02 8.28 40.47
CA VAL D 203 3.59 8.38 40.32
C VAL D 203 3.27 9.52 39.37
N TYR D 204 2.18 9.39 38.65
CA TYR D 204 1.74 10.39 37.69
C TYR D 204 0.44 11.02 38.17
N GLU D 205 0.36 12.34 38.06
CA GLU D 205 -0.84 13.09 38.39
C GLU D 205 -1.12 14.08 37.27
N TRP D 206 -2.39 14.38 37.06
CA TRP D 206 -2.76 15.39 36.09
C TRP D 206 -2.42 16.77 36.64
N THR D 207 -1.97 17.66 35.76
CA THR D 207 -1.56 19.00 36.18
C THR D 207 -2.73 19.77 36.76
N ARG D 208 -3.91 19.59 36.20
CA ARG D 208 -5.14 20.26 36.61
C ARG D 208 -6.18 19.19 36.92
N GLU D 209 -7.43 19.60 37.04
CA GLU D 209 -8.50 18.63 37.12
C GLU D 209 -8.43 17.71 35.90
N PRO D 210 -8.68 16.42 36.07
CA PRO D 210 -8.46 15.48 34.95
C PRO D 210 -9.21 15.85 33.69
N ALA D 211 -10.41 16.40 33.81
CA ALA D 211 -11.15 16.83 32.62
C ALA D 211 -10.41 17.93 31.89
N ARG D 212 -9.80 18.86 32.61
CA ARG D 212 -9.12 20.00 32.01
C ARG D 212 -7.65 19.74 31.74
N SER D 213 -7.15 18.54 32.01
CA SER D 213 -5.76 18.22 31.77
C SER D 213 -5.50 17.59 30.41
N VAL D 214 -6.55 17.24 29.67
CA VAL D 214 -6.44 16.82 28.28
C VAL D 214 -7.28 17.79 27.47
N VAL D 215 -6.62 18.59 26.64
CA VAL D 215 -7.28 19.66 25.90
C VAL D 215 -7.12 19.38 24.41
N VAL D 216 -8.23 19.44 23.68
CA VAL D 216 -8.24 19.25 22.24
C VAL D 216 -8.37 20.62 21.58
N ALA D 217 -7.58 20.86 20.54
CA ALA D 217 -7.62 22.15 19.86
C ALA D 217 -8.97 22.34 19.19
N GLU D 218 -9.30 23.62 18.94
CA GLU D 218 -10.61 23.95 18.39
C GLU D 218 -10.82 23.30 17.02
N ASP D 219 -9.80 23.34 16.16
CA ASP D 219 -9.89 22.80 14.81
C ASP D 219 -9.04 21.55 14.63
N GLY D 220 -8.83 20.79 15.71
CA GLY D 220 -7.93 19.65 15.64
C GLY D 220 -8.54 18.39 15.07
N SER D 221 -9.87 18.31 14.99
CA SER D 221 -10.51 17.09 14.54
C SER D 221 -10.14 16.76 13.10
N ARG D 222 -9.38 15.68 12.91
CA ARG D 222 -9.05 15.18 11.58
C ARG D 222 -9.85 13.92 11.23
N LEU D 223 -11.09 13.85 11.68
CA LEU D 223 -11.92 12.66 11.53
C LEU D 223 -12.80 12.77 10.30
N ASN D 224 -12.80 11.73 9.48
CA ASN D 224 -13.63 11.67 8.29
C ASN D 224 -14.85 10.78 8.44
N GLN D 225 -14.78 9.78 9.30
CA GLN D 225 -15.86 8.82 9.46
C GLN D 225 -16.40 8.74 10.87
N TYR D 226 -15.91 9.57 11.78
CA TYR D 226 -16.34 9.52 13.18
C TYR D 226 -16.64 10.92 13.69
N ASP D 227 -17.43 10.98 14.74
CA ASP D 227 -17.65 12.20 15.51
C ASP D 227 -17.04 12.01 16.89
N LEU D 228 -16.27 13.02 17.33
CA LEU D 228 -15.65 12.99 18.65
C LEU D 228 -16.66 13.51 19.65
N LEU D 229 -17.45 12.59 20.22
CA LEU D 229 -18.50 12.96 21.15
C LEU D 229 -17.94 13.61 22.40
N GLY D 230 -16.85 13.07 22.93
CA GLY D 230 -16.27 13.61 24.14
C GLY D 230 -15.10 12.78 24.58
N GLN D 231 -14.58 13.09 25.77
CA GLN D 231 -13.45 12.38 26.32
C GLN D 231 -13.69 12.12 27.80
N THR D 232 -13.07 11.05 28.30
CA THR D 232 -13.11 10.71 29.71
C THR D 232 -11.67 10.51 30.18
N VAL D 233 -11.29 11.24 31.22
CA VAL D 233 -9.93 11.23 31.73
C VAL D 233 -9.94 10.65 33.13
N ASP D 234 -9.07 9.67 33.37
CA ASP D 234 -9.05 8.96 34.64
C ASP D 234 -7.61 8.56 34.95
N SER D 235 -7.45 7.85 36.07
CA SER D 235 -6.16 7.35 36.50
C SER D 235 -6.37 6.08 37.30
N GLY D 236 -5.34 5.25 37.37
CA GLY D 236 -5.47 4.01 38.09
C GLY D 236 -4.13 3.32 38.27
N ILE D 237 -4.21 2.07 38.68
CA ILE D 237 -3.04 1.22 38.93
C ILE D 237 -3.14 -0.01 38.06
N VAL D 238 -2.06 -0.33 37.35
CA VAL D 238 -1.96 -1.56 36.56
C VAL D 238 -0.98 -2.48 37.25
N GLN D 239 -1.34 -3.75 37.35
CA GLN D 239 -0.51 -4.75 38.01
CA GLN D 239 -0.53 -4.76 38.02
C GLN D 239 0.14 -5.66 36.98
N SER D 240 1.45 -5.86 37.13
CA SER D 240 2.23 -6.71 36.26
C SER D 240 3.01 -7.70 37.10
N SER D 241 3.77 -8.57 36.43
CA SER D 241 4.66 -9.47 37.15
C SER D 241 5.84 -8.74 37.77
N THR D 242 6.10 -7.50 37.35
CA THR D 242 7.22 -6.72 37.84
C THR D 242 6.83 -5.69 38.89
N GLY D 243 5.55 -5.59 39.23
CA GLY D 243 5.10 -4.69 40.27
C GLY D 243 3.81 -4.01 39.88
N GLU D 244 3.47 -2.97 40.64
CA GLU D 244 2.28 -2.16 40.39
C GLU D 244 2.71 -0.82 39.83
N TYR D 245 2.06 -0.39 38.76
CA TYR D 245 2.44 0.83 38.06
C TYR D 245 1.23 1.75 37.95
N VAL D 246 1.49 3.05 38.04
CA VAL D 246 0.45 4.04 37.80
C VAL D 246 0.18 4.12 36.30
N VAL D 247 -1.09 4.10 35.92
CA VAL D 247 -1.49 4.27 34.55
C VAL D 247 -2.45 5.46 34.47
N MET D 248 -2.18 6.37 33.53
CA MET D 248 -3.03 7.51 33.27
C MET D 248 -3.84 7.24 32.02
N THR D 249 -5.15 7.39 32.11
CA THR D 249 -6.05 6.93 31.07
C THR D 249 -6.91 8.08 30.53
N THR D 250 -7.03 8.12 29.21
CA THR D 250 -7.99 8.98 28.53
C THR D 250 -8.75 8.13 27.53
N HIS D 251 -10.07 8.25 27.52
CA HIS D 251 -10.92 7.57 26.55
C HIS D 251 -11.57 8.60 25.65
N PHE D 252 -11.36 8.48 24.35
CA PHE D 252 -11.98 9.34 23.37
C PHE D 252 -13.19 8.62 22.79
N HIS D 253 -14.38 9.19 23.01
CA HIS D 253 -15.63 8.56 22.61
C HIS D 253 -15.96 8.96 21.17
N LEU D 254 -16.02 7.96 20.29
CA LEU D 254 -16.26 8.18 18.88
C LEU D 254 -17.54 7.48 18.45
N LYS D 255 -18.29 8.13 17.57
CA LYS D 255 -19.46 7.52 16.95
C LYS D 255 -19.32 7.64 15.44
N ARG D 256 -19.50 6.53 14.74
CA ARG D 256 -19.34 6.54 13.29
C ARG D 256 -20.49 7.27 12.62
N LYS D 257 -20.16 8.04 11.60
CA LYS D 257 -21.18 8.73 10.80
C LYS D 257 -21.77 7.75 9.79
N ILE D 258 -23.09 7.75 9.67
CA ILE D 258 -23.81 6.73 8.92
C ILE D 258 -24.29 7.21 7.56
N GLY D 259 -24.22 8.51 7.28
CA GLY D 259 -24.85 9.02 6.07
C GLY D 259 -24.29 8.43 4.79
N TYR D 260 -22.98 8.20 4.76
CA TYR D 260 -22.35 7.66 3.56
C TYR D 260 -22.83 6.25 3.27
N PHE D 261 -22.96 5.43 4.32
CA PHE D 261 -23.37 4.04 4.11
C PHE D 261 -24.84 3.94 3.75
N VAL D 262 -25.66 4.91 4.18
CA VAL D 262 -27.06 4.91 3.80
C VAL D 262 -27.20 5.15 2.30
N ILE D 263 -26.45 6.09 1.75
CA ILE D 263 -26.59 6.42 0.33
C ILE D 263 -25.82 5.46 -0.56
N GLN D 264 -24.77 4.81 -0.06
CA GLN D 264 -23.97 3.92 -0.88
C GLN D 264 -24.47 2.49 -0.85
N THR D 265 -24.93 2.03 0.31
CA THR D 265 -25.29 0.62 0.50
C THR D 265 -26.76 0.43 0.81
N TYR D 266 -27.29 1.12 1.83
CA TYR D 266 -28.63 0.82 2.29
C TYR D 266 -29.69 1.24 1.28
N LEU D 267 -29.62 2.47 0.77
CA LEU D 267 -30.59 2.91 -0.22
C LEU D 267 -30.54 2.10 -1.51
N PRO D 268 -29.38 1.84 -2.12
CA PRO D 268 -29.38 0.95 -3.29
C PRO D 268 -29.89 -0.45 -3.00
N CYS D 269 -29.62 -0.99 -1.81
CA CYS D 269 -30.12 -2.31 -1.47
C CYS D 269 -31.63 -2.29 -1.25
N ILE D 270 -32.14 -1.24 -0.61
CA ILE D 270 -33.58 -1.13 -0.38
C ILE D 270 -34.32 -1.01 -1.71
N MET D 271 -33.82 -0.16 -2.61
CA MET D 271 -34.48 0.02 -3.89
C MET D 271 -34.38 -1.22 -4.76
N THR D 272 -33.28 -1.95 -4.68
CA THR D 272 -33.17 -3.22 -5.39
C THR D 272 -34.22 -4.22 -4.91
N VAL D 273 -34.44 -4.27 -3.60
CA VAL D 273 -35.48 -5.15 -3.06
C VAL D 273 -36.86 -4.66 -3.50
N ILE D 274 -37.11 -3.35 -3.44
CA ILE D 274 -38.37 -2.81 -3.93
C ILE D 274 -38.54 -3.12 -5.41
N LEU D 275 -37.44 -3.04 -6.16
CA LEU D 275 -37.49 -3.36 -7.59
C LEU D 275 -37.85 -4.82 -7.81
N SER D 276 -37.31 -5.72 -6.99
CA SER D 276 -37.62 -7.14 -7.14
C SER D 276 -39.09 -7.41 -6.84
N GLN D 277 -39.66 -6.74 -5.84
CA GLN D 277 -41.07 -6.88 -5.52
C GLN D 277 -41.96 -6.15 -6.52
N VAL D 278 -41.41 -5.22 -7.29
CA VAL D 278 -42.18 -4.53 -8.32
C VAL D 278 -42.62 -5.51 -9.40
N SER D 279 -41.84 -6.57 -9.64
CA SER D 279 -42.20 -7.56 -10.64
C SER D 279 -43.50 -8.27 -10.33
N PHE D 280 -43.93 -8.27 -9.06
CA PHE D 280 -45.18 -8.92 -8.70
C PHE D 280 -46.38 -8.27 -9.38
N TRP D 281 -46.24 -7.03 -9.85
CA TRP D 281 -47.32 -6.33 -10.51
CA TRP D 281 -47.32 -6.33 -10.50
C TRP D 281 -47.34 -6.53 -12.02
N LEU D 282 -46.35 -7.22 -12.57
CA LEU D 282 -46.36 -7.54 -13.99
C LEU D 282 -47.25 -8.74 -14.23
N ASN D 283 -47.81 -8.82 -15.43
CA ASN D 283 -48.69 -9.94 -15.76
C ASN D 283 -47.92 -11.25 -15.75
N ARG D 284 -48.61 -12.31 -15.34
CA ARG D 284 -47.96 -13.61 -15.20
C ARG D 284 -47.51 -14.19 -16.53
N GLU D 285 -48.03 -13.70 -17.65
CA GLU D 285 -47.66 -14.22 -18.95
C GLU D 285 -46.36 -13.60 -19.48
N SER D 286 -45.83 -12.57 -18.82
CA SER D 286 -44.57 -11.97 -19.21
C SER D 286 -43.40 -12.76 -18.60
N VAL D 287 -43.29 -14.02 -19.03
CA VAL D 287 -42.28 -14.91 -18.46
C VAL D 287 -40.85 -14.42 -18.69
N PRO D 288 -40.44 -14.06 -19.91
CA PRO D 288 -39.08 -13.52 -20.07
C PRO D 288 -38.86 -12.24 -19.30
N ALA D 289 -39.87 -11.39 -19.19
CA ALA D 289 -39.72 -10.12 -18.49
C ALA D 289 -39.47 -10.34 -17.00
N ARG D 290 -40.28 -11.19 -16.37
CA ARG D 290 -40.16 -11.40 -14.93
C ARG D 290 -38.98 -12.29 -14.59
N THR D 291 -38.59 -13.20 -15.48
CA THR D 291 -37.40 -14.00 -15.25
C THR D 291 -36.15 -13.14 -15.31
N VAL D 292 -36.05 -12.27 -16.31
CA VAL D 292 -34.93 -11.34 -16.39
C VAL D 292 -34.98 -10.36 -15.21
N PHE D 293 -36.19 -9.96 -14.81
CA PHE D 293 -36.34 -9.10 -13.65
C PHE D 293 -35.76 -9.76 -12.41
N GLY D 294 -36.01 -11.05 -12.22
CA GLY D 294 -35.54 -11.72 -11.02
C GLY D 294 -34.04 -11.88 -11.00
N VAL D 295 -33.45 -12.38 -12.08
CA VAL D 295 -32.02 -12.70 -12.08
C VAL D 295 -31.18 -11.43 -12.03
N THR D 296 -31.62 -10.36 -12.71
CA THR D 296 -30.80 -9.17 -12.78
C THR D 296 -30.85 -8.39 -11.47
N THR D 297 -31.96 -8.47 -10.72
CA THR D 297 -31.95 -7.94 -9.37
C THR D 297 -31.03 -8.75 -8.46
N VAL D 298 -31.01 -10.06 -8.64
CA VAL D 298 -30.09 -10.90 -7.87
C VAL D 298 -28.65 -10.55 -8.19
N LEU D 299 -28.34 -10.39 -9.49
CA LEU D 299 -27.01 -9.95 -9.89
C LEU D 299 -26.71 -8.54 -9.39
N THR D 300 -27.74 -7.68 -9.32
CA THR D 300 -27.55 -6.35 -8.76
C THR D 300 -27.25 -6.42 -7.26
N MET D 301 -27.93 -7.30 -6.54
CA MET D 301 -27.64 -7.47 -5.12
C MET D 301 -26.23 -8.00 -4.91
N THR D 302 -25.79 -8.92 -5.77
CA THR D 302 -24.43 -9.45 -5.66
C THR D 302 -23.41 -8.35 -5.88
N THR D 303 -23.64 -7.48 -6.86
CA THR D 303 -22.72 -6.38 -7.10
C THR D 303 -22.68 -5.42 -5.91
N LEU D 304 -23.84 -5.12 -5.33
CA LEU D 304 -23.88 -4.26 -4.16
C LEU D 304 -23.27 -4.94 -2.95
N SER D 305 -23.55 -6.24 -2.77
CA SER D 305 -23.01 -6.95 -1.62
C SER D 305 -21.50 -7.01 -1.65
N ILE D 306 -20.92 -7.33 -2.82
CA ILE D 306 -19.47 -7.41 -2.93
C ILE D 306 -18.84 -6.03 -2.72
N SER D 307 -19.44 -4.99 -3.29
CA SER D 307 -18.88 -3.64 -3.14
C SER D 307 -18.91 -3.19 -1.69
N ALA D 308 -20.01 -3.47 -0.98
CA ALA D 308 -20.12 -3.02 0.40
C ALA D 308 -19.05 -3.67 1.27
N ARG D 309 -18.79 -4.95 1.06
CA ARG D 309 -17.81 -5.65 1.89
C ARG D 309 -16.38 -5.27 1.56
N ASN D 310 -16.12 -4.73 0.36
CA ASN D 310 -14.76 -4.32 0.01
C ASN D 310 -14.30 -3.14 0.85
N SER D 311 -15.21 -2.32 1.33
CA SER D 311 -14.87 -1.14 2.09
C SER D 311 -14.67 -1.41 3.57
N LEU D 312 -15.28 -2.46 4.10
CA LEU D 312 -15.20 -2.71 5.53
C LEU D 312 -13.85 -3.32 5.90
N PRO D 313 -13.41 -3.14 7.15
CA PRO D 313 -12.24 -3.88 7.62
C PRO D 313 -12.50 -5.38 7.57
N LYS D 314 -11.43 -6.14 7.34
CA LYS D 314 -11.53 -7.55 6.99
C LYS D 314 -11.84 -8.41 8.22
N VAL D 315 -12.98 -8.13 8.84
CA VAL D 315 -13.45 -8.94 9.95
C VAL D 315 -14.10 -10.20 9.41
N ALA D 316 -13.94 -11.30 10.14
CA ALA D 316 -14.49 -12.58 9.71
C ALA D 316 -15.82 -12.91 10.36
N TYR D 317 -16.36 -12.02 11.18
CA TYR D 317 -17.69 -12.19 11.75
C TYR D 317 -18.67 -11.26 11.03
N ALA D 318 -19.95 -11.58 11.15
CA ALA D 318 -20.99 -10.80 10.51
C ALA D 318 -21.22 -9.49 11.24
N THR D 319 -21.27 -8.40 10.50
CA THR D 319 -21.59 -7.09 11.03
C THR D 319 -23.07 -6.80 10.83
N ALA D 320 -23.51 -5.62 11.27
CA ALA D 320 -24.90 -5.24 11.04
C ALA D 320 -25.19 -5.06 9.57
N MET D 321 -24.25 -4.47 8.82
CA MET D 321 -24.46 -4.27 7.39
C MET D 321 -24.50 -5.60 6.65
N ASP D 322 -23.72 -6.58 7.09
CA ASP D 322 -23.75 -7.90 6.47
C ASP D 322 -25.12 -8.54 6.64
N TRP D 323 -25.74 -8.37 7.81
CA TRP D 323 -27.04 -8.96 8.05
C TRP D 323 -28.12 -8.28 7.22
N PHE D 324 -28.04 -6.95 7.07
CA PHE D 324 -29.03 -6.25 6.26
C PHE D 324 -28.94 -6.69 4.80
N ILE D 325 -27.73 -6.84 4.28
CA ILE D 325 -27.54 -7.28 2.90
C ILE D 325 -28.01 -8.72 2.74
N ALA D 326 -27.73 -9.57 3.72
CA ALA D 326 -28.15 -10.97 3.63
C ALA D 326 -29.66 -11.09 3.57
N VAL D 327 -30.37 -10.31 4.40
CA VAL D 327 -31.83 -10.34 4.37
C VAL D 327 -32.34 -9.78 3.04
N CYS D 328 -31.73 -8.70 2.55
CA CYS D 328 -32.08 -8.18 1.24
C CYS D 328 -31.82 -9.22 0.16
N TYR D 329 -30.72 -9.96 0.29
CA TYR D 329 -30.43 -11.02 -0.67
C TYR D 329 -31.49 -12.10 -0.64
N ALA D 330 -31.98 -12.46 0.55
CA ALA D 330 -33.03 -13.46 0.65
C ALA D 330 -34.34 -12.97 0.04
N PHE D 331 -34.66 -11.68 0.24
CA PHE D 331 -35.89 -11.14 -0.34
C PHE D 331 -35.85 -11.17 -1.86
N VAL D 332 -34.72 -10.79 -2.45
CA VAL D 332 -34.60 -10.81 -3.90
C VAL D 332 -34.60 -12.24 -4.43
N PHE D 333 -33.98 -13.16 -3.69
CA PHE D 333 -34.05 -14.57 -4.05
C PHE D 333 -35.49 -15.08 -3.98
N SER D 334 -36.23 -14.68 -2.95
CA SER D 334 -37.60 -15.14 -2.79
C SER D 334 -38.53 -14.57 -3.86
N ALA D 335 -38.22 -13.39 -4.39
CA ALA D 335 -39.04 -12.82 -5.44
C ALA D 335 -38.99 -13.67 -6.70
N LEU D 336 -37.82 -14.18 -7.05
CA LEU D 336 -37.71 -15.03 -8.23
C LEU D 336 -38.30 -16.41 -7.98
N ILE D 337 -38.20 -16.92 -6.75
CA ILE D 337 -38.86 -18.17 -6.41
C ILE D 337 -40.37 -18.00 -6.45
N GLU D 338 -40.86 -16.83 -6.05
CA GLU D 338 -42.30 -16.59 -6.09
C GLU D 338 -42.83 -16.65 -7.52
N PHE D 339 -42.09 -16.08 -8.48
CA PHE D 339 -42.53 -16.14 -9.87
C PHE D 339 -42.51 -17.57 -10.40
N ALA D 340 -41.57 -18.39 -9.94
CA ALA D 340 -41.53 -19.78 -10.37
C ALA D 340 -42.81 -20.50 -9.98
N THR D 341 -43.31 -20.24 -8.78
CA THR D 341 -44.61 -20.77 -8.37
C THR D 341 -45.73 -20.17 -9.22
N VAL D 342 -45.67 -18.86 -9.47
CA VAL D 342 -46.68 -18.21 -10.29
C VAL D 342 -46.64 -18.76 -11.72
N ASN D 343 -45.44 -18.90 -12.27
CA ASN D 343 -45.30 -19.40 -13.63
C ASN D 343 -45.71 -20.86 -13.74
N TYR D 344 -45.60 -21.62 -12.66
CA TYR D 344 -45.95 -23.03 -12.70
C TYR D 344 -47.44 -23.24 -12.92
N PHE D 345 -48.26 -22.31 -12.45
CA PHE D 345 -49.71 -22.41 -12.56
C PHE D 345 -50.29 -21.55 -13.68
N THR D 346 -49.44 -20.96 -14.53
CA THR D 346 -49.92 -20.18 -15.66
C THR D 346 -50.36 -21.16 -16.76
N LYS D 347 -51.67 -21.20 -17.02
CA LYS D 347 -52.19 -22.17 -17.97
C LYS D 347 -51.88 -21.79 -19.41
N ARG D 348 -52.03 -20.51 -19.75
CA ARG D 348 -51.98 -20.05 -21.13
C ARG D 348 -50.75 -19.19 -21.37
N GLY D 349 -50.18 -19.31 -22.57
CA GLY D 349 -48.99 -18.59 -22.95
C GLY D 349 -49.22 -17.20 -23.49
N TYR D 350 -50.46 -16.75 -23.57
CA TYR D 350 -50.78 -15.42 -24.08
C TYR D 350 -51.42 -14.58 -22.99
N ALA D 351 -51.20 -13.28 -23.06
CA ALA D 351 -51.77 -12.35 -22.10
C ALA D 351 -53.15 -11.92 -22.57
N TRP D 352 -53.81 -11.09 -21.77
CA TRP D 352 -55.09 -10.53 -22.15
C TRP D 352 -54.92 -9.60 -23.34
N ASP D 353 -55.83 -9.70 -24.31
CA ASP D 353 -55.67 -9.04 -25.59
C ASP D 353 -56.03 -7.56 -25.57
N GLY D 354 -56.64 -7.08 -24.50
CA GLY D 354 -57.02 -5.69 -24.40
C GLY D 354 -58.42 -5.37 -24.90
N LYS D 355 -59.10 -6.31 -25.54
CA LYS D 355 -60.43 -6.09 -26.09
C LYS D 355 -61.46 -7.06 -25.58
N SER D 356 -61.10 -8.33 -25.43
CA SER D 356 -62.05 -9.33 -24.96
C SER D 356 -62.41 -9.09 -23.50
N VAL D 357 -63.66 -9.39 -23.16
CA VAL D 357 -64.15 -9.27 -21.79
C VAL D 357 -63.89 -10.60 -21.08
N VAL D 358 -63.28 -10.52 -19.90
CA VAL D 358 -62.96 -11.73 -19.14
C VAL D 358 -64.25 -12.28 -18.54
N PRO D 359 -64.64 -13.50 -18.89
CA PRO D 359 -65.89 -14.08 -18.34
C PRO D 359 -65.68 -14.67 -16.95
N GLU D 360 -65.73 -13.81 -15.95
CA GLU D 360 -65.54 -14.22 -14.56
C GLU D 360 -66.73 -15.05 -14.07
N LYS D 419 -62.68 -16.85 -26.25
CA LYS D 419 -61.64 -17.61 -25.57
C LYS D 419 -61.41 -17.09 -24.15
N THR D 420 -60.87 -17.94 -23.30
CA THR D 420 -60.61 -17.58 -21.91
C THR D 420 -59.18 -17.10 -21.73
N PHE D 421 -58.94 -16.44 -20.59
CA PHE D 421 -57.64 -15.88 -20.27
C PHE D 421 -57.25 -16.30 -18.86
N ASN D 422 -55.96 -16.19 -18.58
CA ASN D 422 -55.46 -16.47 -17.24
C ASN D 422 -55.96 -15.42 -16.25
N SER D 423 -56.35 -15.87 -15.07
CA SER D 423 -56.65 -14.95 -14.00
C SER D 423 -55.37 -14.44 -13.35
N VAL D 424 -55.48 -13.31 -12.66
CA VAL D 424 -54.34 -12.80 -11.91
C VAL D 424 -54.04 -13.76 -10.77
N SER D 425 -52.76 -14.07 -10.58
CA SER D 425 -52.36 -15.10 -9.63
C SER D 425 -52.69 -14.67 -8.21
N LYS D 426 -53.29 -15.60 -7.45
CA LYS D 426 -53.48 -15.35 -6.03
C LYS D 426 -52.14 -15.27 -5.30
N ILE D 427 -51.14 -16.00 -5.79
CA ILE D 427 -49.78 -15.85 -5.25
C ILE D 427 -49.27 -14.44 -5.49
N ASP D 428 -49.51 -13.91 -6.69
CA ASP D 428 -49.09 -12.54 -6.97
C ASP D 428 -49.81 -11.53 -6.09
N ARG D 429 -51.13 -11.72 -5.89
CA ARG D 429 -51.88 -10.78 -5.06
C ARG D 429 -51.43 -10.82 -3.61
N LEU D 430 -51.15 -12.01 -3.09
CA LEU D 430 -50.64 -12.10 -1.71
C LEU D 430 -49.23 -11.54 -1.61
N SER D 431 -48.39 -11.80 -2.61
CA SER D 431 -47.01 -11.32 -2.56
C SER D 431 -46.93 -9.81 -2.71
N ARG D 432 -47.92 -9.19 -3.36
CA ARG D 432 -47.95 -7.73 -3.44
C ARG D 432 -48.10 -7.09 -2.07
N ILE D 433 -48.62 -7.83 -1.09
CA ILE D 433 -48.78 -7.34 0.27
C ILE D 433 -47.74 -7.94 1.21
N ALA D 434 -47.56 -9.26 1.14
CA ALA D 434 -46.70 -9.95 2.09
C ALA D 434 -45.26 -9.47 2.00
N PHE D 435 -44.70 -9.43 0.79
CA PHE D 435 -43.31 -9.04 0.64
C PHE D 435 -43.04 -7.61 1.08
N PRO D 436 -43.78 -6.58 0.64
CA PRO D 436 -43.50 -5.22 1.14
C PRO D 436 -43.70 -5.09 2.64
N LEU D 437 -44.70 -5.80 3.19
CA LEU D 437 -44.95 -5.74 4.62
C LEU D 437 -43.80 -6.37 5.40
N LEU D 438 -43.37 -7.56 5.00
CA LEU D 438 -42.29 -8.24 5.70
C LEU D 438 -40.99 -7.47 5.60
N PHE D 439 -40.70 -6.88 4.43
CA PHE D 439 -39.50 -6.08 4.30
C PHE D 439 -39.60 -4.79 5.10
N GLY D 440 -40.78 -4.18 5.12
CA GLY D 440 -40.97 -3.00 5.95
C GLY D 440 -40.87 -3.32 7.43
N ILE D 441 -41.43 -4.45 7.85
CA ILE D 441 -41.32 -4.88 9.24
C ILE D 441 -39.86 -5.16 9.60
N PHE D 442 -39.13 -5.83 8.71
CA PHE D 442 -37.72 -6.09 8.98
C PHE D 442 -36.94 -4.79 9.12
N ASN D 443 -37.21 -3.82 8.26
CA ASN D 443 -36.50 -2.55 8.32
C ASN D 443 -36.80 -1.82 9.63
N LEU D 444 -38.05 -1.83 10.07
CA LEU D 444 -38.39 -1.18 11.34
C LEU D 444 -37.67 -1.85 12.50
N VAL D 445 -37.63 -3.18 12.52
CA VAL D 445 -36.94 -3.90 13.58
C VAL D 445 -35.43 -3.72 13.45
N TYR D 446 -34.92 -3.72 12.23
CA TYR D 446 -33.48 -3.57 12.02
C TYR D 446 -33.00 -2.20 12.52
N TRP D 447 -33.66 -1.13 12.07
CA TRP D 447 -33.19 0.20 12.41
C TRP D 447 -33.45 0.54 13.88
N ALA D 448 -34.51 -0.01 14.47
CA ALA D 448 -34.73 0.19 15.89
C ALA D 448 -33.65 -0.49 16.72
N THR D 449 -33.19 -1.67 16.28
CA THR D 449 -32.20 -2.42 17.03
C THR D 449 -30.87 -1.66 17.11
N TYR D 450 -30.46 -1.04 16.01
CA TYR D 450 -29.13 -0.46 15.93
C TYR D 450 -29.08 1.04 16.13
N LEU D 451 -30.10 1.79 15.67
CA LEU D 451 -30.08 3.23 15.88
C LEU D 451 -30.32 3.60 17.34
N ASN D 452 -31.12 2.83 18.06
CA ASN D 452 -31.43 3.16 19.45
C ASN D 452 -30.20 2.98 20.33
N ARG D 453 -29.53 1.84 20.22
CA ARG D 453 -28.37 1.56 21.08
C ARG D 453 -27.10 2.13 20.46
N ASN E 33 46.81 31.94 2.68
CA ASN E 33 45.49 32.54 2.85
C ASN E 33 44.52 31.53 3.46
N MET E 34 44.65 30.27 3.06
CA MET E 34 43.76 29.24 3.58
C MET E 34 44.04 28.93 5.04
N SER E 35 45.30 29.02 5.47
CA SER E 35 45.61 28.86 6.88
C SER E 35 45.03 29.99 7.71
N PHE E 36 44.97 31.20 7.13
CA PHE E 36 44.34 32.32 7.82
C PHE E 36 42.85 32.06 8.06
N VAL E 37 42.17 31.48 7.06
CA VAL E 37 40.76 31.17 7.21
C VAL E 37 40.56 30.10 8.28
N LYS E 38 41.44 29.10 8.32
CA LYS E 38 41.30 28.03 9.31
C LYS E 38 41.40 28.58 10.73
N GLU E 39 42.38 29.46 10.96
CA GLU E 39 42.51 30.06 12.29
C GLU E 39 41.32 30.96 12.60
N THR E 40 40.81 31.68 11.59
CA THR E 40 39.63 32.51 11.78
C THR E 40 38.43 31.68 12.21
N VAL E 41 38.19 30.56 11.53
CA VAL E 41 37.05 29.72 11.86
C VAL E 41 37.26 29.06 13.22
N ASP E 42 38.48 28.65 13.52
CA ASP E 42 38.77 28.08 14.83
C ASP E 42 38.51 29.08 15.95
N LYS E 43 38.90 30.34 15.74
CA LYS E 43 38.67 31.37 16.75
C LYS E 43 37.18 31.61 16.96
N LEU E 44 36.39 31.57 15.90
CA LEU E 44 34.95 31.80 16.02
C LEU E 44 34.30 30.74 16.90
N LEU E 45 34.68 29.48 16.71
CA LEU E 45 34.08 28.37 17.43
C LEU E 45 34.77 28.08 18.76
N LYS E 46 35.76 28.89 19.13
CA LYS E 46 36.43 28.74 20.42
C LYS E 46 35.62 29.46 21.48
N GLY E 47 35.18 28.74 22.49
CA GLY E 47 34.34 29.31 23.52
C GLY E 47 32.91 29.53 23.10
N TYR E 48 32.52 29.05 21.93
CA TYR E 48 31.15 29.20 21.45
C TYR E 48 30.26 28.19 22.16
N ASP E 49 29.25 28.69 22.87
CA ASP E 49 28.31 27.83 23.58
C ASP E 49 27.08 27.64 22.69
N ILE E 50 26.90 26.40 22.21
CA ILE E 50 25.79 26.12 21.31
C ILE E 50 24.46 26.20 22.05
N ARG E 51 24.46 25.97 23.37
CA ARG E 51 23.24 25.99 24.15
C ARG E 51 22.68 27.40 24.33
N LEU E 52 23.42 28.44 23.98
CA LEU E 52 22.99 29.81 24.15
C LEU E 52 22.64 30.43 22.81
N ARG E 53 21.45 31.00 22.71
CA ARG E 53 21.02 31.68 21.51
C ARG E 53 21.76 33.00 21.35
N PRO E 54 21.76 33.57 20.13
CA PRO E 54 22.33 34.90 19.96
C PRO E 54 21.62 35.92 20.84
N ASP E 55 22.41 36.84 21.40
CA ASP E 55 21.90 37.85 22.32
C ASP E 55 21.16 37.23 23.49
N PHE E 56 21.71 36.13 24.01
CA PHE E 56 21.11 35.46 25.16
C PHE E 56 21.05 36.43 26.34
N GLY E 57 19.87 36.50 26.97
CA GLY E 57 19.65 37.48 27.99
C GLY E 57 19.37 38.88 27.49
N GLY E 58 19.16 39.05 26.19
CA GLY E 58 18.89 40.34 25.61
C GLY E 58 17.66 40.32 24.73
N PRO E 59 17.67 41.13 23.68
CA PRO E 59 16.53 41.17 22.75
C PRO E 59 16.39 39.86 22.00
N PRO E 60 15.19 39.55 21.53
CA PRO E 60 15.01 38.34 20.72
C PRO E 60 15.77 38.43 19.40
N VAL E 61 16.25 37.28 18.94
CA VAL E 61 16.96 37.19 17.67
C VAL E 61 15.95 37.06 16.54
N CYS E 62 16.08 37.91 15.53
CA CYS E 62 15.17 37.90 14.40
C CYS E 62 15.63 36.88 13.36
N VAL E 63 14.73 36.00 12.97
CA VAL E 63 15.02 34.95 12.00
C VAL E 63 14.15 35.19 10.77
N GLY E 64 14.80 35.44 9.63
CA GLY E 64 14.09 35.58 8.37
C GLY E 64 14.12 34.27 7.59
N MET E 65 13.01 33.97 6.94
CA MET E 65 12.84 32.67 6.29
C MET E 65 12.48 32.85 4.83
N ASN E 66 13.17 32.10 3.97
CA ASN E 66 12.84 31.97 2.56
C ASN E 66 12.54 30.51 2.28
N ILE E 67 11.61 30.27 1.36
CA ILE E 67 11.30 28.92 0.91
C ILE E 67 11.34 28.89 -0.60
N ASP E 68 12.08 27.94 -1.16
CA ASP E 68 12.04 27.64 -2.58
C ASP E 68 11.38 26.28 -2.71
N ILE E 69 10.14 26.28 -3.20
CA ILE E 69 9.36 25.04 -3.29
C ILE E 69 9.85 24.24 -4.49
N ALA E 70 10.50 23.11 -4.22
CA ALA E 70 10.93 22.23 -5.29
C ALA E 70 9.74 21.59 -5.98
N SER E 71 8.81 21.04 -5.21
CA SER E 71 7.63 20.40 -5.78
C SER E 71 6.59 20.20 -4.68
N ILE E 72 5.36 19.99 -5.11
CA ILE E 72 4.29 19.49 -4.27
C ILE E 72 3.74 18.23 -4.91
N ASP E 73 3.72 17.14 -4.17
CA ASP E 73 3.27 15.86 -4.70
C ASP E 73 2.37 15.18 -3.69
N MET E 74 1.56 14.26 -4.20
CA MET E 74 0.71 13.40 -3.37
C MET E 74 -0.21 14.22 -2.47
N VAL E 75 -1.06 15.02 -3.12
CA VAL E 75 -2.14 15.71 -2.41
C VAL E 75 -3.23 14.67 -2.17
N SER E 76 -3.25 14.10 -0.97
CA SER E 76 -4.07 12.93 -0.68
C SER E 76 -5.36 13.36 0.03
N GLU E 77 -6.50 12.99 -0.55
CA GLU E 77 -7.76 13.21 0.14
C GLU E 77 -8.00 12.18 1.23
N VAL E 78 -7.55 10.95 1.00
CA VAL E 78 -7.77 9.89 1.99
C VAL E 78 -7.00 10.18 3.26
N ASN E 79 -5.74 10.56 3.13
CA ASN E 79 -4.90 10.85 4.29
C ASN E 79 -4.98 12.30 4.74
N MET E 80 -5.65 13.15 3.97
CA MET E 80 -5.80 14.57 4.30
C MET E 80 -4.44 15.23 4.53
N ASP E 81 -3.53 15.04 3.57
CA ASP E 81 -2.21 15.64 3.66
C ASP E 81 -1.64 15.82 2.27
N TYR E 82 -0.58 16.63 2.19
CA TYR E 82 0.16 16.83 0.97
C TYR E 82 1.65 16.76 1.30
N THR E 83 2.43 16.26 0.34
CA THR E 83 3.87 16.15 0.50
C THR E 83 4.56 17.30 -0.23
N LEU E 84 5.45 17.98 0.47
CA LEU E 84 6.11 19.18 -0.03
C LEU E 84 7.61 19.01 0.09
N THR E 85 8.31 19.22 -1.02
CA THR E 85 9.78 19.26 -1.02
C THR E 85 10.21 20.70 -1.27
N MET E 86 11.10 21.19 -0.42
CA MET E 86 11.46 22.60 -0.48
C MET E 86 12.88 22.82 0.00
N TYR E 87 13.45 23.95 -0.41
CA TYR E 87 14.69 24.45 0.14
C TYR E 87 14.31 25.49 1.19
N PHE E 88 14.52 25.14 2.45
CA PHE E 88 14.09 25.96 3.58
C PHE E 88 15.29 26.73 4.12
N GLN E 89 15.32 28.03 3.86
CA GLN E 89 16.43 28.89 4.26
C GLN E 89 16.05 29.69 5.49
N GLN E 90 16.99 29.79 6.43
CA GLN E 90 16.81 30.59 7.63
C GLN E 90 17.97 31.59 7.74
N TYR E 91 17.63 32.82 8.09
CA TYR E 91 18.59 33.92 8.13
CA TYR E 91 18.56 33.94 8.11
C TYR E 91 18.57 34.56 9.50
N TRP E 92 19.73 34.72 10.10
CA TRP E 92 19.84 35.41 11.37
C TRP E 92 21.26 35.89 11.56
N ARG E 93 21.43 36.82 12.49
CA ARG E 93 22.72 37.41 12.80
C ARG E 93 23.20 36.92 14.15
N ASP E 94 24.43 36.40 14.20
CA ASP E 94 25.06 35.93 15.42
C ASP E 94 26.38 36.66 15.57
N LYS E 95 26.45 37.59 16.53
CA LYS E 95 27.66 38.39 16.69
C LYS E 95 28.85 37.55 17.14
N ARG E 96 28.60 36.37 17.71
CA ARG E 96 29.70 35.47 18.05
C ARG E 96 30.41 34.93 16.81
N LEU E 97 29.77 34.99 15.65
CA LEU E 97 30.33 34.48 14.41
C LEU E 97 30.84 35.56 13.48
N ALA E 98 30.92 36.80 13.95
CA ALA E 98 31.47 37.87 13.12
C ALA E 98 32.98 37.71 12.99
N TYR E 99 33.49 37.90 11.77
CA TYR E 99 34.90 37.75 11.49
C TYR E 99 35.37 38.90 10.62
N SER E 100 36.66 39.21 10.72
CA SER E 100 37.25 40.32 9.99
C SER E 100 38.48 39.83 9.22
N GLY E 101 38.89 40.63 8.24
CA GLY E 101 40.06 40.34 7.45
C GLY E 101 39.84 39.40 6.29
N ILE E 102 38.64 38.88 6.12
CA ILE E 102 38.32 37.95 5.04
C ILE E 102 37.17 38.53 4.25
N PRO E 103 37.44 39.14 3.10
CA PRO E 103 36.38 39.71 2.25
C PRO E 103 35.61 38.66 1.44
N LEU E 104 35.10 37.65 2.13
CA LEU E 104 34.39 36.56 1.48
C LEU E 104 33.28 36.06 2.40
N ASN E 105 32.24 35.50 1.80
CA ASN E 105 31.19 34.81 2.54
C ASN E 105 31.59 33.34 2.64
N LEU E 106 31.95 32.90 3.84
CA LEU E 106 32.51 31.57 4.04
C LEU E 106 31.38 30.54 4.01
N THR E 107 31.38 29.70 2.98
CA THR E 107 30.51 28.53 2.93
C THR E 107 31.25 27.37 3.55
N LEU E 108 30.90 27.04 4.79
CA LEU E 108 31.60 25.97 5.47
C LEU E 108 30.94 24.63 5.16
N ASP E 109 31.64 23.55 5.50
CA ASP E 109 31.08 22.21 5.37
C ASP E 109 29.83 22.11 6.22
N ASN E 110 28.82 21.38 5.70
CA ASN E 110 27.53 21.34 6.37
C ASN E 110 27.60 20.77 7.77
N ARG E 111 28.66 20.01 8.09
CA ARG E 111 28.80 19.45 9.43
C ARG E 111 29.09 20.52 10.47
N VAL E 112 29.48 21.73 10.07
CA VAL E 112 29.70 22.81 11.03
C VAL E 112 28.41 23.30 11.65
N ALA E 113 27.27 22.95 11.06
CA ALA E 113 25.98 23.33 11.65
C ALA E 113 25.78 22.69 13.01
N ASP E 114 26.30 21.48 13.20
CA ASP E 114 26.17 20.80 14.49
C ASP E 114 26.90 21.52 15.61
N GLN E 115 27.84 22.41 15.27
CA GLN E 115 28.61 23.15 16.25
C GLN E 115 28.11 24.57 16.44
N LEU E 116 26.97 24.91 15.86
CA LEU E 116 26.44 26.26 15.89
C LEU E 116 25.02 26.24 16.46
N TRP E 117 24.60 27.39 16.98
CA TRP E 117 23.21 27.54 17.36
C TRP E 117 22.35 27.71 16.13
N VAL E 118 21.28 26.96 16.04
CA VAL E 118 20.30 27.12 14.96
C VAL E 118 18.93 27.23 15.60
N PRO E 119 17.97 27.92 14.99
CA PRO E 119 16.64 28.03 15.58
C PRO E 119 15.95 26.67 15.64
N ASP E 120 15.10 26.51 16.65
CA ASP E 120 14.34 25.27 16.82
C ASP E 120 13.02 25.36 16.06
N THR E 121 13.13 25.63 14.76
CA THR E 121 11.97 25.77 13.91
C THR E 121 11.35 24.40 13.63
N TYR E 122 10.03 24.31 13.78
CA TYR E 122 9.31 23.09 13.48
C TYR E 122 8.01 23.45 12.76
N PHE E 123 7.40 22.43 12.16
CA PHE E 123 6.16 22.60 11.41
C PHE E 123 5.04 21.89 12.17
N LEU E 124 4.06 22.67 12.62
CA LEU E 124 3.04 22.12 13.51
C LEU E 124 2.20 21.06 12.82
N ASN E 125 1.82 21.28 11.57
CA ASN E 125 1.00 20.32 10.84
C ASN E 125 1.83 19.30 10.07
N ASP E 126 3.08 19.07 10.48
CA ASP E 126 3.96 18.14 9.80
C ASP E 126 3.76 16.74 10.36
N LYS E 127 3.39 15.79 9.49
CA LYS E 127 3.21 14.41 9.90
C LYS E 127 4.50 13.62 9.81
N LYS E 128 5.19 13.71 8.68
CA LYS E 128 6.45 13.01 8.46
C LYS E 128 7.34 13.89 7.61
N SER E 129 8.57 14.12 8.06
CA SER E 129 9.52 14.94 7.34
C SER E 129 10.91 14.38 7.50
N PHE E 130 11.78 14.71 6.54
CA PHE E 130 13.17 14.31 6.61
C PHE E 130 14.00 15.31 5.83
N VAL E 131 15.28 15.39 6.18
CA VAL E 131 16.26 16.14 5.42
C VAL E 131 16.99 15.14 4.53
N HIS E 132 17.07 15.45 3.24
CA HIS E 132 17.69 14.55 2.29
C HIS E 132 19.18 14.39 2.60
N GLY E 133 19.66 13.15 2.51
CA GLY E 133 21.02 12.85 2.93
C GLY E 133 21.89 12.17 1.90
N VAL E 134 21.60 12.39 0.62
CA VAL E 134 22.39 11.86 -0.48
C VAL E 134 22.83 13.04 -1.34
N THR E 135 24.14 13.13 -1.59
CA THR E 135 25.14 12.18 -1.13
C THR E 135 25.58 12.47 0.31
N VAL E 136 25.43 13.73 0.72
CA VAL E 136 25.63 14.12 2.11
C VAL E 136 24.33 14.74 2.59
N LYS E 137 24.28 15.17 3.85
CA LYS E 137 23.10 15.85 4.35
C LYS E 137 22.89 17.14 3.57
N ASN E 138 21.71 17.30 2.99
CA ASN E 138 21.41 18.46 2.16
C ASN E 138 21.20 19.65 3.10
N ARG E 139 22.31 20.26 3.48
CA ARG E 139 22.32 21.34 4.45
C ARG E 139 23.41 22.33 4.07
N MET E 140 23.14 23.62 4.28
CA MET E 140 24.06 24.68 3.93
C MET E 140 24.31 25.57 5.13
N ILE E 141 25.57 25.95 5.31
CA ILE E 141 25.96 26.98 6.27
C ILE E 141 26.83 27.98 5.53
N ARG E 142 26.44 29.25 5.54
CA ARG E 142 27.20 30.31 4.91
C ARG E 142 27.31 31.47 5.88
N LEU E 143 28.51 31.68 6.40
CA LEU E 143 28.76 32.80 7.29
C LEU E 143 29.03 34.07 6.50
N HIS E 144 28.78 35.20 7.13
CA HIS E 144 29.02 36.51 6.56
C HIS E 144 29.85 37.32 7.53
N PRO E 145 30.59 38.31 7.03
CA PRO E 145 31.51 39.05 7.92
C PRO E 145 30.84 39.68 9.13
N ASP E 146 29.59 40.16 8.98
CA ASP E 146 28.87 40.78 10.08
C ASP E 146 28.19 39.76 10.99
N GLY E 147 28.59 38.50 10.94
CA GLY E 147 28.01 37.47 11.78
C GLY E 147 26.73 36.85 11.26
N THR E 148 26.29 37.22 10.07
CA THR E 148 25.05 36.68 9.54
C THR E 148 25.21 35.22 9.16
N VAL E 149 24.20 34.41 9.48
CA VAL E 149 24.20 32.98 9.20
C VAL E 149 23.10 32.68 8.20
N LEU E 150 23.46 32.04 7.10
CA LEU E 150 22.50 31.50 6.14
C LEU E 150 22.48 29.98 6.33
N TYR E 151 21.38 29.47 6.86
CA TYR E 151 21.22 28.06 7.18
C TYR E 151 20.12 27.50 6.30
N GLY E 152 20.47 26.56 5.43
CA GLY E 152 19.53 25.99 4.49
C GLY E 152 19.38 24.48 4.70
N LEU E 153 18.18 23.99 4.45
CA LEU E 153 17.88 22.57 4.50
C LEU E 153 16.97 22.22 3.35
N ARG E 154 17.20 21.08 2.72
CA ARG E 154 16.31 20.55 1.71
C ARG E 154 15.39 19.55 2.39
N ILE E 155 14.15 19.97 2.65
CA ILE E 155 13.22 19.24 3.49
C ILE E 155 12.07 18.74 2.64
N THR E 156 11.73 17.46 2.78
CA THR E 156 10.51 16.90 2.25
C THR E 156 9.60 16.57 3.42
N THR E 157 8.44 17.23 3.48
CA THR E 157 7.52 17.05 4.59
C THR E 157 6.14 16.70 4.07
N THR E 158 5.43 15.88 4.84
CA THR E 158 4.03 15.56 4.57
C THR E 158 3.21 16.36 5.56
N ALA E 159 2.86 17.58 5.18
CA ALA E 159 2.04 18.43 6.02
C ALA E 159 0.59 18.01 5.93
N ALA E 160 -0.12 18.15 7.05
CA ALA E 160 -1.52 17.74 7.14
C ALA E 160 -2.43 18.93 6.88
N CYS E 161 -3.48 18.71 6.10
CA CYS E 161 -4.52 19.71 5.91
C CYS E 161 -5.85 19.00 5.77
N MET E 162 -6.81 19.38 6.61
CA MET E 162 -8.16 18.83 6.49
C MET E 162 -8.84 19.41 5.27
N MET E 163 -9.41 18.53 4.46
CA MET E 163 -10.05 18.92 3.21
C MET E 163 -11.56 18.76 3.35
N ASP E 164 -12.29 19.81 3.01
CA ASP E 164 -13.75 19.76 2.97
C ASP E 164 -14.13 19.22 1.60
N LEU E 165 -14.53 17.95 1.55
CA LEU E 165 -14.82 17.27 0.30
C LEU E 165 -16.31 17.12 0.05
N ARG E 166 -17.14 17.90 0.74
CA ARG E 166 -18.58 17.82 0.53
C ARG E 166 -18.98 18.26 -0.88
N ARG E 167 -18.14 19.03 -1.56
CA ARG E 167 -18.40 19.44 -2.94
C ARG E 167 -17.51 18.70 -3.93
N TYR E 168 -16.85 17.63 -3.50
CA TYR E 168 -15.96 16.89 -4.38
C TYR E 168 -16.75 16.29 -5.54
N PRO E 169 -16.23 16.34 -6.77
CA PRO E 169 -14.92 16.86 -7.18
C PRO E 169 -14.93 18.35 -7.53
N LEU E 170 -16.02 19.07 -7.28
CA LEU E 170 -16.08 20.50 -7.55
C LEU E 170 -15.70 21.32 -6.32
N ASP E 171 -14.54 21.04 -5.74
CA ASP E 171 -14.17 21.60 -4.45
C ASP E 171 -12.86 22.36 -4.56
N GLU E 172 -12.70 23.34 -3.67
CA GLU E 172 -11.45 24.07 -3.50
C GLU E 172 -10.88 23.74 -2.13
N GLN E 173 -9.58 23.45 -2.08
CA GLN E 173 -8.91 23.11 -0.84
C GLN E 173 -7.87 24.16 -0.51
N ASN E 174 -7.68 24.40 0.78
CA ASN E 174 -6.72 25.37 1.29
C ASN E 174 -5.80 24.61 2.23
N CYS E 175 -4.61 24.26 1.76
CA CYS E 175 -3.62 23.53 2.53
C CYS E 175 -2.48 24.46 2.92
N THR E 176 -2.10 24.43 4.18
CA THR E 176 -1.11 25.36 4.71
C THR E 176 0.12 24.62 5.21
N LEU E 177 1.14 25.40 5.55
CA LEU E 177 2.33 24.91 6.24
C LEU E 177 2.61 25.87 7.39
N GLU E 178 2.41 25.40 8.62
CA GLU E 178 2.63 26.22 9.80
C GLU E 178 4.09 26.13 10.21
N ILE E 179 4.72 27.29 10.42
CA ILE E 179 6.13 27.35 10.78
C ILE E 179 6.24 28.07 12.12
N GLU E 180 6.77 27.38 13.12
CA GLU E 180 6.77 27.90 14.47
C GLU E 180 8.06 27.51 15.18
N SER E 181 8.40 28.28 16.20
CA SER E 181 9.49 27.94 17.12
C SER E 181 8.94 27.10 18.25
N TYR E 182 9.71 26.10 18.68
CA TYR E 182 9.21 25.19 19.70
C TYR E 182 9.54 25.65 21.12
N GLY E 183 10.82 25.84 21.41
CA GLY E 183 11.22 26.19 22.75
C GLY E 183 11.17 27.67 23.03
N TYR E 184 11.66 28.47 22.11
CA TYR E 184 11.78 29.91 22.34
C TYR E 184 10.44 30.58 22.14
N THR E 185 10.05 31.41 23.10
CA THR E 185 8.83 32.20 22.99
C THR E 185 9.13 33.49 22.23
N THR E 186 8.11 34.34 22.10
CA THR E 186 8.30 35.62 21.42
C THR E 186 9.27 36.53 22.15
N ASP E 187 9.58 36.25 23.42
CA ASP E 187 10.61 36.99 24.12
C ASP E 187 12.01 36.63 23.66
N ASP E 188 12.17 35.49 22.99
CA ASP E 188 13.49 34.99 22.61
C ASP E 188 13.73 34.97 21.11
N ILE E 189 12.69 34.79 20.29
CA ILE E 189 12.87 34.63 18.86
C ILE E 189 11.73 35.32 18.13
N GLU E 190 12.04 35.86 16.95
CA GLU E 190 11.06 36.51 16.10
C GLU E 190 11.22 36.02 14.68
N PHE E 191 10.11 35.66 14.05
CA PHE E 191 10.10 35.20 12.67
C PHE E 191 9.60 36.30 11.75
N TYR E 192 10.08 36.28 10.52
CA TYR E 192 9.54 37.16 9.49
C TYR E 192 9.84 36.55 8.13
N TRP E 193 8.89 36.69 7.21
CA TRP E 193 9.10 36.28 5.83
C TRP E 193 10.14 37.21 5.20
N ARG E 194 11.32 36.68 4.92
CA ARG E 194 12.41 37.48 4.39
CA ARG E 194 12.41 37.48 4.39
C ARG E 194 12.14 37.79 2.91
N GLY E 195 11.99 39.07 2.60
CA GLY E 195 11.65 39.49 1.27
C GLY E 195 10.18 39.79 1.05
N GLY E 196 9.39 39.83 2.11
CA GLY E 196 7.97 40.12 1.96
C GLY E 196 7.25 38.99 1.25
N ASP E 197 6.43 39.36 0.26
CA ASP E 197 5.70 38.37 -0.52
C ASP E 197 6.60 37.57 -1.46
N LYS E 198 7.84 37.98 -1.63
CA LYS E 198 8.79 37.23 -2.45
C LYS E 198 9.48 36.11 -1.69
N ALA E 199 9.15 35.93 -0.40
CA ALA E 199 9.87 34.98 0.43
C ALA E 199 9.72 33.54 -0.04
N VAL E 200 8.65 33.23 -0.76
CA VAL E 200 8.42 31.88 -1.26
C VAL E 200 8.41 31.91 -2.77
N THR E 201 9.23 31.07 -3.39
CA THR E 201 9.35 30.99 -4.84
C THR E 201 9.00 29.58 -5.30
N GLY E 202 8.82 29.45 -6.61
CA GLY E 202 8.56 28.16 -7.22
C GLY E 202 7.12 27.69 -7.17
N VAL E 203 6.21 28.52 -6.68
CA VAL E 203 4.80 28.13 -6.64
C VAL E 203 4.21 28.09 -8.05
N GLU E 204 4.57 29.06 -8.88
CA GLU E 204 4.02 29.14 -10.22
C GLU E 204 4.51 28.01 -11.12
N ARG E 205 5.59 27.33 -10.75
CA ARG E 205 6.10 26.21 -11.53
C ARG E 205 5.56 24.87 -11.07
N ILE E 206 4.72 24.86 -10.04
CA ILE E 206 4.20 23.60 -9.52
C ILE E 206 3.14 23.04 -10.47
N GLU E 207 3.26 21.75 -10.79
CA GLU E 207 2.32 21.06 -11.65
C GLU E 207 1.67 19.96 -10.84
N LEU E 208 0.41 20.16 -10.46
CA LEU E 208 -0.32 19.15 -9.71
C LEU E 208 -1.21 18.35 -10.64
N PRO E 209 -1.20 17.02 -10.55
CA PRO E 209 -1.99 16.22 -11.49
C PRO E 209 -3.48 16.50 -11.44
N GLN E 210 -4.02 16.79 -10.26
CA GLN E 210 -5.45 16.90 -10.08
C GLN E 210 -5.92 18.30 -9.71
N PHE E 211 -5.03 19.14 -9.21
CA PHE E 211 -5.38 20.49 -8.78
C PHE E 211 -4.66 21.51 -9.65
N SER E 212 -4.94 22.78 -9.39
CA SER E 212 -4.20 23.89 -9.96
C SER E 212 -4.14 24.98 -8.92
N ILE E 213 -2.93 25.40 -8.55
CA ILE E 213 -2.75 26.31 -7.43
C ILE E 213 -3.28 27.68 -7.82
N VAL E 214 -4.42 28.07 -7.24
CA VAL E 214 -5.02 29.37 -7.56
C VAL E 214 -4.12 30.50 -7.05
N GLU E 215 -3.69 30.41 -5.79
CA GLU E 215 -2.84 31.44 -5.22
C GLU E 215 -2.18 30.89 -3.96
N HIS E 216 -1.23 31.65 -3.44
CA HIS E 216 -0.57 31.35 -2.18
C HIS E 216 -0.46 32.63 -1.37
N ARG E 217 -0.33 32.46 -0.06
CA ARG E 217 -0.37 33.60 0.86
C ARG E 217 0.63 33.37 1.99
N LEU E 218 1.25 34.45 2.45
CA LEU E 218 2.20 34.42 3.55
C LEU E 218 1.64 35.22 4.71
N VAL E 219 1.59 34.61 5.90
CA VAL E 219 1.02 35.23 7.08
C VAL E 219 2.02 35.11 8.22
N SER E 220 2.22 36.22 8.94
CA SER E 220 3.04 36.24 10.14
C SER E 220 2.16 36.63 11.32
N ARG E 221 2.22 35.86 12.40
CA ARG E 221 1.40 36.10 13.57
C ARG E 221 2.00 35.37 14.76
N ASN E 222 1.37 35.55 15.93
CA ASN E 222 1.77 34.90 17.15
C ASN E 222 0.68 33.92 17.59
N VAL E 223 1.10 32.79 18.15
CA VAL E 223 0.19 31.77 18.65
C VAL E 223 0.51 31.52 20.11
N VAL E 224 -0.53 31.50 20.95
CA VAL E 224 -0.37 31.34 22.39
C VAL E 224 -0.75 29.93 22.77
N PHE E 225 0.11 29.28 23.54
CA PHE E 225 -0.17 27.99 24.15
C PHE E 225 -0.09 28.14 25.67
N ALA E 226 -0.26 27.02 26.37
CA ALA E 226 -0.16 27.03 27.82
C ALA E 226 1.25 27.32 28.29
N THR E 227 2.25 27.07 27.47
CA THR E 227 3.65 27.27 27.83
C THR E 227 4.19 28.63 27.38
N GLY E 228 3.39 29.45 26.72
CA GLY E 228 3.81 30.78 26.33
C GLY E 228 3.29 31.13 24.97
N ALA E 229 3.77 32.26 24.45
CA ALA E 229 3.39 32.77 23.14
C ALA E 229 4.56 32.60 22.19
N TYR E 230 4.27 32.10 20.98
CA TYR E 230 5.32 31.76 20.03
C TYR E 230 5.06 32.42 18.69
N PRO E 231 6.12 32.80 17.98
CA PRO E 231 5.93 33.36 16.64
C PRO E 231 5.56 32.27 15.64
N ARG E 232 4.80 32.67 14.63
CA ARG E 232 4.36 31.72 13.61
C ARG E 232 4.35 32.38 12.24
N LEU E 233 4.88 31.66 11.26
CA LEU E 233 4.75 31.99 9.86
C LEU E 233 3.89 30.93 9.19
N SER E 234 2.96 31.36 8.35
CA SER E 234 2.02 30.44 7.70
C SER E 234 2.11 30.62 6.21
N LEU E 235 2.38 29.52 5.49
CA LEU E 235 2.34 29.48 4.04
C LEU E 235 1.13 28.65 3.64
N SER E 236 0.18 29.27 2.97
CA SER E 236 -1.06 28.62 2.58
C SER E 236 -1.24 28.65 1.07
N PHE E 237 -1.70 27.54 0.52
CA PHE E 237 -2.03 27.43 -0.90
C PHE E 237 -3.52 27.23 -1.05
N ARG E 238 -4.10 27.79 -2.11
CA ARG E 238 -5.47 27.54 -2.49
C ARG E 238 -5.47 26.67 -3.73
N LEU E 239 -6.07 25.49 -3.64
CA LEU E 239 -6.07 24.50 -4.70
C LEU E 239 -7.48 24.34 -5.25
N LYS E 240 -7.63 24.47 -6.55
CA LYS E 240 -8.91 24.25 -7.24
C LYS E 240 -8.78 23.00 -8.09
N ARG E 241 -9.68 22.04 -7.86
CA ARG E 241 -9.60 20.77 -8.58
C ARG E 241 -10.04 20.95 -10.03
N ASN E 242 -9.47 20.13 -10.90
CA ASN E 242 -9.83 20.10 -12.31
C ASN E 242 -10.75 18.91 -12.56
N ILE E 243 -11.91 19.18 -13.17
CA ILE E 243 -12.98 18.20 -13.29
C ILE E 243 -13.00 17.55 -14.67
N GLY E 244 -12.02 17.85 -15.53
CA GLY E 244 -12.04 17.31 -16.87
C GLY E 244 -12.04 15.80 -16.90
N TYR E 245 -11.31 15.17 -15.98
CA TYR E 245 -11.32 13.71 -15.89
C TYR E 245 -12.68 13.20 -15.46
N PHE E 246 -13.33 13.88 -14.51
CA PHE E 246 -14.60 13.40 -13.99
C PHE E 246 -15.74 13.59 -14.99
N ILE E 247 -15.62 14.54 -15.91
CA ILE E 247 -16.67 14.73 -16.90
C ILE E 247 -16.80 13.49 -17.79
N LEU E 248 -15.69 13.00 -18.30
CA LEU E 248 -15.74 11.87 -19.23
C LEU E 248 -15.96 10.54 -18.52
N GLN E 249 -15.39 10.36 -17.34
CA GLN E 249 -15.41 9.06 -16.67
C GLN E 249 -16.51 8.94 -15.64
N THR E 250 -16.88 10.03 -14.96
CA THR E 250 -17.80 9.96 -13.84
C THR E 250 -19.20 10.43 -14.20
N TYR E 251 -19.33 11.60 -14.81
CA TYR E 251 -20.65 12.19 -15.05
C TYR E 251 -21.28 11.71 -16.35
N MET E 252 -20.53 11.74 -17.45
CA MET E 252 -21.11 11.36 -18.73
C MET E 252 -21.63 9.94 -18.79
N PRO E 253 -20.93 8.91 -18.30
CA PRO E 253 -21.53 7.57 -18.31
C PRO E 253 -22.85 7.50 -17.56
N SER E 254 -22.97 8.21 -16.45
CA SER E 254 -24.23 8.21 -15.71
C SER E 254 -25.32 8.94 -16.47
N ILE E 255 -24.97 10.03 -17.15
CA ILE E 255 -25.95 10.76 -17.95
C ILE E 255 -26.44 9.91 -19.11
N LEU E 256 -25.52 9.24 -19.80
CA LEU E 256 -25.91 8.43 -20.95
C LEU E 256 -26.79 7.25 -20.53
N ILE E 257 -26.48 6.62 -19.40
CA ILE E 257 -27.32 5.54 -18.91
C ILE E 257 -28.70 6.05 -18.53
N THR E 258 -28.77 7.23 -17.91
CA THR E 258 -30.06 7.80 -17.56
C THR E 258 -30.89 8.11 -18.80
N ILE E 259 -30.26 8.69 -19.83
CA ILE E 259 -30.97 8.94 -21.08
C ILE E 259 -31.37 7.62 -21.73
N LEU E 260 -30.50 6.61 -21.62
CA LEU E 260 -30.77 5.32 -22.24
C LEU E 260 -32.02 4.68 -21.67
N SER E 261 -32.25 4.83 -20.37
CA SER E 261 -33.43 4.25 -19.76
C SER E 261 -34.73 4.89 -20.25
N TRP E 262 -34.67 6.10 -20.80
CA TRP E 262 -35.87 6.72 -21.34
C TRP E 262 -36.30 6.10 -22.65
N VAL E 263 -35.45 5.30 -23.28
CA VAL E 263 -35.83 4.60 -24.50
C VAL E 263 -37.04 3.71 -24.26
N SER E 264 -37.20 3.24 -23.02
CA SER E 264 -38.33 2.38 -22.69
C SER E 264 -39.66 3.07 -22.95
N PHE E 265 -39.73 4.39 -22.78
CA PHE E 265 -40.98 5.11 -22.99
C PHE E 265 -41.38 5.14 -24.46
N TRP E 266 -40.47 4.86 -25.37
CA TRP E 266 -40.76 4.83 -26.80
C TRP E 266 -41.02 3.42 -27.32
N ILE E 267 -41.04 2.43 -26.44
CA ILE E 267 -41.35 1.06 -26.81
C ILE E 267 -42.76 0.74 -26.35
N ASN E 268 -43.43 -0.14 -27.10
CA ASN E 268 -44.83 -0.45 -26.82
C ASN E 268 -44.98 -1.12 -25.45
N TYR E 269 -46.15 -0.91 -24.85
CA TYR E 269 -46.40 -1.41 -23.50
C TYR E 269 -46.33 -2.92 -23.42
N ASP E 270 -46.77 -3.62 -24.47
CA ASP E 270 -46.79 -5.07 -24.42
C ASP E 270 -45.43 -5.69 -24.64
N ALA E 271 -44.42 -4.91 -25.02
CA ALA E 271 -43.05 -5.41 -25.16
C ALA E 271 -42.41 -5.46 -23.77
N SER E 272 -42.92 -6.38 -22.95
CA SER E 272 -42.44 -6.50 -21.58
C SER E 272 -41.00 -6.97 -21.54
N ALA E 273 -40.66 -7.96 -22.36
CA ALA E 273 -39.28 -8.47 -22.36
C ALA E 273 -38.30 -7.40 -22.79
N ALA E 274 -38.67 -6.57 -23.76
CA ALA E 274 -37.78 -5.51 -24.22
C ALA E 274 -37.65 -4.41 -23.18
N ARG E 275 -38.77 -3.96 -22.61
CA ARG E 275 -38.72 -2.81 -21.71
C ARG E 275 -38.13 -3.19 -20.35
N VAL E 276 -38.42 -4.40 -19.86
CA VAL E 276 -37.85 -4.82 -18.59
C VAL E 276 -36.36 -5.07 -18.72
N ALA E 277 -35.94 -5.72 -19.80
CA ALA E 277 -34.51 -5.96 -20.02
C ALA E 277 -33.75 -4.65 -20.13
N LEU E 278 -34.30 -3.69 -20.87
CA LEU E 278 -33.70 -2.36 -20.90
C LEU E 278 -33.73 -1.71 -19.52
N GLY E 279 -34.86 -1.83 -18.82
CA GLY E 279 -35.01 -1.12 -17.56
C GLY E 279 -34.09 -1.65 -16.47
N ILE E 280 -34.03 -2.96 -16.30
CA ILE E 280 -33.27 -3.53 -15.19
C ILE E 280 -31.78 -3.56 -15.50
N THR E 281 -31.39 -3.61 -16.78
CA THR E 281 -29.97 -3.57 -17.11
C THR E 281 -29.38 -2.18 -16.93
N THR E 282 -30.17 -1.14 -17.17
CA THR E 282 -29.72 0.21 -16.85
C THR E 282 -29.58 0.40 -15.35
N VAL E 283 -30.43 -0.27 -14.55
CA VAL E 283 -30.25 -0.28 -13.11
C VAL E 283 -28.96 -0.98 -12.74
N LEU E 284 -28.69 -2.13 -13.36
CA LEU E 284 -27.44 -2.84 -13.11
C LEU E 284 -26.24 -2.04 -13.57
N THR E 285 -26.36 -1.33 -14.70
CA THR E 285 -25.26 -0.51 -15.17
C THR E 285 -24.98 0.65 -14.22
N MET E 286 -26.02 1.31 -13.73
CA MET E 286 -25.83 2.39 -12.75
C MET E 286 -25.20 1.84 -11.47
N THR E 287 -25.62 0.64 -11.06
CA THR E 287 -24.99 0.01 -9.90
C THR E 287 -23.52 -0.29 -10.17
N THR E 288 -23.21 -0.77 -11.37
CA THR E 288 -21.83 -1.05 -11.72
C THR E 288 -20.99 0.22 -11.73
N ILE E 289 -21.51 1.30 -12.30
CA ILE E 289 -20.80 2.57 -12.31
C ILE E 289 -20.59 3.07 -10.89
N ASN E 290 -21.63 3.03 -10.07
CA ASN E 290 -21.55 3.59 -8.74
C ASN E 290 -20.61 2.80 -7.84
N THR E 291 -20.68 1.47 -7.90
CA THR E 291 -19.83 0.67 -7.02
C THR E 291 -18.37 0.72 -7.45
N HIS E 292 -18.11 0.82 -8.75
CA HIS E 292 -16.73 0.88 -9.22
C HIS E 292 -16.13 2.26 -8.99
N LEU E 293 -16.94 3.31 -9.07
CA LEU E 293 -16.43 4.64 -8.73
C LEU E 293 -16.08 4.72 -7.25
N ARG E 294 -16.79 3.98 -6.41
CA ARG E 294 -16.47 3.94 -4.99
C ARG E 294 -15.07 3.38 -4.76
N GLU E 295 -14.68 2.38 -5.55
CA GLU E 295 -13.35 1.78 -5.40
C GLU E 295 -12.26 2.68 -5.95
N THR E 296 -12.49 3.28 -7.13
CA THR E 296 -11.42 4.00 -7.80
C THR E 296 -11.23 5.40 -7.20
N LEU E 297 -12.30 6.04 -6.77
CA LEU E 297 -12.17 7.36 -6.16
C LEU E 297 -11.63 7.24 -4.75
N PRO E 298 -11.05 8.31 -4.20
CA PRO E 298 -10.50 8.23 -2.84
C PRO E 298 -11.57 7.85 -1.83
N LYS E 299 -11.17 7.05 -0.84
CA LYS E 299 -12.10 6.55 0.16
C LYS E 299 -12.50 7.65 1.12
N ILE E 300 -13.50 8.44 0.75
CA ILE E 300 -13.99 9.54 1.58
C ILE E 300 -15.30 9.07 2.23
N PRO E 301 -15.32 8.78 3.52
CA PRO E 301 -16.45 8.07 4.12
C PRO E 301 -17.65 8.95 4.48
N TYR E 302 -17.77 10.13 3.88
CA TYR E 302 -18.99 10.91 4.04
C TYR E 302 -19.51 11.33 2.67
N VAL E 303 -20.76 11.79 2.64
CA VAL E 303 -21.45 12.08 1.40
C VAL E 303 -20.83 13.29 0.73
N LYS E 304 -20.50 13.14 -0.55
CA LYS E 304 -19.89 14.18 -1.37
C LYS E 304 -20.86 14.61 -2.46
N ALA E 305 -20.44 15.61 -3.23
CA ALA E 305 -21.28 16.10 -4.32
C ALA E 305 -21.50 15.03 -5.38
N ILE E 306 -20.45 14.27 -5.70
CA ILE E 306 -20.56 13.24 -6.73
C ILE E 306 -21.50 12.12 -6.27
N ASP E 307 -21.50 11.80 -4.98
CA ASP E 307 -22.36 10.73 -4.49
C ASP E 307 -23.83 11.08 -4.68
N MET E 308 -24.17 12.36 -4.53
CA MET E 308 -25.55 12.78 -4.76
C MET E 308 -25.94 12.62 -6.23
N TYR E 309 -25.04 12.96 -7.15
CA TYR E 309 -25.37 12.86 -8.56
C TYR E 309 -25.56 11.41 -8.99
N LEU E 310 -24.68 10.52 -8.54
CA LEU E 310 -24.84 9.10 -8.85
C LEU E 310 -26.11 8.56 -8.23
N MET E 311 -26.43 8.95 -7.01
CA MET E 311 -27.68 8.53 -6.39
C MET E 311 -28.89 9.13 -7.11
N GLY E 312 -28.78 10.40 -7.52
CA GLY E 312 -29.87 11.02 -8.24
C GLY E 312 -30.16 10.34 -9.57
N CYS E 313 -29.10 9.99 -10.30
CA CYS E 313 -29.28 9.25 -11.55
C CYS E 313 -29.82 7.85 -11.30
N PHE E 314 -29.37 7.21 -10.23
CA PHE E 314 -29.88 5.88 -9.88
C PHE E 314 -31.36 5.93 -9.54
N VAL E 315 -31.85 7.06 -9.03
CA VAL E 315 -33.28 7.20 -8.78
C VAL E 315 -34.04 7.29 -10.10
N PHE E 316 -33.48 8.00 -11.09
CA PHE E 316 -34.18 8.16 -12.36
C PHE E 316 -34.33 6.84 -13.09
N VAL E 317 -33.27 6.02 -13.13
CA VAL E 317 -33.40 4.72 -13.79
C VAL E 317 -34.31 3.81 -12.99
N PHE E 318 -34.32 3.94 -11.67
CA PHE E 318 -35.26 3.21 -10.84
C PHE E 318 -36.70 3.62 -11.13
N LEU E 319 -36.94 4.91 -11.31
CA LEU E 319 -38.30 5.38 -11.59
C LEU E 319 -38.73 5.06 -13.01
N ALA E 320 -37.79 5.00 -13.95
CA ALA E 320 -38.13 4.64 -15.32
C ALA E 320 -38.58 3.19 -15.42
N LEU E 321 -37.88 2.30 -14.73
CA LEU E 321 -38.32 0.90 -14.67
C LEU E 321 -39.64 0.77 -13.93
N LEU E 322 -39.79 1.52 -12.83
CA LEU E 322 -41.04 1.52 -12.10
C LEU E 322 -42.17 2.08 -12.95
N GLU E 323 -41.86 2.98 -13.87
CA GLU E 323 -42.89 3.54 -14.75
C GLU E 323 -43.50 2.48 -15.64
N TYR E 324 -42.68 1.55 -16.16
CA TYR E 324 -43.24 0.50 -17.00
C TYR E 324 -44.15 -0.43 -16.20
N ALA E 325 -43.70 -0.85 -15.02
CA ALA E 325 -44.53 -1.74 -14.22
C ALA E 325 -45.87 -1.13 -13.90
N PHE E 326 -45.90 0.19 -13.70
CA PHE E 326 -47.17 0.89 -13.56
C PHE E 326 -47.98 0.79 -14.84
N VAL E 327 -47.34 0.98 -16.00
CA VAL E 327 -48.03 0.85 -17.28
C VAL E 327 -48.51 -0.58 -17.48
N ASN E 328 -47.66 -1.55 -17.17
CA ASN E 328 -48.04 -2.95 -17.34
C ASN E 328 -49.22 -3.31 -16.45
N TYR E 329 -49.23 -2.80 -15.21
CA TYR E 329 -50.33 -3.11 -14.29
C TYR E 329 -51.61 -2.44 -14.73
N ILE E 330 -51.53 -1.22 -15.26
CA ILE E 330 -52.73 -0.51 -15.69
C ILE E 330 -53.39 -1.24 -16.85
N PHE E 331 -52.60 -1.70 -17.82
CA PHE E 331 -53.18 -2.36 -18.98
C PHE E 331 -53.68 -3.75 -18.64
N PHE E 332 -52.89 -4.54 -17.93
CA PHE E 332 -53.23 -5.95 -17.71
C PHE E 332 -53.96 -6.19 -16.41
N GLY E 333 -53.65 -5.45 -15.36
CA GLY E 333 -54.32 -5.64 -14.09
C GLY E 333 -55.65 -4.93 -14.01
N ARG E 334 -55.70 -3.67 -14.45
CA ARG E 334 -56.91 -2.88 -14.41
C ARG E 334 -57.62 -2.83 -15.76
N GLY E 335 -57.16 -3.60 -16.73
CA GLY E 335 -57.75 -3.60 -18.05
C GLY E 335 -59.09 -4.27 -18.11
N PRO E 336 -59.16 -5.56 -17.76
CA PRO E 336 -60.46 -6.26 -17.79
C PRO E 336 -61.51 -5.60 -16.92
N GLN E 337 -61.13 -5.03 -15.78
CA GLN E 337 -62.09 -4.32 -14.93
C GLN E 337 -62.56 -3.01 -15.55
N ARG E 338 -61.93 -2.58 -16.65
CA ARG E 338 -62.30 -1.34 -17.35
C ARG E 338 -62.12 -0.12 -16.45
N ILE E 439 -50.23 15.75 -15.04
CA ILE E 439 -50.62 14.38 -14.73
C ILE E 439 -51.45 13.80 -15.87
N PRO E 440 -51.06 12.64 -16.37
CA PRO E 440 -51.80 12.02 -17.48
C PRO E 440 -53.12 11.43 -17.03
N ASP E 441 -53.82 10.75 -17.96
CA ASP E 441 -55.14 10.21 -17.65
C ASP E 441 -55.07 9.12 -16.59
N LEU E 442 -53.94 8.43 -16.48
CA LEU E 442 -53.72 7.31 -15.56
C LEU E 442 -54.60 6.11 -15.86
N THR E 443 -55.34 6.14 -16.98
CA THR E 443 -56.08 4.98 -17.46
C THR E 443 -55.70 4.58 -18.87
N ASP E 444 -54.93 5.40 -19.58
CA ASP E 444 -54.46 5.11 -20.92
C ASP E 444 -52.96 4.87 -20.86
N VAL E 445 -52.52 3.67 -21.24
CA VAL E 445 -51.10 3.35 -21.18
C VAL E 445 -50.30 4.19 -22.17
N ASN E 446 -50.89 4.50 -23.33
CA ASN E 446 -50.21 5.37 -24.28
C ASN E 446 -50.05 6.78 -23.71
N ALA E 447 -51.05 7.26 -22.97
CA ALA E 447 -50.95 8.58 -22.36
C ALA E 447 -49.83 8.64 -21.34
N ILE E 448 -49.69 7.60 -20.52
CA ILE E 448 -48.64 7.57 -19.51
C ILE E 448 -47.27 7.57 -20.18
N ASP E 449 -47.10 6.76 -21.23
CA ASP E 449 -45.82 6.71 -21.92
C ASP E 449 -45.48 8.04 -22.55
N ARG E 450 -46.45 8.68 -23.21
CA ARG E 450 -46.18 9.98 -23.82
C ARG E 450 -45.91 11.04 -22.75
N TRP E 451 -46.60 10.96 -21.62
CA TRP E 451 -46.31 11.84 -20.50
C TRP E 451 -44.88 11.60 -19.99
N SER E 452 -44.48 10.34 -19.89
CA SER E 452 -43.14 10.01 -19.41
C SER E 452 -42.06 10.42 -20.40
N ARG E 453 -42.38 10.55 -21.69
CA ARG E 453 -41.39 10.98 -22.67
C ARG E 453 -40.99 12.43 -22.49
N ILE E 454 -41.77 13.22 -21.76
CA ILE E 454 -41.48 14.63 -21.53
C ILE E 454 -40.97 14.87 -20.12
N VAL E 455 -41.62 14.26 -19.13
CA VAL E 455 -41.34 14.59 -17.74
C VAL E 455 -39.97 14.07 -17.33
N PHE E 456 -39.60 12.88 -17.77
CA PHE E 456 -38.28 12.35 -17.42
C PHE E 456 -37.15 13.18 -18.00
N PRO E 457 -37.13 13.53 -19.30
CA PRO E 457 -36.09 14.46 -19.76
C PRO E 457 -36.16 15.82 -19.07
N PHE E 458 -37.37 16.31 -18.79
CA PHE E 458 -37.52 17.61 -18.17
C PHE E 458 -37.04 17.60 -16.72
N THR E 459 -37.44 16.60 -15.95
CA THR E 459 -37.04 16.52 -14.55
C THR E 459 -35.54 16.27 -14.42
N PHE E 460 -34.98 15.43 -15.29
CA PHE E 460 -33.54 15.18 -15.24
C PHE E 460 -32.76 16.43 -15.59
N SER E 461 -33.22 17.19 -16.58
CA SER E 461 -32.61 18.48 -16.87
C SER E 461 -32.78 19.45 -15.71
N LEU E 462 -33.95 19.43 -15.08
CA LEU E 462 -34.17 20.25 -13.89
C LEU E 462 -33.28 19.81 -12.75
N PHE E 463 -33.13 18.50 -12.57
CA PHE E 463 -32.22 17.99 -11.54
C PHE E 463 -30.79 18.44 -11.81
N ASN E 464 -30.35 18.35 -13.07
CA ASN E 464 -29.02 18.81 -13.42
C ASN E 464 -28.87 20.31 -13.19
N LEU E 465 -29.90 21.08 -13.53
CA LEU E 465 -29.84 22.53 -13.33
C LEU E 465 -29.68 22.87 -11.86
N VAL E 466 -30.48 22.24 -11.00
CA VAL E 466 -30.38 22.49 -9.56
C VAL E 466 -29.05 21.99 -9.01
N TYR E 467 -28.58 20.85 -9.51
CA TYR E 467 -27.32 20.29 -9.02
C TYR E 467 -26.14 21.19 -9.37
N TRP E 468 -26.03 21.59 -10.64
CA TRP E 468 -24.84 22.31 -11.07
C TRP E 468 -24.83 23.73 -10.54
N LEU E 469 -26.00 24.37 -10.42
CA LEU E 469 -26.04 25.68 -9.80
C LEU E 469 -25.65 25.63 -8.33
N TYR E 470 -26.10 24.58 -7.63
CA TYR E 470 -25.79 24.47 -6.21
C TYR E 470 -24.29 24.30 -5.97
N TYR E 471 -23.63 23.44 -6.75
CA TYR E 471 -22.24 23.12 -6.52
C TYR E 471 -21.27 23.96 -7.34
N VAL E 472 -21.77 24.83 -8.21
CA VAL E 472 -20.91 25.74 -8.96
C VAL E 472 -21.40 27.17 -8.83
C1 NAG F . 23.56 1.93 7.78
C2 NAG F . 23.82 1.10 9.04
C3 NAG F . 22.65 1.23 10.00
C4 NAG F . 22.37 2.70 10.29
C5 NAG F . 22.16 3.45 8.98
C6 NAG F . 21.98 4.94 9.16
C7 NAG F . 25.26 -0.84 8.58
C8 NAG F . 25.29 -2.30 8.22
N2 NAG F . 24.03 -0.30 8.70
O3 NAG F . 22.95 0.55 11.21
O4 NAG F . 21.21 2.82 11.11
O5 NAG F . 23.31 3.28 8.14
O6 NAG F . 21.71 5.58 7.92
O7 NAG F . 26.27 -0.20 8.76
C1 NAG F . 21.61 3.43 12.36
C2 NAG F . 20.37 3.99 13.05
C3 NAG F . 20.76 4.61 14.39
C4 NAG F . 21.53 3.61 15.24
C5 NAG F . 22.71 3.04 14.44
C6 NAG F . 23.44 1.94 15.18
C7 NAG F . 18.75 4.64 11.33
C8 NAG F . 18.16 5.78 10.54
N2 NAG F . 19.70 4.97 12.20
O3 NAG F . 19.58 5.02 15.08
O4 NAG F . 22.05 4.27 16.37
O5 NAG F . 22.24 2.46 13.21
O6 NAG F . 24.56 1.48 14.44
O7 NAG F . 18.36 3.48 11.19
C1 BMA F . 21.49 3.76 17.59
C2 BMA F . 22.20 4.50 18.71
C3 BMA F . 21.65 4.11 20.07
C4 BMA F . 20.14 4.22 20.10
C5 BMA F . 19.52 3.48 18.91
C6 BMA F . 18.03 3.70 18.81
O2 BMA F . 22.04 5.91 18.51
O3 BMA F . 22.19 5.00 21.03
O4 BMA F . 19.63 3.67 21.31
O5 BMA F . 20.09 3.97 17.69
O6 BMA F . 17.49 3.25 17.58
C1 MAN F . 23.00 4.39 22.05
C2 MAN F . 23.35 5.53 23.01
C3 MAN F . 24.20 6.56 22.29
C4 MAN F . 25.45 5.89 21.74
C5 MAN F . 25.06 4.70 20.85
C6 MAN F . 26.26 3.90 20.40
O2 MAN F . 24.07 5.04 24.13
O3 MAN F . 24.56 7.61 23.18
O4 MAN F . 26.20 6.82 20.97
O5 MAN F . 24.22 3.80 21.58
O6 MAN F . 27.13 4.67 19.59
C1 MAN F . 23.32 4.09 24.90
C2 MAN F . 23.87 3.98 26.31
C3 MAN F . 23.24 2.79 26.98
C4 MAN F . 21.72 2.95 26.99
C5 MAN F . 21.21 3.21 25.57
C6 MAN F . 19.74 3.58 25.54
O2 MAN F . 23.51 5.15 27.05
O3 MAN F . 23.73 2.66 28.31
O4 MAN F . 21.11 1.78 27.50
O5 MAN F . 21.91 4.31 24.97
O6 MAN F . 19.50 4.78 26.24
C1 MAN F . 24.51 6.18 26.95
C2 MAN F . 24.32 7.19 28.08
C3 MAN F . 25.32 8.32 27.96
C4 MAN F . 26.74 7.76 27.88
C5 MAN F . 26.82 6.72 26.75
C6 MAN F . 28.17 6.03 26.68
O2 MAN F . 24.47 6.52 29.33
O3 MAN F . 25.21 9.20 29.07
O4 MAN F . 27.66 8.81 27.61
O5 MAN F . 25.85 5.69 26.97
O6 MAN F . 28.19 5.04 25.67
C1 MAN F . 16.08 3.57 17.61
C2 MAN F . 15.37 2.92 16.42
C3 MAN F . 15.80 3.53 15.10
C4 MAN F . 15.67 5.05 15.16
C5 MAN F . 16.44 5.58 16.36
C6 MAN F . 16.38 7.07 16.54
O2 MAN F . 13.96 3.07 16.57
O3 MAN F . 15.02 2.99 14.05
O4 MAN F . 16.20 5.64 13.97
O5 MAN F . 15.91 4.99 17.55
O6 MAN F . 17.26 7.45 17.61
C1 MAN F . 16.70 8.53 18.38
C2 MAN F . 17.86 9.45 18.72
C3 MAN F . 18.87 8.71 19.58
C4 MAN F . 18.17 8.17 20.83
C5 MAN F . 16.96 7.34 20.45
C6 MAN F . 16.13 6.95 21.65
O2 MAN F . 17.35 10.56 19.44
O3 MAN F . 19.93 9.57 19.95
O4 MAN F . 19.08 7.36 21.57
O5 MAN F . 16.08 8.09 19.58
O6 MAN F . 14.85 6.47 21.27
C1 MAN F . 17.37 11.72 18.61
C2 MAN F . 17.40 12.94 19.52
C3 MAN F . 16.12 13.03 20.32
C4 MAN F . 14.91 13.01 19.40
C5 MAN F . 14.96 11.78 18.49
C6 MAN F . 13.86 11.76 17.47
O2 MAN F . 17.59 14.12 18.75
O3 MAN F . 16.11 14.21 21.12
O4 MAN F . 13.70 12.98 20.16
O5 MAN F . 16.20 11.78 17.77
O6 MAN F . 13.93 10.59 16.65
C1 MAN F . 15.90 2.41 13.06
C2 MAN F . 15.06 2.05 11.83
C3 MAN F . 14.10 0.91 12.15
C4 MAN F . 14.87 -0.28 12.70
C5 MAN F . 15.69 0.15 13.91
C6 MAN F . 16.57 -0.95 14.43
O2 MAN F . 15.92 1.68 10.75
O3 MAN F . 13.39 0.54 10.98
O4 MAN F . 13.97 -1.31 13.09
O5 MAN F . 16.57 1.23 13.54
O6 MAN F . 17.31 -0.53 15.58
C1 NAG G . 36.68 -24.17 17.89
C2 NAG G . 36.23 -25.55 18.38
C3 NAG G . 36.90 -26.64 17.54
C4 NAG G . 36.61 -26.40 16.06
C5 NAG G . 37.08 -25.01 15.68
C6 NAG G . 36.76 -24.65 14.25
C7 NAG G . 35.59 -25.76 20.72
C8 NAG G . 36.07 -25.96 22.14
N2 NAG G . 36.53 -25.73 19.78
O3 NAG G . 36.39 -27.91 17.94
O4 NAG G . 37.26 -27.39 15.27
O5 NAG G . 36.41 -24.04 16.49
O6 NAG G . 35.36 -24.71 14.00
O7 NAG G . 34.40 -25.63 20.46
C1 NAG G . 36.25 -28.11 14.54
C2 NAG G . 36.88 -28.69 13.29
C3 NAG G . 35.84 -29.47 12.49
C4 NAG G . 35.19 -30.53 13.38
C5 NAG G . 34.63 -29.87 14.64
C6 NAG G . 34.06 -30.87 15.62
C7 NAG G . 38.76 -27.29 12.59
C8 NAG G . 39.23 -26.18 11.68
N2 NAG G . 37.48 -27.65 12.47
O3 NAG G . 36.47 -30.10 11.37
O4 NAG G . 34.15 -31.18 12.68
O5 NAG G . 35.66 -29.15 15.32
O6 NAG G . 35.07 -31.74 16.11
O7 NAG G . 39.52 -27.83 13.39
C1 NAG H . 21.08 -17.52 -13.69
C2 NAG H . 21.69 -18.92 -13.63
C3 NAG H . 23.20 -18.84 -13.39
C4 NAG H . 23.86 -17.89 -14.40
C5 NAG H . 23.14 -16.55 -14.41
C6 NAG H . 23.66 -15.61 -15.46
C7 NAG H . 20.44 -20.86 -12.76
C8 NAG H . 19.88 -21.53 -11.54
N2 NAG H . 21.06 -19.69 -12.55
O3 NAG H . 23.76 -20.14 -13.51
O4 NAG H . 25.20 -17.65 -14.00
O5 NAG H . 21.75 -16.76 -14.69
O6 NAG H . 23.57 -16.18 -16.76
O7 NAG H . 20.33 -21.35 -13.88
C1 NAG H . 26.14 -18.35 -14.81
C2 NAG H . 27.50 -17.67 -14.63
C3 NAG H . 28.58 -18.43 -15.39
C4 NAG H . 28.57 -19.89 -14.99
C5 NAG H . 27.18 -20.48 -15.19
C6 NAG H . 27.06 -21.90 -14.72
C7 NAG H . 27.14 -15.26 -14.25
C8 NAG H . 27.13 -13.91 -14.88
N2 NAG H . 27.44 -16.28 -15.08
O3 NAG H . 29.84 -17.84 -15.11
O4 NAG H . 29.49 -20.61 -15.81
O5 NAG H . 26.23 -19.71 -14.42
O6 NAG H . 27.34 -22.00 -13.33
O7 NAG H . 26.91 -15.44 -13.06
C1 BMA H . 30.60 -21.04 -15.01
C2 BMA H . 31.41 -22.04 -15.84
C3 BMA H . 32.62 -22.52 -15.06
C4 BMA H . 33.45 -21.33 -14.61
C5 BMA H . 32.57 -20.34 -13.84
C6 BMA H . 33.29 -19.06 -13.48
O2 BMA H . 31.83 -21.42 -17.05
O3 BMA H . 33.40 -23.40 -15.85
O4 BMA H . 34.52 -21.76 -13.77
O5 BMA H . 31.45 -19.96 -14.64
O6 BMA H . 33.82 -18.44 -14.64
C1 MAN H . 34.74 -17.40 -14.28
C2 MAN H . 35.06 -16.61 -15.54
C3 MAN H . 35.82 -17.47 -16.54
C4 MAN H . 37.05 -18.09 -15.88
C5 MAN H . 36.64 -18.82 -14.61
C6 MAN H . 37.83 -19.36 -13.84
O2 MAN H . 35.81 -15.45 -15.21
O3 MAN H . 36.22 -16.69 -17.66
O4 MAN H . 37.66 -19.01 -16.78
O5 MAN H . 35.96 -17.92 -13.73
O6 MAN H . 38.56 -20.31 -14.62
C1 MAN H . 35.25 -16.83 -18.72
C2 MAN H . 35.29 -18.24 -19.27
C3 MAN H . 36.65 -18.53 -19.89
C4 MAN H . 36.98 -17.48 -20.94
C5 MAN H . 36.86 -16.09 -20.33
C6 MAN H . 37.04 -14.98 -21.35
O2 MAN H . 34.26 -18.42 -20.24
O3 MAN H . 36.64 -19.84 -20.48
O4 MAN H . 38.31 -17.67 -21.41
O5 MAN H . 35.55 -15.90 -19.78
O6 MAN H . 36.93 -13.70 -20.75
C1 MAN H . 32.89 -24.74 -15.71
C2 MAN H . 34.06 -25.71 -15.72
C3 MAN H . 34.76 -25.69 -17.08
C4 MAN H . 33.75 -25.93 -18.20
C5 MAN H . 32.59 -24.95 -18.08
C6 MAN H . 31.48 -25.21 -19.08
O2 MAN H . 33.60 -27.03 -15.44
O3 MAN H . 35.77 -26.68 -17.12
O4 MAN H . 34.37 -25.77 -19.47
O5 MAN H . 31.99 -25.05 -16.77
O6 MAN H . 31.96 -25.10 -20.41
C1 NAG I . 6.17 -24.24 29.18
C2 NAG I . 4.97 -25.17 29.29
C3 NAG I . 4.76 -25.59 30.75
C4 NAG I . 6.04 -26.18 31.32
C5 NAG I . 7.21 -25.21 31.12
C6 NAG I . 8.54 -25.79 31.53
C7 NAG I . 3.00 -25.08 27.83
C8 NAG I . 3.45 -26.41 27.30
N2 NAG I . 3.77 -24.53 28.78
O3 NAG I . 3.70 -26.54 30.83
O4 NAG I . 5.88 -26.42 32.71
O5 NAG I . 7.33 -24.88 29.72
O6 NAG I . 9.61 -24.89 31.24
O7 NAG I . 1.98 -24.53 27.42
C1 NAG I . 6.12 -27.81 33.00
C2 NAG I . 6.61 -27.93 34.45
C3 NAG I . 6.87 -29.38 34.80
C4 NAG I . 5.62 -30.21 34.53
C5 NAG I . 5.15 -29.99 33.08
C6 NAG I . 3.85 -30.69 32.78
C7 NAG I . 7.82 -25.94 35.27
C8 NAG I . 6.50 -25.46 35.79
N2 NAG I . 7.82 -27.12 34.64
O3 NAG I . 7.23 -29.48 36.18
O4 NAG I . 5.87 -31.58 34.75
O5 NAG I . 4.94 -28.60 32.84
O6 NAG I . 3.95 -32.10 32.96
O7 NAG I . 8.85 -25.28 35.41
C1 NAG J . 17.59 14.81 15.38
C2 NAG J . 18.53 13.65 15.10
C3 NAG J . 19.81 13.82 15.91
C4 NAG J . 20.43 15.17 15.62
C5 NAG J . 19.41 16.29 15.81
C6 NAG J . 19.93 17.64 15.37
C7 NAG J . 17.33 11.60 14.46
C8 NAG J . 16.73 10.32 14.92
N2 NAG J . 17.89 12.37 15.40
O3 NAG J . 20.72 12.77 15.57
O4 NAG J . 21.52 15.41 16.50
O5 NAG J . 18.22 16.03 15.04
O6 NAG J . 18.93 18.64 15.48
O7 NAG J . 17.31 11.94 13.27
C1 NAG J . 22.78 15.18 15.87
C2 NAG J . 23.87 15.81 16.73
C3 NAG J . 25.26 15.52 16.15
C4 NAG J . 25.44 14.03 15.97
C5 NAG J . 24.30 13.48 15.10
C6 NAG J . 24.35 11.98 14.92
C7 NAG J . 23.24 17.82 17.99
C8 NAG J . 23.09 19.33 17.94
N2 NAG J . 23.67 17.25 16.86
O3 NAG J . 26.25 16.04 17.02
O4 NAG J . 26.70 13.76 15.38
O5 NAG J . 23.04 13.79 15.72
O6 NAG J . 23.33 11.53 14.04
O7 NAG J . 22.98 17.18 19.00
C1 BMA J . 27.44 12.83 16.22
C2 BMA J . 28.35 12.00 15.33
C3 BMA J . 29.12 10.99 16.18
C4 BMA J . 29.86 11.69 17.31
C5 BMA J . 28.89 12.58 18.10
C6 BMA J . 29.58 13.41 19.16
O2 BMA J . 29.27 12.87 14.67
O3 BMA J . 30.04 10.26 15.37
O4 BMA J . 30.44 10.73 18.18
O5 BMA J . 28.22 13.48 17.22
O6 BMA J . 30.63 14.18 18.60
C1 MAN J . 29.30 9.51 14.38
C2 MAN J . 29.26 8.04 14.80
C3 MAN J . 30.66 7.45 14.79
C4 MAN J . 31.31 7.67 13.43
C5 MAN J . 31.27 9.15 13.05
C6 MAN J . 31.79 9.41 11.67
O2 MAN J . 28.41 7.31 13.93
O3 MAN J . 30.61 6.07 15.09
O4 MAN J . 32.66 7.23 13.45
O5 MAN J . 29.92 9.62 13.09
O6 MAN J . 31.67 10.79 11.32
C1 MAN J . 31.15 15.03 19.63
C2 MAN J . 31.75 16.27 18.97
C3 MAN J . 32.96 15.89 18.12
C4 MAN J . 33.96 15.11 18.95
C5 MAN J . 33.28 13.92 19.62
C6 MAN J . 34.19 13.16 20.55
O2 MAN J . 32.13 17.22 19.97
O3 MAN J . 33.57 17.07 17.59
O4 MAN J . 35.02 14.65 18.13
O5 MAN J . 32.15 14.37 20.40
O6 MAN J . 34.67 13.98 21.60
C1 NAG K . 28.12 38.16 0.83
C2 NAG K . 28.33 38.85 -0.51
C3 NAG K . 27.70 40.24 -0.49
C4 NAG K . 26.23 40.14 -0.08
C5 NAG K . 26.12 39.41 1.25
C6 NAG K . 24.69 39.16 1.68
C7 NAG K . 30.34 38.22 -1.79
C8 NAG K . 31.81 38.44 -1.97
N2 NAG K . 29.75 38.94 -0.81
O3 NAG K . 27.81 40.84 -1.78
O4 NAG K . 25.69 41.46 0.05
O5 NAG K . 26.72 38.11 1.13
O6 NAG K . 24.00 38.37 0.73
O7 NAG K . 29.71 37.44 -2.49
C1 NAG K . 24.50 41.59 -0.77
C2 NAG K . 23.83 42.92 -0.42
C3 NAG K . 22.57 43.10 -1.28
C4 NAG K . 22.93 42.98 -2.75
C5 NAG K . 23.65 41.66 -3.00
C6 NAG K . 24.14 41.52 -4.43
C7 NAG K . 24.37 43.42 1.91
C8 NAG K . 23.87 43.44 3.33
N2 NAG K . 23.50 42.99 1.00
O3 NAG K . 22.00 44.39 -1.02
O4 NAG K . 21.76 43.03 -3.55
O5 NAG K . 24.81 41.56 -2.16
O6 NAG K . 25.08 42.53 -4.74
O7 NAG K . 25.51 43.77 1.62
C1 NAG L . -6.25 29.22 4.34
C2 NAG L . -6.06 30.59 3.69
C3 NAG L . -5.30 31.52 4.63
C4 NAG L . -5.94 31.55 6.01
C5 NAG L . -6.12 30.12 6.53
C6 NAG L . -6.85 30.06 7.86
C7 NAG L . -5.67 31.19 1.34
C8 NAG L . -4.84 30.94 0.13
N2 NAG L . -5.36 30.47 2.43
O3 NAG L . -5.27 32.83 4.08
O4 NAG L . -5.09 32.23 6.91
O5 NAG L . -6.88 29.36 5.60
O6 NAG L . -8.16 30.60 7.75
O7 NAG L . -6.58 32.02 1.35
C1 NAG L . -5.61 33.51 7.28
C2 NAG L . -4.96 33.90 8.61
C3 NAG L . -5.38 35.31 9.02
C4 NAG L . -5.11 36.29 7.89
C5 NAG L . -5.80 35.80 6.62
C6 NAG L . -5.56 36.68 5.42
C7 NAG L . -4.47 32.02 10.10
C8 NAG L . -5.01 31.12 11.18
N2 NAG L . -5.32 32.95 9.64
O3 NAG L . -4.66 35.70 10.18
O4 NAG L . -5.61 37.57 8.24
O5 NAG L . -5.31 34.50 6.29
O6 NAG L . -4.17 36.76 5.10
O7 NAG L . -3.33 31.91 9.68
C1 BMA L . -4.52 38.49 8.46
C2 BMA L . -5.13 39.88 8.53
C3 BMA L . -4.04 40.92 8.79
C4 BMA L . -3.23 40.55 10.03
C5 BMA L . -2.73 39.10 9.92
C6 BMA L . -2.07 38.63 11.19
O2 BMA L . -6.10 39.93 9.58
O3 BMA L . -4.63 42.20 8.98
O4 BMA L . -2.13 41.42 10.17
O5 BMA L . -3.83 38.21 9.68
O6 BMA L . -2.87 38.97 12.32
C1 MAN L . -2.22 38.55 13.54
C2 MAN L . -3.27 38.59 14.65
C3 MAN L . -3.70 40.04 14.91
C4 MAN L . -2.47 40.89 15.23
C5 MAN L . -1.46 40.78 14.08
C6 MAN L . -0.18 41.53 14.36
O2 MAN L . -2.74 38.01 15.83
O3 MAN L . -4.63 40.09 15.98
O4 MAN L . -2.85 42.25 15.39
O5 MAN L . -1.11 39.40 13.89
O6 MAN L . 0.67 41.52 13.24
C1 MAN L . -5.72 40.95 15.59
C2 MAN L . -6.23 41.67 16.83
C3 MAN L . -6.83 40.66 17.81
C4 MAN L . -7.88 39.81 17.12
C5 MAN L . -7.31 39.18 15.86
C6 MAN L . -8.33 38.41 15.06
O2 MAN L . -7.21 42.63 16.46
O3 MAN L . -7.39 41.33 18.93
O4 MAN L . -8.34 38.79 18.00
O5 MAN L . -6.78 40.19 15.00
O6 MAN L . -8.91 37.37 15.82
C1 MAN L . -4.70 42.90 7.72
C2 MAN L . -4.06 44.26 7.91
C3 MAN L . -4.85 45.06 8.93
C4 MAN L . -6.31 45.15 8.53
C5 MAN L . -6.88 43.75 8.27
C6 MAN L . -8.28 43.78 7.70
O2 MAN L . -4.01 44.95 6.68
O3 MAN L . -4.29 46.37 9.06
O4 MAN L . -7.07 45.76 9.56
O5 MAN L . -6.05 43.07 7.30
O6 MAN L . -8.78 42.46 7.51
C1 PIO M . -40.64 2.60 -42.68
O1 PIO M . -39.81 2.71 -41.51
P1 PIO M . -38.19 2.69 -41.68
C2 PIO M . -41.25 3.96 -42.98
O2 PIO M . -42.01 4.41 -41.86
C3 PIO M . -42.14 3.87 -44.21
O3 PIO M . -42.73 5.15 -44.47
C4 PIO M . -43.22 2.83 -44.00
O4 PIO M . -43.97 2.69 -45.21
P4 PIO M . -45.45 3.36 -45.41
C5 PIO M . -42.61 1.47 -43.66
O5 PIO M . -43.68 0.54 -43.39
P5 PIO M . -43.59 -1.04 -43.77
C6 PIO M . -41.73 1.56 -42.42
O6 PIO M . -41.14 0.30 -42.15
O11 PIO M . -37.52 2.31 -40.42
O12 PIO M . -37.80 2.03 -42.94
O13 PIO M . -37.98 4.25 -41.91
C1A PIO M . -36.10 7.24 -42.61
O1A PIO M . -36.75 7.73 -43.49
C1B PIO M . -37.39 9.12 -38.93
O1B PIO M . -38.39 9.75 -38.80
C1C PIO M . -38.48 5.22 -40.96
C2A PIO M . -34.60 7.19 -42.55
C2B PIO M . -36.09 9.40 -38.25
C2C PIO M . -38.10 6.60 -41.43
O2C PIO M . -36.64 6.64 -41.54
C3A PIO M . -33.95 8.56 -42.60
C3B PIO M . -36.26 9.98 -36.84
C3C PIO M . -38.49 7.66 -40.44
O3C PIO M . -37.30 8.04 -39.71
O41 PIO M . -46.29 2.30 -46.07
O42 PIO M . -45.21 4.58 -46.29
O43 PIO M . -45.93 3.72 -44.03
C4A PIO M . -32.66 8.63 -41.77
C4B PIO M . -34.95 10.20 -36.12
O51 PIO M . -44.96 -1.61 -43.47
O52 PIO M . -42.51 -1.61 -42.89
O53 PIO M . -43.24 -1.10 -45.24
C5A PIO M . -32.91 8.49 -40.28
C5B PIO M . -35.10 10.67 -34.68
C6A PIO M . -31.65 8.43 -39.44
C6B PIO M . -33.80 10.67 -33.90
C7A PIO M . -31.92 8.34 -37.94
C7B PIO M . -33.96 11.04 -32.43
C8A PIO M . -30.68 8.12 -37.10
C8B PIO M . -32.67 10.94 -31.65
N ABU N . 32.95 -3.19 -7.07
CD ABU N . 33.05 -1.78 -6.62
CB ABU N . 33.06 -0.84 -7.78
CG ABU N . 33.13 0.61 -7.33
C ABU N . 33.22 1.61 -8.46
O ABU N . 33.74 1.25 -9.54
OXT ABU N . 32.76 2.76 -8.25
C1 D10 O . -19.16 -29.64 -27.92
C2 D10 O . -19.68 -28.94 -26.69
C3 D10 O . -21.12 -28.48 -26.84
C4 D10 O . -21.71 -27.89 -25.56
C5 D10 O . -23.19 -27.56 -25.69
C6 D10 O . -24.02 -28.66 -26.31
C7 D10 O . -25.52 -28.45 -26.19
C8 D10 O . -26.33 -29.39 -27.07
C9 D10 O . -25.86 -30.83 -27.01
C10 D10 O . -26.62 -31.74 -27.94
CL CL P . -6.40 -11.62 11.98
C1 D10 Q . -36.35 -24.39 -7.46
C2 D10 Q . -37.69 -23.81 -7.11
C3 D10 Q . -38.79 -24.27 -8.04
C4 D10 Q . -40.19 -23.88 -7.61
C5 D10 Q . -41.28 -24.59 -8.38
C6 D10 Q . -42.64 -24.56 -7.69
C7 D10 Q . -43.58 -25.66 -8.15
C8 D10 Q . -44.76 -25.87 -7.23
C9 D10 Q . -45.59 -27.10 -7.57
C10 D10 Q . -46.72 -27.34 -6.60
CL CL R . -11.74 9.24 10.82
C1 PIO S . -54.65 -20.36 -10.21
O1 PIO S . -53.26 -20.20 -9.87
P1 PIO S . -52.76 -18.99 -8.92
C2 PIO S . -55.17 -21.62 -9.53
O2 PIO S . -54.41 -22.75 -9.95
C3 PIO S . -56.64 -21.83 -9.87
O3 PIO S . -57.11 -23.03 -9.27
C4 PIO S . -56.81 -21.91 -11.38
O4 PIO S . -58.22 -21.99 -11.67
P4 PIO S . -59.00 -23.41 -11.83
C5 PIO S . -56.25 -20.67 -12.06
O5 PIO S . -56.37 -20.85 -13.49
P5 PIO S . -56.78 -19.66 -14.51
C6 PIO S . -54.79 -20.45 -11.72
O6 PIO S . -54.33 -19.23 -12.31
O11 PIO S . -51.36 -18.62 -9.20
O12 PIO S . -53.77 -17.92 -8.82
O13 PIO S . -52.80 -19.79 -7.55
C1A PIO S . -52.74 -20.26 -4.09
O1A PIO S . -53.88 -20.64 -4.01
C1B PIO S . -49.71 -23.37 -4.54
O1B PIO S . -50.28 -24.23 -3.94
C1C PIO S . -52.08 -21.03 -7.39
C2A PIO S . -52.11 -19.28 -3.14
C2B PIO S . -48.27 -22.99 -4.31
C2C PIO S . -52.37 -21.59 -6.03
O2C PIO S . -51.88 -20.64 -5.04
C3A PIO S . -51.49 -19.96 -1.92
C3B PIO S . -48.08 -21.74 -3.47
C3C PIO S . -51.65 -22.90 -5.81
O3C PIO S . -50.27 -22.62 -5.49
O41 PIO S . -57.98 -24.41 -12.30
O42 PIO S . -60.10 -23.16 -12.84
O43 PIO S . -59.53 -23.73 -10.44
C4A PIO S . -50.78 -19.00 -0.99
C4B PIO S . -46.61 -21.38 -3.28
O51 PIO S . -57.11 -20.33 -15.82
O52 PIO S . -55.55 -18.77 -14.60
O53 PIO S . -57.96 -18.96 -13.89
C5A PIO S . -49.60 -18.28 -1.62
C5B PIO S . -46.37 -20.00 -2.70
C6A PIO S . -48.83 -17.40 -0.65
C6B PIO S . -44.90 -19.61 -2.68
C7A PIO S . -47.69 -16.63 -1.29
C7B PIO S . -44.61 -18.17 -2.25
C8A PIO S . -46.94 -15.75 -0.32
C8B PIO S . -43.15 -17.83 -2.31
N ABU T . 5.65 26.21 20.37
CD ABU T . 5.69 24.86 21.00
CB ABU T . 4.88 24.82 22.27
CG ABU T . 4.94 23.45 22.91
C ABU T . 4.10 23.31 24.17
O ABU T . 3.47 24.32 24.55
OXT ABU T . 4.10 22.20 24.76
C1 D10 U . -34.43 9.86 -25.85
C2 D10 U . -34.87 8.52 -26.37
C3 D10 U . -35.27 8.54 -27.83
C4 D10 U . -35.78 7.21 -28.34
C5 D10 U . -36.12 7.20 -29.83
C6 D10 U . -37.24 8.15 -30.20
C7 D10 U . -37.63 8.09 -31.67
C8 D10 U . -38.74 9.06 -32.05
C9 D10 U . -39.11 9.04 -33.53
C10 D10 U . -40.18 10.05 -33.88
#